data_3AJW
# 
_entry.id   3AJW 
# 
_audit_conform.dict_name       mmcif_pdbx.dic 
_audit_conform.dict_version    5.388 
_audit_conform.dict_location   http://mmcif.pdb.org/dictionaries/ascii/mmcif_pdbx.dic 
# 
loop_
_database_2.database_id 
_database_2.database_code 
_database_2.pdbx_database_accession 
_database_2.pdbx_DOI 
PDB   3AJW         pdb_00003ajw 10.2210/pdb3ajw/pdb 
RCSB  RCSB029342   ?            ?                   
WWPDB D_1000029342 ?            ?                   
# 
loop_
_pdbx_audit_revision_history.ordinal 
_pdbx_audit_revision_history.data_content_type 
_pdbx_audit_revision_history.major_revision 
_pdbx_audit_revision_history.minor_revision 
_pdbx_audit_revision_history.revision_date 
1 'Structure model' 1 0 2011-02-02 
2 'Structure model' 1 1 2011-07-13 
3 'Structure model' 1 2 2024-03-13 
# 
_pdbx_audit_revision_details.ordinal             1 
_pdbx_audit_revision_details.revision_ordinal    1 
_pdbx_audit_revision_details.data_content_type   'Structure model' 
_pdbx_audit_revision_details.provider            repository 
_pdbx_audit_revision_details.type                'Initial release' 
_pdbx_audit_revision_details.description         ? 
_pdbx_audit_revision_details.details             ? 
# 
loop_
_pdbx_audit_revision_group.ordinal 
_pdbx_audit_revision_group.revision_ordinal 
_pdbx_audit_revision_group.data_content_type 
_pdbx_audit_revision_group.group 
1 2 'Structure model' 'Version format compliance' 
2 3 'Structure model' 'Data collection'           
3 3 'Structure model' 'Database references'       
4 3 'Structure model' 'Derived calculations'      
# 
loop_
_pdbx_audit_revision_category.ordinal 
_pdbx_audit_revision_category.revision_ordinal 
_pdbx_audit_revision_category.data_content_type 
_pdbx_audit_revision_category.category 
1 3 'Structure model' chem_comp_atom     
2 3 'Structure model' chem_comp_bond     
3 3 'Structure model' database_2         
4 3 'Structure model' struct_ref_seq_dif 
5 3 'Structure model' struct_site        
# 
loop_
_pdbx_audit_revision_item.ordinal 
_pdbx_audit_revision_item.revision_ordinal 
_pdbx_audit_revision_item.data_content_type 
_pdbx_audit_revision_item.item 
1 3 'Structure model' '_database_2.pdbx_DOI'                
2 3 'Structure model' '_database_2.pdbx_database_accession' 
3 3 'Structure model' '_struct_ref_seq_dif.details'         
4 3 'Structure model' '_struct_site.pdbx_auth_asym_id'      
5 3 'Structure model' '_struct_site.pdbx_auth_comp_id'      
6 3 'Structure model' '_struct_site.pdbx_auth_seq_id'       
# 
_pdbx_database_status.status_code                     REL 
_pdbx_database_status.entry_id                        3AJW 
_pdbx_database_status.recvd_initial_deposition_date   2010-06-23 
_pdbx_database_status.deposit_site                    PDBJ 
_pdbx_database_status.process_site                    PDBJ 
_pdbx_database_status.status_code_sf                  REL 
_pdbx_database_status.status_code_mr                  ? 
_pdbx_database_status.SG_entry                        ? 
_pdbx_database_status.status_code_cs                  ? 
_pdbx_database_status.pdb_format_compatible           Y 
_pdbx_database_status.status_code_nmr_data            ? 
_pdbx_database_status.methods_development_category    ? 
# 
loop_
_audit_author.name 
_audit_author.pdbx_ordinal 
'Imada, K.'    1 
'Ibuki, T.'    2 
'Minamino, T.' 3 
'Namba, K.'    4 
# 
loop_
_citation.id 
_citation.title 
_citation.journal_abbrev 
_citation.journal_volume 
_citation.page_first 
_citation.page_last 
_citation.year 
_citation.journal_id_ASTM 
_citation.country 
_citation.journal_id_ISSN 
_citation.journal_id_CSD 
_citation.book_publisher 
_citation.pdbx_database_id_PubMed 
_citation.pdbx_database_id_DOI 
primary 'Common architecture of the flagellar type III protein export apparatus and F- and V-type ATPases' Nat.Struct.Mol.Biol. 18 
277 282 2011 ? US 1545-9993 ? ? 21278755 10.1038/nsmb.1977         
1       
;Crystallization and preliminary X-ray analysis of FliJ, a cytoplasmic component of the flagellar type III protein-export apparatus from Salmonella sp
;
'Acta Crystallogr.,Sect.F' 65 47  50  2009 ? DK 1744-3091 ? ? 19153455 10.1107/S1744309108039882 
# 
loop_
_citation_author.citation_id 
_citation_author.name 
_citation_author.ordinal 
_citation_author.identifier_ORCID 
primary 'Ibuki, T.'    1  ? 
primary 'Imada, K.'    2  ? 
primary 'Minamino, T.' 3  ? 
primary 'Kato, T.'     4  ? 
primary 'Miyata, T.'   5  ? 
primary 'Namba, K.'    6  ? 
1       'Ibuki, T.'    7  ? 
1       'Shimada, M.'  8  ? 
1       'Minamino, T.' 9  ? 
1       'Namba, K.'    10 ? 
1       'Imada, K.'    11 ? 
# 
loop_
_entity.id 
_entity.type 
_entity.src_method 
_entity.pdbx_description 
_entity.formula_weight 
_entity.pdbx_number_of_molecules 
_entity.pdbx_ec 
_entity.pdbx_mutation 
_entity.pdbx_fragment 
_entity.details 
1 polymer     man 'Flagellar fliJ protein' 17628.938 1   ? ? ? ? 
2 non-polymer syn 'MERCURY (II) ION'       200.590   1   ? ? ? ? 
3 water       nat water                    18.015    158 ? ? ? ? 
# 
_entity_poly.entity_id                      1 
_entity_poly.type                           'polypeptide(L)' 
_entity_poly.nstd_linkage                   no 
_entity_poly.nstd_monomer                   no 
_entity_poly.pdbx_seq_one_letter_code       
;GSHMAQHGALETLKDLAEKEVDDAARLLGEMRRGCQQAEEQLKMLIDYQNEYRSNLNTDMGNGIASNRWINYQQFIQTLE
KAIEQHRLQLTQWTQKVDLALKSWREKKQRLQAWQTLQDRQTAAALLAENRMDQKKMDEFAQRAAMRKPE
;
_entity_poly.pdbx_seq_one_letter_code_can   
;GSHMAQHGALETLKDLAEKEVDDAARLLGEMRRGCQQAEEQLKMLIDYQNEYRSNLNTDMGNGIASNRWINYQQFIQTLE
KAIEQHRLQLTQWTQKVDLALKSWREKKQRLQAWQTLQDRQTAAALLAENRMDQKKMDEFAQRAAMRKPE
;
_entity_poly.pdbx_strand_id                 A 
_entity_poly.pdbx_target_identifier         ? 
# 
loop_
_pdbx_entity_nonpoly.entity_id 
_pdbx_entity_nonpoly.name 
_pdbx_entity_nonpoly.comp_id 
2 'MERCURY (II) ION' HG  
3 water              HOH 
# 
loop_
_entity_poly_seq.entity_id 
_entity_poly_seq.num 
_entity_poly_seq.mon_id 
_entity_poly_seq.hetero 
1 1   GLY n 
1 2   SER n 
1 3   HIS n 
1 4   MET n 
1 5   ALA n 
1 6   GLN n 
1 7   HIS n 
1 8   GLY n 
1 9   ALA n 
1 10  LEU n 
1 11  GLU n 
1 12  THR n 
1 13  LEU n 
1 14  LYS n 
1 15  ASP n 
1 16  LEU n 
1 17  ALA n 
1 18  GLU n 
1 19  LYS n 
1 20  GLU n 
1 21  VAL n 
1 22  ASP n 
1 23  ASP n 
1 24  ALA n 
1 25  ALA n 
1 26  ARG n 
1 27  LEU n 
1 28  LEU n 
1 29  GLY n 
1 30  GLU n 
1 31  MET n 
1 32  ARG n 
1 33  ARG n 
1 34  GLY n 
1 35  CYS n 
1 36  GLN n 
1 37  GLN n 
1 38  ALA n 
1 39  GLU n 
1 40  GLU n 
1 41  GLN n 
1 42  LEU n 
1 43  LYS n 
1 44  MET n 
1 45  LEU n 
1 46  ILE n 
1 47  ASP n 
1 48  TYR n 
1 49  GLN n 
1 50  ASN n 
1 51  GLU n 
1 52  TYR n 
1 53  ARG n 
1 54  SER n 
1 55  ASN n 
1 56  LEU n 
1 57  ASN n 
1 58  THR n 
1 59  ASP n 
1 60  MET n 
1 61  GLY n 
1 62  ASN n 
1 63  GLY n 
1 64  ILE n 
1 65  ALA n 
1 66  SER n 
1 67  ASN n 
1 68  ARG n 
1 69  TRP n 
1 70  ILE n 
1 71  ASN n 
1 72  TYR n 
1 73  GLN n 
1 74  GLN n 
1 75  PHE n 
1 76  ILE n 
1 77  GLN n 
1 78  THR n 
1 79  LEU n 
1 80  GLU n 
1 81  LYS n 
1 82  ALA n 
1 83  ILE n 
1 84  GLU n 
1 85  GLN n 
1 86  HIS n 
1 87  ARG n 
1 88  LEU n 
1 89  GLN n 
1 90  LEU n 
1 91  THR n 
1 92  GLN n 
1 93  TRP n 
1 94  THR n 
1 95  GLN n 
1 96  LYS n 
1 97  VAL n 
1 98  ASP n 
1 99  LEU n 
1 100 ALA n 
1 101 LEU n 
1 102 LYS n 
1 103 SER n 
1 104 TRP n 
1 105 ARG n 
1 106 GLU n 
1 107 LYS n 
1 108 LYS n 
1 109 GLN n 
1 110 ARG n 
1 111 LEU n 
1 112 GLN n 
1 113 ALA n 
1 114 TRP n 
1 115 GLN n 
1 116 THR n 
1 117 LEU n 
1 118 GLN n 
1 119 ASP n 
1 120 ARG n 
1 121 GLN n 
1 122 THR n 
1 123 ALA n 
1 124 ALA n 
1 125 ALA n 
1 126 LEU n 
1 127 LEU n 
1 128 ALA n 
1 129 GLU n 
1 130 ASN n 
1 131 ARG n 
1 132 MET n 
1 133 ASP n 
1 134 GLN n 
1 135 LYS n 
1 136 LYS n 
1 137 MET n 
1 138 ASP n 
1 139 GLU n 
1 140 PHE n 
1 141 ALA n 
1 142 GLN n 
1 143 ARG n 
1 144 ALA n 
1 145 ALA n 
1 146 MET n 
1 147 ARG n 
1 148 LYS n 
1 149 PRO n 
1 150 GLU n 
# 
_entity_src_gen.entity_id                          1 
_entity_src_gen.pdbx_src_id                        1 
_entity_src_gen.pdbx_alt_source_flag               sample 
_entity_src_gen.pdbx_seq_type                      ? 
_entity_src_gen.pdbx_beg_seq_num                   ? 
_entity_src_gen.pdbx_end_seq_num                   ? 
_entity_src_gen.gene_src_common_name               ? 
_entity_src_gen.gene_src_genus                     ? 
_entity_src_gen.pdbx_gene_src_gene                 ? 
_entity_src_gen.gene_src_species                   ? 
_entity_src_gen.gene_src_strain                    SJW1103 
_entity_src_gen.gene_src_tissue                    ? 
_entity_src_gen.gene_src_tissue_fraction           ? 
_entity_src_gen.gene_src_details                   ? 
_entity_src_gen.pdbx_gene_src_fragment             ? 
_entity_src_gen.pdbx_gene_src_scientific_name      'Salmonella typhimurium' 
_entity_src_gen.pdbx_gene_src_ncbi_taxonomy_id     90371 
_entity_src_gen.pdbx_gene_src_variant              ? 
_entity_src_gen.pdbx_gene_src_cell_line            ? 
_entity_src_gen.pdbx_gene_src_atcc                 ? 
_entity_src_gen.pdbx_gene_src_organ                ? 
_entity_src_gen.pdbx_gene_src_organelle            ? 
_entity_src_gen.pdbx_gene_src_cell                 ? 
_entity_src_gen.pdbx_gene_src_cellular_location    ? 
_entity_src_gen.host_org_common_name               ? 
_entity_src_gen.pdbx_host_org_scientific_name      'Escherichia coli' 
_entity_src_gen.pdbx_host_org_ncbi_taxonomy_id     562 
_entity_src_gen.host_org_genus                     ? 
_entity_src_gen.pdbx_host_org_gene                 ? 
_entity_src_gen.pdbx_host_org_organ                ? 
_entity_src_gen.host_org_species                   ? 
_entity_src_gen.pdbx_host_org_tissue               ? 
_entity_src_gen.pdbx_host_org_tissue_fraction      ? 
_entity_src_gen.pdbx_host_org_strain               'BL21(DE3) pLysS' 
_entity_src_gen.pdbx_host_org_variant              ? 
_entity_src_gen.pdbx_host_org_cell_line            ? 
_entity_src_gen.pdbx_host_org_atcc                 ? 
_entity_src_gen.pdbx_host_org_culture_collection   ? 
_entity_src_gen.pdbx_host_org_cell                 ? 
_entity_src_gen.pdbx_host_org_organelle            ? 
_entity_src_gen.pdbx_host_org_cellular_location    ? 
_entity_src_gen.pdbx_host_org_vector_type          plasmid 
_entity_src_gen.pdbx_host_org_vector               ? 
_entity_src_gen.host_org_details                   ? 
_entity_src_gen.expression_system_id               ? 
_entity_src_gen.plasmid_name                       PET15b 
_entity_src_gen.plasmid_details                    ? 
_entity_src_gen.pdbx_description                   ? 
# 
loop_
_chem_comp.id 
_chem_comp.type 
_chem_comp.mon_nstd_flag 
_chem_comp.name 
_chem_comp.pdbx_synonyms 
_chem_comp.formula 
_chem_comp.formula_weight 
ALA 'L-peptide linking' y ALANINE            ? 'C3 H7 N O2'     89.093  
ARG 'L-peptide linking' y ARGININE           ? 'C6 H15 N4 O2 1' 175.209 
ASN 'L-peptide linking' y ASPARAGINE         ? 'C4 H8 N2 O3'    132.118 
ASP 'L-peptide linking' y 'ASPARTIC ACID'    ? 'C4 H7 N O4'     133.103 
CYS 'L-peptide linking' y CYSTEINE           ? 'C3 H7 N O2 S'   121.158 
GLN 'L-peptide linking' y GLUTAMINE          ? 'C5 H10 N2 O3'   146.144 
GLU 'L-peptide linking' y 'GLUTAMIC ACID'    ? 'C5 H9 N O4'     147.129 
GLY 'peptide linking'   y GLYCINE            ? 'C2 H5 N O2'     75.067  
HG  non-polymer         . 'MERCURY (II) ION' ? 'Hg 2'           200.590 
HIS 'L-peptide linking' y HISTIDINE          ? 'C6 H10 N3 O2 1' 156.162 
HOH non-polymer         . WATER              ? 'H2 O'           18.015  
ILE 'L-peptide linking' y ISOLEUCINE         ? 'C6 H13 N O2'    131.173 
LEU 'L-peptide linking' y LEUCINE            ? 'C6 H13 N O2'    131.173 
LYS 'L-peptide linking' y LYSINE             ? 'C6 H15 N2 O2 1' 147.195 
MET 'L-peptide linking' y METHIONINE         ? 'C5 H11 N O2 S'  149.211 
PHE 'L-peptide linking' y PHENYLALANINE      ? 'C9 H11 N O2'    165.189 
PRO 'L-peptide linking' y PROLINE            ? 'C5 H9 N O2'     115.130 
SER 'L-peptide linking' y SERINE             ? 'C3 H7 N O3'     105.093 
THR 'L-peptide linking' y THREONINE          ? 'C4 H9 N O3'     119.119 
TRP 'L-peptide linking' y TRYPTOPHAN         ? 'C11 H12 N2 O2'  204.225 
TYR 'L-peptide linking' y TYROSINE           ? 'C9 H11 N O3'    181.189 
VAL 'L-peptide linking' y VALINE             ? 'C5 H11 N O2'    117.146 
# 
loop_
_pdbx_poly_seq_scheme.asym_id 
_pdbx_poly_seq_scheme.entity_id 
_pdbx_poly_seq_scheme.seq_id 
_pdbx_poly_seq_scheme.mon_id 
_pdbx_poly_seq_scheme.ndb_seq_num 
_pdbx_poly_seq_scheme.pdb_seq_num 
_pdbx_poly_seq_scheme.auth_seq_num 
_pdbx_poly_seq_scheme.pdb_mon_id 
_pdbx_poly_seq_scheme.auth_mon_id 
_pdbx_poly_seq_scheme.pdb_strand_id 
_pdbx_poly_seq_scheme.pdb_ins_code 
_pdbx_poly_seq_scheme.hetero 
A 1 1   GLY 1   -2  ?   ?   ?   A . n 
A 1 2   SER 2   -1  ?   ?   ?   A . n 
A 1 3   HIS 3   0   ?   ?   ?   A . n 
A 1 4   MET 4   1   ?   ?   ?   A . n 
A 1 5   ALA 5   2   ?   ?   ?   A . n 
A 1 6   GLN 6   3   3   GLN GLN A . n 
A 1 7   HIS 7   4   4   HIS HIS A . n 
A 1 8   GLY 8   5   5   GLY GLY A . n 
A 1 9   ALA 9   6   6   ALA ALA A . n 
A 1 10  LEU 10  7   7   LEU LEU A . n 
A 1 11  GLU 11  8   8   GLU GLU A . n 
A 1 12  THR 12  9   9   THR THR A . n 
A 1 13  LEU 13  10  10  LEU LEU A . n 
A 1 14  LYS 14  11  11  LYS LYS A . n 
A 1 15  ASP 15  12  12  ASP ASP A . n 
A 1 16  LEU 16  13  13  LEU LEU A . n 
A 1 17  ALA 17  14  14  ALA ALA A . n 
A 1 18  GLU 18  15  15  GLU GLU A . n 
A 1 19  LYS 19  16  16  LYS LYS A . n 
A 1 20  GLU 20  17  17  GLU GLU A . n 
A 1 21  VAL 21  18  18  VAL VAL A . n 
A 1 22  ASP 22  19  19  ASP ASP A . n 
A 1 23  ASP 23  20  20  ASP ASP A . n 
A 1 24  ALA 24  21  21  ALA ALA A . n 
A 1 25  ALA 25  22  22  ALA ALA A . n 
A 1 26  ARG 26  23  23  ARG ARG A . n 
A 1 27  LEU 27  24  24  LEU LEU A . n 
A 1 28  LEU 28  25  25  LEU LEU A . n 
A 1 29  GLY 29  26  26  GLY GLY A . n 
A 1 30  GLU 30  27  27  GLU GLU A . n 
A 1 31  MET 31  28  28  MET MET A . n 
A 1 32  ARG 32  29  29  ARG ARG A . n 
A 1 33  ARG 33  30  30  ARG ARG A . n 
A 1 34  GLY 34  31  31  GLY GLY A . n 
A 1 35  CYS 35  32  32  CYS CYS A . n 
A 1 36  GLN 36  33  33  GLN GLN A . n 
A 1 37  GLN 37  34  34  GLN GLN A . n 
A 1 38  ALA 38  35  35  ALA ALA A . n 
A 1 39  GLU 39  36  36  GLU GLU A . n 
A 1 40  GLU 40  37  37  GLU GLU A . n 
A 1 41  GLN 41  38  38  GLN GLN A . n 
A 1 42  LEU 42  39  39  LEU LEU A . n 
A 1 43  LYS 43  40  40  LYS LYS A . n 
A 1 44  MET 44  41  41  MET MET A . n 
A 1 45  LEU 45  42  42  LEU LEU A . n 
A 1 46  ILE 46  43  43  ILE ILE A . n 
A 1 47  ASP 47  44  44  ASP ASP A . n 
A 1 48  TYR 48  45  45  TYR TYR A . n 
A 1 49  GLN 49  46  46  GLN GLN A . n 
A 1 50  ASN 50  47  47  ASN ASN A . n 
A 1 51  GLU 51  48  48  GLU ALA A . n 
A 1 52  TYR 52  49  49  TYR TYR A . n 
A 1 53  ARG 53  50  50  ARG ARG A . n 
A 1 54  SER 54  51  51  SER SER A . n 
A 1 55  ASN 55  52  52  ASN ASN A . n 
A 1 56  LEU 56  53  53  LEU LEU A . n 
A 1 57  ASN 57  54  54  ASN ASN A . n 
A 1 58  THR 58  55  ?   ?   ?   A . n 
A 1 59  ASP 59  56  ?   ?   ?   A . n 
A 1 60  MET 60  57  57  MET MET A . n 
A 1 61  GLY 61  58  58  GLY GLY A . n 
A 1 62  ASN 62  59  59  ASN ASN A . n 
A 1 63  GLY 63  60  60  GLY GLY A . n 
A 1 64  ILE 64  61  61  ILE ILE A . n 
A 1 65  ALA 65  62  62  ALA ALA A . n 
A 1 66  SER 66  63  63  SER SER A . n 
A 1 67  ASN 67  64  64  ASN ASN A . n 
A 1 68  ARG 68  65  65  ARG ARG A . n 
A 1 69  TRP 69  66  66  TRP TRP A . n 
A 1 70  ILE 70  67  67  ILE ILE A . n 
A 1 71  ASN 71  68  68  ASN ASN A . n 
A 1 72  TYR 72  69  69  TYR TYR A . n 
A 1 73  GLN 73  70  70  GLN GLN A . n 
A 1 74  GLN 74  71  71  GLN GLN A . n 
A 1 75  PHE 75  72  72  PHE PHE A . n 
A 1 76  ILE 76  73  73  ILE ILE A . n 
A 1 77  GLN 77  74  74  GLN GLN A . n 
A 1 78  THR 78  75  75  THR THR A . n 
A 1 79  LEU 79  76  76  LEU LEU A . n 
A 1 80  GLU 80  77  77  GLU GLU A . n 
A 1 81  LYS 81  78  78  LYS LYS A . n 
A 1 82  ALA 82  79  79  ALA ALA A . n 
A 1 83  ILE 83  80  80  ILE ILE A . n 
A 1 84  GLU 84  81  81  GLU GLU A . n 
A 1 85  GLN 85  82  82  GLN GLN A . n 
A 1 86  HIS 86  83  83  HIS HIS A . n 
A 1 87  ARG 87  84  84  ARG ARG A . n 
A 1 88  LEU 88  85  85  LEU LEU A . n 
A 1 89  GLN 89  86  86  GLN GLN A . n 
A 1 90  LEU 90  87  87  LEU LEU A . n 
A 1 91  THR 91  88  88  THR THR A . n 
A 1 92  GLN 92  89  89  GLN GLN A . n 
A 1 93  TRP 93  90  90  TRP TRP A . n 
A 1 94  THR 94  91  91  THR THR A . n 
A 1 95  GLN 95  92  92  GLN GLN A . n 
A 1 96  LYS 96  93  93  LYS LYS A . n 
A 1 97  VAL 97  94  94  VAL VAL A . n 
A 1 98  ASP 98  95  95  ASP ASP A . n 
A 1 99  LEU 99  96  96  LEU LEU A . n 
A 1 100 ALA 100 97  97  ALA ALA A . n 
A 1 101 LEU 101 98  98  LEU LEU A . n 
A 1 102 LYS 102 99  99  LYS LYS A . n 
A 1 103 SER 103 100 100 SER SER A . n 
A 1 104 TRP 104 101 101 TRP TRP A . n 
A 1 105 ARG 105 102 102 ARG ARG A . n 
A 1 106 GLU 106 103 103 GLU GLU A . n 
A 1 107 LYS 107 104 104 LYS LYS A . n 
A 1 108 LYS 108 105 105 LYS LYS A . n 
A 1 109 GLN 109 106 106 GLN GLN A . n 
A 1 110 ARG 110 107 107 ARG ARG A . n 
A 1 111 LEU 111 108 108 LEU LEU A . n 
A 1 112 GLN 112 109 109 GLN GLN A . n 
A 1 113 ALA 113 110 110 ALA ALA A . n 
A 1 114 TRP 114 111 111 TRP TRP A . n 
A 1 115 GLN 115 112 112 GLN GLN A . n 
A 1 116 THR 116 113 113 THR THR A . n 
A 1 117 LEU 117 114 114 LEU LEU A . n 
A 1 118 GLN 118 115 115 GLN GLN A . n 
A 1 119 ASP 119 116 116 ASP ASP A . n 
A 1 120 ARG 120 117 117 ARG ARG A . n 
A 1 121 GLN 121 118 118 GLN GLN A . n 
A 1 122 THR 122 119 119 THR THR A . n 
A 1 123 ALA 123 120 120 ALA ALA A . n 
A 1 124 ALA 124 121 121 ALA ALA A . n 
A 1 125 ALA 125 122 122 ALA ALA A . n 
A 1 126 LEU 126 123 123 LEU LEU A . n 
A 1 127 LEU 127 124 124 LEU LEU A . n 
A 1 128 ALA 128 125 125 ALA ALA A . n 
A 1 129 GLU 129 126 126 GLU GLU A . n 
A 1 130 ASN 130 127 127 ASN ASN A . n 
A 1 131 ARG 131 128 128 ARG ARG A . n 
A 1 132 MET 132 129 129 MET MET A . n 
A 1 133 ASP 133 130 130 ASP ASP A . n 
A 1 134 GLN 134 131 131 GLN GLN A . n 
A 1 135 LYS 135 132 132 LYS LYS A . n 
A 1 136 LYS 136 133 133 LYS LYS A . n 
A 1 137 MET 137 134 134 MET MET A . n 
A 1 138 ASP 138 135 135 ASP ASP A . n 
A 1 139 GLU 139 136 136 GLU GLU A . n 
A 1 140 PHE 140 137 137 PHE PHE A . n 
A 1 141 ALA 141 138 138 ALA ALA A . n 
A 1 142 GLN 142 139 ?   ?   ?   A . n 
A 1 143 ARG 143 140 ?   ?   ?   A . n 
A 1 144 ALA 144 141 ?   ?   ?   A . n 
A 1 145 ALA 145 142 ?   ?   ?   A . n 
A 1 146 MET 146 143 ?   ?   ?   A . n 
A 1 147 ARG 147 144 ?   ?   ?   A . n 
A 1 148 LYS 148 145 ?   ?   ?   A . n 
A 1 149 PRO 149 146 ?   ?   ?   A . n 
A 1 150 GLU 150 147 ?   ?   ?   A . n 
# 
loop_
_pdbx_nonpoly_scheme.asym_id 
_pdbx_nonpoly_scheme.entity_id 
_pdbx_nonpoly_scheme.mon_id 
_pdbx_nonpoly_scheme.ndb_seq_num 
_pdbx_nonpoly_scheme.pdb_seq_num 
_pdbx_nonpoly_scheme.auth_seq_num 
_pdbx_nonpoly_scheme.pdb_mon_id 
_pdbx_nonpoly_scheme.auth_mon_id 
_pdbx_nonpoly_scheme.pdb_strand_id 
_pdbx_nonpoly_scheme.pdb_ins_code 
B 2 HG  1   201 201 HG  HG  A . 
C 3 HOH 1   301 301 HOH HOH A . 
C 3 HOH 2   302 302 HOH HOH A . 
C 3 HOH 3   303 303 HOH HOH A . 
C 3 HOH 4   304 304 HOH HOH A . 
C 3 HOH 5   305 305 HOH HOH A . 
C 3 HOH 6   306 306 HOH HOH A . 
C 3 HOH 7   307 307 HOH HOH A . 
C 3 HOH 8   308 308 HOH HOH A . 
C 3 HOH 9   309 309 HOH HOH A . 
C 3 HOH 10  310 310 HOH HOH A . 
C 3 HOH 11  311 311 HOH HOH A . 
C 3 HOH 12  312 312 HOH HOH A . 
C 3 HOH 13  313 313 HOH HOH A . 
C 3 HOH 14  314 314 HOH HOH A . 
C 3 HOH 15  315 315 HOH HOH A . 
C 3 HOH 16  316 316 HOH HOH A . 
C 3 HOH 17  317 317 HOH HOH A . 
C 3 HOH 18  318 318 HOH HOH A . 
C 3 HOH 19  319 319 HOH HOH A . 
C 3 HOH 20  320 320 HOH HOH A . 
C 3 HOH 21  321 321 HOH HOH A . 
C 3 HOH 22  322 322 HOH HOH A . 
C 3 HOH 23  323 323 HOH HOH A . 
C 3 HOH 24  324 324 HOH HOH A . 
C 3 HOH 25  325 325 HOH HOH A . 
C 3 HOH 26  326 326 HOH HOH A . 
C 3 HOH 27  327 327 HOH HOH A . 
C 3 HOH 28  328 328 HOH HOH A . 
C 3 HOH 29  329 329 HOH HOH A . 
C 3 HOH 30  330 330 HOH HOH A . 
C 3 HOH 31  331 331 HOH HOH A . 
C 3 HOH 32  332 332 HOH HOH A . 
C 3 HOH 33  333 333 HOH HOH A . 
C 3 HOH 34  334 334 HOH HOH A . 
C 3 HOH 35  335 335 HOH HOH A . 
C 3 HOH 36  336 336 HOH HOH A . 
C 3 HOH 37  337 337 HOH HOH A . 
C 3 HOH 38  338 338 HOH HOH A . 
C 3 HOH 39  339 339 HOH HOH A . 
C 3 HOH 40  340 340 HOH HOH A . 
C 3 HOH 41  341 341 HOH HOH A . 
C 3 HOH 42  342 342 HOH HOH A . 
C 3 HOH 43  343 343 HOH HOH A . 
C 3 HOH 44  344 344 HOH HOH A . 
C 3 HOH 45  345 345 HOH HOH A . 
C 3 HOH 46  346 346 HOH HOH A . 
C 3 HOH 47  347 347 HOH HOH A . 
C 3 HOH 48  348 348 HOH HOH A . 
C 3 HOH 49  349 349 HOH HOH A . 
C 3 HOH 50  350 350 HOH HOH A . 
C 3 HOH 51  351 351 HOH HOH A . 
C 3 HOH 52  352 352 HOH HOH A . 
C 3 HOH 53  353 353 HOH HOH A . 
C 3 HOH 54  354 354 HOH HOH A . 
C 3 HOH 55  355 355 HOH HOH A . 
C 3 HOH 56  356 356 HOH HOH A . 
C 3 HOH 57  357 357 HOH HOH A . 
C 3 HOH 58  358 358 HOH HOH A . 
C 3 HOH 59  359 359 HOH HOH A . 
C 3 HOH 60  360 360 HOH HOH A . 
C 3 HOH 61  361 361 HOH HOH A . 
C 3 HOH 62  362 362 HOH HOH A . 
C 3 HOH 63  363 363 HOH HOH A . 
C 3 HOH 64  364 364 HOH HOH A . 
C 3 HOH 65  365 365 HOH HOH A . 
C 3 HOH 66  366 366 HOH HOH A . 
C 3 HOH 67  367 367 HOH HOH A . 
C 3 HOH 68  368 368 HOH HOH A . 
C 3 HOH 69  369 369 HOH HOH A . 
C 3 HOH 70  370 370 HOH HOH A . 
C 3 HOH 71  371 371 HOH HOH A . 
C 3 HOH 72  372 372 HOH HOH A . 
C 3 HOH 73  373 373 HOH HOH A . 
C 3 HOH 74  374 374 HOH HOH A . 
C 3 HOH 75  375 375 HOH HOH A . 
C 3 HOH 76  376 376 HOH HOH A . 
C 3 HOH 77  377 377 HOH HOH A . 
C 3 HOH 78  378 378 HOH HOH A . 
C 3 HOH 79  379 379 HOH HOH A . 
C 3 HOH 80  380 380 HOH HOH A . 
C 3 HOH 81  381 381 HOH HOH A . 
C 3 HOH 82  382 382 HOH HOH A . 
C 3 HOH 83  383 383 HOH HOH A . 
C 3 HOH 84  384 384 HOH HOH A . 
C 3 HOH 85  385 385 HOH HOH A . 
C 3 HOH 86  386 386 HOH HOH A . 
C 3 HOH 87  387 387 HOH HOH A . 
C 3 HOH 88  388 388 HOH HOH A . 
C 3 HOH 89  389 389 HOH HOH A . 
C 3 HOH 90  390 390 HOH HOH A . 
C 3 HOH 91  391 391 HOH HOH A . 
C 3 HOH 92  392 392 HOH HOH A . 
C 3 HOH 93  393 393 HOH HOH A . 
C 3 HOH 94  394 394 HOH HOH A . 
C 3 HOH 95  395 395 HOH HOH A . 
C 3 HOH 96  396 396 HOH HOH A . 
C 3 HOH 97  397 397 HOH HOH A . 
C 3 HOH 98  398 398 HOH HOH A . 
C 3 HOH 99  399 399 HOH HOH A . 
C 3 HOH 100 400 400 HOH HOH A . 
C 3 HOH 101 401 401 HOH HOH A . 
C 3 HOH 102 402 402 HOH HOH A . 
C 3 HOH 103 403 403 HOH HOH A . 
C 3 HOH 104 404 404 HOH HOH A . 
C 3 HOH 105 405 405 HOH HOH A . 
C 3 HOH 106 406 406 HOH HOH A . 
C 3 HOH 107 407 407 HOH HOH A . 
C 3 HOH 108 408 408 HOH HOH A . 
C 3 HOH 109 409 409 HOH HOH A . 
C 3 HOH 110 410 410 HOH HOH A . 
C 3 HOH 111 411 411 HOH HOH A . 
C 3 HOH 112 412 412 HOH HOH A . 
C 3 HOH 113 413 413 HOH HOH A . 
C 3 HOH 114 414 414 HOH HOH A . 
C 3 HOH 115 415 415 HOH HOH A . 
C 3 HOH 116 416 416 HOH HOH A . 
C 3 HOH 117 417 417 HOH HOH A . 
C 3 HOH 118 418 418 HOH HOH A . 
C 3 HOH 119 419 419 HOH HOH A . 
C 3 HOH 120 420 420 HOH HOH A . 
C 3 HOH 121 421 421 HOH HOH A . 
C 3 HOH 122 422 422 HOH HOH A . 
C 3 HOH 123 423 423 HOH HOH A . 
C 3 HOH 124 424 424 HOH HOH A . 
C 3 HOH 125 425 425 HOH HOH A . 
C 3 HOH 126 426 426 HOH HOH A . 
C 3 HOH 127 427 427 HOH HOH A . 
C 3 HOH 128 428 428 HOH HOH A . 
C 3 HOH 129 429 429 HOH HOH A . 
C 3 HOH 130 430 430 HOH HOH A . 
C 3 HOH 131 431 431 HOH HOH A . 
C 3 HOH 132 432 432 HOH HOH A . 
C 3 HOH 133 433 433 HOH HOH A . 
C 3 HOH 134 434 434 HOH HOH A . 
C 3 HOH 135 435 435 HOH HOH A . 
C 3 HOH 136 436 436 HOH HOH A . 
C 3 HOH 137 437 437 HOH HOH A . 
C 3 HOH 138 438 438 HOH HOH A . 
C 3 HOH 139 439 439 HOH HOH A . 
C 3 HOH 140 440 440 HOH HOH A . 
C 3 HOH 141 441 441 HOH HOH A . 
C 3 HOH 142 442 442 HOH HOH A . 
C 3 HOH 143 443 443 HOH HOH A . 
C 3 HOH 144 444 444 HOH HOH A . 
C 3 HOH 145 445 445 HOH HOH A . 
C 3 HOH 146 446 446 HOH HOH A . 
C 3 HOH 147 447 447 HOH HOH A . 
C 3 HOH 148 448 448 HOH HOH A . 
C 3 HOH 149 449 449 HOH HOH A . 
C 3 HOH 150 450 450 HOH HOH A . 
C 3 HOH 151 451 451 HOH HOH A . 
C 3 HOH 152 452 452 HOH HOH A . 
C 3 HOH 153 453 453 HOH HOH A . 
C 3 HOH 154 454 454 HOH HOH A . 
C 3 HOH 155 455 455 HOH HOH A . 
C 3 HOH 156 456 456 HOH HOH A . 
C 3 HOH 157 457 457 HOH HOH A . 
C 3 HOH 158 458 458 HOH HOH A . 
# 
loop_
_pdbx_unobs_or_zero_occ_atoms.id 
_pdbx_unobs_or_zero_occ_atoms.PDB_model_num 
_pdbx_unobs_or_zero_occ_atoms.polymer_flag 
_pdbx_unobs_or_zero_occ_atoms.occupancy_flag 
_pdbx_unobs_or_zero_occ_atoms.auth_asym_id 
_pdbx_unobs_or_zero_occ_atoms.auth_comp_id 
_pdbx_unobs_or_zero_occ_atoms.auth_seq_id 
_pdbx_unobs_or_zero_occ_atoms.PDB_ins_code 
_pdbx_unobs_or_zero_occ_atoms.auth_atom_id 
_pdbx_unobs_or_zero_occ_atoms.label_alt_id 
_pdbx_unobs_or_zero_occ_atoms.label_asym_id 
_pdbx_unobs_or_zero_occ_atoms.label_comp_id 
_pdbx_unobs_or_zero_occ_atoms.label_seq_id 
_pdbx_unobs_or_zero_occ_atoms.label_atom_id 
1 1 Y 1 A GLU 48 ? CG  ? A GLU 51 CG  
2 1 Y 1 A GLU 48 ? CD  ? A GLU 51 CD  
3 1 Y 1 A GLU 48 ? OE1 ? A GLU 51 OE1 
4 1 Y 1 A GLU 48 ? OE2 ? A GLU 51 OE2 
# 
loop_
_software.name 
_software.classification 
_software.version 
_software.citation_id 
_software.pdbx_ordinal 
ADSC   'data collection' Quantum ? 1 
SOLVE  phasing           .       ? 2 
CNS    refinement        1.1     ? 3 
MOSFLM 'data reduction'  .       ? 4 
SCALA  'data scaling'    .       ? 5 
# 
_cell.entry_id           3AJW 
_cell.length_a           52.925 
_cell.length_b           52.925 
_cell.length_c           192.597 
_cell.angle_alpha        90.00 
_cell.angle_beta         90.00 
_cell.angle_gamma        120.00 
_cell.Z_PDB              12 
_cell.pdbx_unique_axis   ? 
_cell.length_a_esd       ? 
_cell.length_b_esd       ? 
_cell.length_c_esd       ? 
_cell.angle_alpha_esd    ? 
_cell.angle_beta_esd     ? 
_cell.angle_gamma_esd    ? 
# 
_symmetry.entry_id                         3AJW 
_symmetry.space_group_name_H-M             'P 65 2 2' 
_symmetry.pdbx_full_space_group_name_H-M   ? 
_symmetry.cell_setting                     ? 
_symmetry.Int_Tables_number                179 
_symmetry.space_group_name_Hall            ? 
# 
_exptl.entry_id          3AJW 
_exptl.method            'X-RAY DIFFRACTION' 
_exptl.crystals_number   1 
# 
_exptl_crystal.id                    1 
_exptl_crystal.density_meas          ? 
_exptl_crystal.density_Matthews      2.21 
_exptl_crystal.density_percent_sol   44.31 
_exptl_crystal.description           ? 
_exptl_crystal.F_000                 ? 
_exptl_crystal.preparation           ? 
# 
_exptl_crystal_grow.crystal_id      1 
_exptl_crystal_grow.method          'VAPOR DIFFUSION, SITTING DROP' 
_exptl_crystal_grow.temp            293 
_exptl_crystal_grow.temp_details    ? 
_exptl_crystal_grow.pH              3.8 
_exptl_crystal_grow.pdbx_details    
'27% PEG 300, 0.1M Phospho-Citrate, 0.35M NaCl, pH 3.8, VAPOR DIFFUSION, SITTING DROP, temperature 293K' 
_exptl_crystal_grow.pdbx_pH_range   . 
# 
_diffrn.id                     1 
_diffrn.ambient_temp           35 
_diffrn.ambient_temp_details   ? 
_diffrn.crystal_id             1 
# 
_diffrn_detector.diffrn_id              1 
_diffrn_detector.detector               CCD 
_diffrn_detector.type                   'ADSC QUANTUM 315' 
_diffrn_detector.pdbx_collection_date   2007-12-09 
_diffrn_detector.details                ? 
# 
_diffrn_radiation.diffrn_id                        1 
_diffrn_radiation.wavelength_id                    1 
_diffrn_radiation.pdbx_monochromatic_or_laue_m_l   M 
_diffrn_radiation.monochromator                    'Double-crystal monochromator' 
_diffrn_radiation.pdbx_diffrn_protocol             SAD 
_diffrn_radiation.pdbx_scattering_type             x-ray 
# 
_diffrn_radiation_wavelength.id           1 
_diffrn_radiation_wavelength.wavelength   1.0082 
_diffrn_radiation_wavelength.wt           1.0 
# 
_diffrn_source.diffrn_id                   1 
_diffrn_source.source                      SYNCHROTRON 
_diffrn_source.type                        'SPRING-8 BEAMLINE BL41XU' 
_diffrn_source.pdbx_synchrotron_site       SPring-8 
_diffrn_source.pdbx_synchrotron_beamline   BL41XU 
_diffrn_source.pdbx_wavelength             ? 
_diffrn_source.pdbx_wavelength_list        1.0082 
# 
_reflns.entry_id                     3AJW 
_reflns.observed_criterion_sigma_I   0 
_reflns.observed_criterion_sigma_F   0 
_reflns.d_resolution_low             38.52 
_reflns.d_resolution_high            2.1 
_reflns.number_obs                   10032 
_reflns.number_all                   10032 
_reflns.percent_possible_obs         99.7 
_reflns.pdbx_Rmerge_I_obs            0.080 
_reflns.pdbx_Rsym_value              0.087 
_reflns.B_iso_Wilson_estimate        27.3 
_reflns.pdbx_redundancy              10.9 
_reflns.pdbx_netI_over_sigmaI        25.0 
_reflns.R_free_details               ? 
_reflns.limit_h_max                  ? 
_reflns.limit_h_min                  ? 
_reflns.limit_k_max                  ? 
_reflns.limit_k_min                  ? 
_reflns.limit_l_max                  ? 
_reflns.limit_l_min                  ? 
_reflns.observed_criterion_F_max     ? 
_reflns.observed_criterion_F_min     ? 
_reflns.pdbx_chi_squared             ? 
_reflns.pdbx_scaling_rejects         ? 
_reflns.pdbx_diffrn_id               1 
_reflns.pdbx_ordinal                 1 
# 
_reflns_shell.d_res_high             2.1 
_reflns_shell.d_res_low              2.21 
_reflns_shell.percent_possible_all   100 
_reflns_shell.Rmerge_I_obs           0.317 
_reflns_shell.pdbx_Rsym_value        0.347 
_reflns_shell.meanI_over_sigI_obs    7 
_reflns_shell.pdbx_redundancy        11.1 
_reflns_shell.percent_possible_obs   ? 
_reflns_shell.number_unique_all      1426 
_reflns_shell.number_measured_all    ? 
_reflns_shell.number_measured_obs    ? 
_reflns_shell.number_unique_obs      ? 
_reflns_shell.pdbx_chi_squared       ? 
_reflns_shell.pdbx_diffrn_id         ? 
_reflns_shell.pdbx_ordinal           1 
# 
_refine.entry_id                                 3AJW 
_refine.ls_number_reflns_obs                     10032 
_refine.ls_number_reflns_all                     ? 
_refine.pdbx_ls_sigma_I                          0.0 
_refine.pdbx_ls_sigma_F                          0.0 
_refine.pdbx_data_cutoff_high_absF               1867106.52 
_refine.pdbx_data_cutoff_low_absF                0.000000 
_refine.pdbx_data_cutoff_high_rms_absF           ? 
_refine.ls_d_res_low                             37.30 
_refine.ls_d_res_high                            2.10 
_refine.ls_percent_reflns_obs                    99.3 
_refine.ls_R_factor_obs                          0.232 
_refine.ls_R_factor_all                          ? 
_refine.ls_R_factor_R_work                       0.232 
_refine.ls_R_factor_R_free                       0.255 
_refine.ls_R_factor_R_free_error                 0.012 
_refine.ls_R_factor_R_free_error_details         ? 
_refine.ls_percent_reflns_R_free                 4.8 
_refine.ls_number_reflns_R_free                  480 
_refine.ls_number_parameters                     ? 
_refine.ls_number_restraints                     ? 
_refine.occupancy_min                            ? 
_refine.occupancy_max                            ? 
_refine.correlation_coeff_Fo_to_Fc               ? 
_refine.correlation_coeff_Fo_to_Fc_free          ? 
_refine.B_iso_mean                               38.8 
_refine.aniso_B[1][1]                            6.18 
_refine.aniso_B[2][2]                            6.18 
_refine.aniso_B[3][3]                            -12.37 
_refine.aniso_B[1][2]                            2.22 
_refine.aniso_B[1][3]                            0.00 
_refine.aniso_B[2][3]                            0.00 
_refine.solvent_model_details                    'FLAT MODEL' 
_refine.solvent_model_param_ksol                 0.471619 
_refine.solvent_model_param_bsol                 79.2942 
_refine.pdbx_solvent_vdw_probe_radii             ? 
_refine.pdbx_solvent_ion_probe_radii             ? 
_refine.pdbx_solvent_shrinkage_radii             ? 
_refine.pdbx_ls_cross_valid_method               THROUGHOUT 
_refine.details                                  ? 
_refine.pdbx_starting_model                      ? 
_refine.pdbx_method_to_determine_struct          SAD 
_refine.pdbx_isotropic_thermal_model             RESTRAINED 
_refine.pdbx_stereochemistry_target_values       'Engh & Huber' 
_refine.pdbx_stereochem_target_val_spec_case     ? 
_refine.pdbx_R_Free_selection_details            RANDOM 
_refine.pdbx_overall_ESU_R_Free                  ? 
_refine.overall_SU_ML                            ? 
_refine.overall_SU_B                             ? 
_refine.overall_SU_R_Cruickshank_DPI             ? 
_refine.ls_redundancy_reflns_obs                 ? 
_refine.B_iso_min                                ? 
_refine.B_iso_max                                ? 
_refine.overall_SU_R_free                        ? 
_refine.ls_wR_factor_R_free                      ? 
_refine.ls_wR_factor_R_work                      ? 
_refine.overall_FOM_free_R_set                   ? 
_refine.overall_FOM_work_R_set                   ? 
_refine.pdbx_refine_id                           'X-RAY DIFFRACTION' 
_refine.pdbx_overall_phase_error                 ? 
_refine.pdbx_overall_ESU_R                       ? 
_refine.pdbx_diffrn_id                           1 
_refine.pdbx_TLS_residual_ADP_flag               ? 
_refine.pdbx_overall_SU_R_free_Cruickshank_DPI   ? 
_refine.pdbx_overall_SU_R_Blow_DPI               ? 
_refine.pdbx_overall_SU_R_free_Blow_DPI          ? 
# 
_refine_analyze.entry_id                        3AJW 
_refine_analyze.Luzzati_coordinate_error_obs    0.24 
_refine_analyze.Luzzati_sigma_a_obs             -0.04 
_refine_analyze.Luzzati_d_res_low_obs           5.00 
_refine_analyze.Luzzati_coordinate_error_free   0.29 
_refine_analyze.Luzzati_sigma_a_free            ? 
_refine_analyze.Luzzati_d_res_low_free          ? 
_refine_analyze.number_disordered_residues      ? 
_refine_analyze.occupancy_sum_hydrogen          ? 
_refine_analyze.occupancy_sum_non_hydrogen      ? 
_refine_analyze.pdbx_Luzzati_d_res_high_obs     ? 
_refine_analyze.pdbx_refine_id                  'X-RAY DIFFRACTION' 
# 
_refine_hist.pdbx_refine_id                   'X-RAY DIFFRACTION' 
_refine_hist.cycle_id                         LAST 
_refine_hist.pdbx_number_atoms_protein        1106 
_refine_hist.pdbx_number_atoms_nucleic_acid   0 
_refine_hist.pdbx_number_atoms_ligand         1 
_refine_hist.number_atoms_solvent             158 
_refine_hist.number_atoms_total               1265 
_refine_hist.d_res_high                       2.10 
_refine_hist.d_res_low                        37.30 
# 
loop_
_refine_ls_restr.type 
_refine_ls_restr.dev_ideal 
_refine_ls_restr.dev_ideal_target 
_refine_ls_restr.weight 
_refine_ls_restr.number 
_refine_ls_restr.pdbx_refine_id 
_refine_ls_restr.pdbx_restraint_function 
c_bond_d                0.005 ?    ? ? 'X-RAY DIFFRACTION' ? 
c_bond_d_na             ?     ?    ? ? 'X-RAY DIFFRACTION' ? 
c_bond_d_prot           ?     ?    ? ? 'X-RAY DIFFRACTION' ? 
c_angle_d               ?     ?    ? ? 'X-RAY DIFFRACTION' ? 
c_angle_d_na            ?     ?    ? ? 'X-RAY DIFFRACTION' ? 
c_angle_d_prot          ?     ?    ? ? 'X-RAY DIFFRACTION' ? 
c_angle_deg             1.0   ?    ? ? 'X-RAY DIFFRACTION' ? 
c_angle_deg_na          ?     ?    ? ? 'X-RAY DIFFRACTION' ? 
c_angle_deg_prot        ?     ?    ? ? 'X-RAY DIFFRACTION' ? 
c_dihedral_angle_d      18.1  ?    ? ? 'X-RAY DIFFRACTION' ? 
c_dihedral_angle_d_na   ?     ?    ? ? 'X-RAY DIFFRACTION' ? 
c_dihedral_angle_d_prot ?     ?    ? ? 'X-RAY DIFFRACTION' ? 
c_improper_angle_d      0.60  ?    ? ? 'X-RAY DIFFRACTION' ? 
c_improper_angle_d_na   ?     ?    ? ? 'X-RAY DIFFRACTION' ? 
c_improper_angle_d_prot ?     ?    ? ? 'X-RAY DIFFRACTION' ? 
c_mcbond_it             1.61  1.50 ? ? 'X-RAY DIFFRACTION' ? 
c_mcangle_it            2.53  2.00 ? ? 'X-RAY DIFFRACTION' ? 
c_scbond_it             2.85  2.00 ? ? 'X-RAY DIFFRACTION' ? 
c_scangle_it            4.44  2.50 ? ? 'X-RAY DIFFRACTION' ? 
# 
_refine_ls_shell.pdbx_total_number_of_bins_used   6 
_refine_ls_shell.d_res_high                       2.10 
_refine_ls_shell.d_res_low                        2.23 
_refine_ls_shell.number_reflns_R_work             1531 
_refine_ls_shell.R_factor_R_work                  0.215 
_refine_ls_shell.percent_reflns_obs               100.0 
_refine_ls_shell.R_factor_R_free                  0.250 
_refine_ls_shell.R_factor_R_free_error            0.029 
_refine_ls_shell.percent_reflns_R_free            4.7 
_refine_ls_shell.number_reflns_R_free             76 
_refine_ls_shell.number_reflns_all                ? 
_refine_ls_shell.R_factor_all                     ? 
_refine_ls_shell.number_reflns_obs                ? 
_refine_ls_shell.redundancy_reflns_obs            ? 
_refine_ls_shell.pdbx_refine_id                   'X-RAY DIFFRACTION' 
# 
loop_
_pdbx_xplor_file.pdbx_refine_id 
_pdbx_xplor_file.serial_no 
_pdbx_xplor_file.param_file 
_pdbx_xplor_file.topol_file 
'X-RAY DIFFRACTION' 1 protein_rep.param protein.top 
'X-RAY DIFFRACTION' 2 water_rep.param   water.top   
'X-RAY DIFFRACTION' 3 ion.param         ion.top     
# 
_struct.entry_id                  3AJW 
_struct.title                     'Structure of FliJ, a soluble component of flagellar type III export apparatus' 
_struct.pdbx_model_details        ? 
_struct.pdbx_CASP_flag            ? 
_struct.pdbx_model_type_details   ? 
# 
_struct_keywords.entry_id        3AJW 
_struct_keywords.pdbx_keywords   'PROTEIN TRANSPORT' 
_struct_keywords.text            'Flagellum, type III secretion, Coiled-coil, PROTEIN TRANSPORT' 
# 
loop_
_struct_asym.id 
_struct_asym.pdbx_blank_PDB_chainid_flag 
_struct_asym.pdbx_modified 
_struct_asym.entity_id 
_struct_asym.details 
A N N 1 ? 
B N N 2 ? 
C N N 3 ? 
# 
_struct_ref.id                         1 
_struct_ref.db_name                    UNP 
_struct_ref.db_code                    FLIJ_SALTY 
_struct_ref.pdbx_db_accession          P0A1K1 
_struct_ref.entity_id                  1 
_struct_ref.pdbx_seq_one_letter_code   
;MAQHGALETLKDLAEKEVDDAARLLGEMRRGCQQAEEQLKMLIDYQNEYRSNLNTDMGNGIASNRWINYQQFIQTLEKAI
EQHRLQLTQWTQKVDLALKSWREKKQRLQAWQTLQDRQTAAALLAENRMDQKKMDEFAQRAAMRKPE
;
_struct_ref.pdbx_align_begin           1 
_struct_ref.pdbx_db_isoform            ? 
# 
_struct_ref_seq.align_id                      1 
_struct_ref_seq.ref_id                        1 
_struct_ref_seq.pdbx_PDB_id_code              3AJW 
_struct_ref_seq.pdbx_strand_id                A 
_struct_ref_seq.seq_align_beg                 4 
_struct_ref_seq.pdbx_seq_align_beg_ins_code   ? 
_struct_ref_seq.seq_align_end                 148 
_struct_ref_seq.pdbx_seq_align_end_ins_code   ? 
_struct_ref_seq.pdbx_db_accession             P0A1K1 
_struct_ref_seq.db_align_beg                  1 
_struct_ref_seq.pdbx_db_align_beg_ins_code    ? 
_struct_ref_seq.db_align_end                  147 
_struct_ref_seq.pdbx_db_align_end_ins_code    ? 
_struct_ref_seq.pdbx_auth_seq_align_beg       1 
_struct_ref_seq.pdbx_auth_seq_align_end       145 
# 
loop_
_struct_ref_seq_dif.align_id 
_struct_ref_seq_dif.pdbx_pdb_id_code 
_struct_ref_seq_dif.mon_id 
_struct_ref_seq_dif.pdbx_pdb_strand_id 
_struct_ref_seq_dif.seq_num 
_struct_ref_seq_dif.pdbx_pdb_ins_code 
_struct_ref_seq_dif.pdbx_seq_db_name 
_struct_ref_seq_dif.pdbx_seq_db_accession_code 
_struct_ref_seq_dif.db_mon_id 
_struct_ref_seq_dif.pdbx_seq_db_seq_num 
_struct_ref_seq_dif.details 
_struct_ref_seq_dif.pdbx_auth_seq_num 
_struct_ref_seq_dif.pdbx_ordinal 
1 3AJW GLY A 1 ? UNP P0A1K1 ? ? 'expression tag' -2 1 
1 3AJW SER A 2 ? UNP P0A1K1 ? ? 'expression tag' -1 2 
1 3AJW HIS A 3 ? UNP P0A1K1 ? ? 'expression tag' 0  3 
# 
loop_
_pdbx_struct_assembly.id 
_pdbx_struct_assembly.details 
_pdbx_struct_assembly.method_details 
_pdbx_struct_assembly.oligomeric_details 
_pdbx_struct_assembly.oligomeric_count 
1 software_defined_assembly PISA dimeric 2 
2 software_defined_assembly PISA dimeric 2 
# 
loop_
_pdbx_struct_assembly_prop.biol_id 
_pdbx_struct_assembly_prop.type 
_pdbx_struct_assembly_prop.value 
_pdbx_struct_assembly_prop.details 
1 'ABSA (A^2)' 3120  ? 
1 MORE         -17   ? 
1 'SSA (A^2)'  17910 ? 
2 'ABSA (A^2)' 1750  ? 
2 MORE         -8    ? 
2 'SSA (A^2)'  19280 ? 
# 
loop_
_pdbx_struct_assembly_gen.assembly_id 
_pdbx_struct_assembly_gen.oper_expression 
_pdbx_struct_assembly_gen.asym_id_list 
1 1,2 A,B,C 
2 1,3 A,B,C 
# 
loop_
_pdbx_struct_oper_list.id 
_pdbx_struct_oper_list.type 
_pdbx_struct_oper_list.name 
_pdbx_struct_oper_list.symmetry_operation 
_pdbx_struct_oper_list.matrix[1][1] 
_pdbx_struct_oper_list.matrix[1][2] 
_pdbx_struct_oper_list.matrix[1][3] 
_pdbx_struct_oper_list.vector[1] 
_pdbx_struct_oper_list.matrix[2][1] 
_pdbx_struct_oper_list.matrix[2][2] 
_pdbx_struct_oper_list.matrix[2][3] 
_pdbx_struct_oper_list.vector[2] 
_pdbx_struct_oper_list.matrix[3][1] 
_pdbx_struct_oper_list.matrix[3][2] 
_pdbx_struct_oper_list.matrix[3][3] 
_pdbx_struct_oper_list.vector[3] 
1 'identity operation'         1_555  x,y,z        1.0000000000  0.0000000000  0.0000000000  0.0000000000   0.0000000000  1.0000000000  0.0000000000  0.0000000000   0.0000000000  0.0000000000  1.0000000000 0.0000000000   
2 'crystal symmetry operation' 8_556  x-y,-y,-z+1  -0.6278781187 0.1694586258  -0.7596399424 -25.2774215113 0.1694586258  -0.9228311279 -0.3459284370 -26.1926970726 -0.7596399424 -0.3459284370 0.5507092466 -18.2255557212 
3 'crystal symmetry operation' 12_555 x,x-y,-z+5/6 -0.9880228432 -0.0316542854 0.1510260493  -13.5971271505 -0.0316542854 -0.9163412656 -0.3991449502 -60.1503990178 0.1510260493  -0.3991449502 0.9043641087 -11.5288917296 
# 
_struct_biol.id        1 
_struct_biol.details   'AUTHOR DETERMINED BIOLOGICAL UNIT: UNKNOWN.' 
# 
loop_
_struct_conf.conf_type_id 
_struct_conf.id 
_struct_conf.pdbx_PDB_helix_id 
_struct_conf.beg_label_comp_id 
_struct_conf.beg_label_asym_id 
_struct_conf.beg_label_seq_id 
_struct_conf.pdbx_beg_PDB_ins_code 
_struct_conf.end_label_comp_id 
_struct_conf.end_label_asym_id 
_struct_conf.end_label_seq_id 
_struct_conf.pdbx_end_PDB_ins_code 
_struct_conf.beg_auth_comp_id 
_struct_conf.beg_auth_asym_id 
_struct_conf.beg_auth_seq_id 
_struct_conf.end_auth_comp_id 
_struct_conf.end_auth_asym_id 
_struct_conf.end_auth_seq_id 
_struct_conf.pdbx_PDB_helix_class 
_struct_conf.details 
_struct_conf.pdbx_PDB_helix_length 
HELX_P HELX_P1 1 GLY A 8  ? ASN A 55  ? GLY A 5  ASN A 52  1 ? 48 
HELX_P HELX_P2 2 ASN A 62 ? ILE A 64  ? ASN A 59 ILE A 61  5 ? 3  
HELX_P HELX_P3 3 ALA A 65 ? GLU A 139 ? ALA A 62 GLU A 136 1 ? 75 
# 
_struct_conf_type.id          HELX_P 
_struct_conf_type.criteria    ? 
_struct_conf_type.reference   ? 
# 
loop_
_struct_conn.id 
_struct_conn.conn_type_id 
_struct_conn.pdbx_leaving_atom_flag 
_struct_conn.pdbx_PDB_id 
_struct_conn.ptnr1_label_asym_id 
_struct_conn.ptnr1_label_comp_id 
_struct_conn.ptnr1_label_seq_id 
_struct_conn.ptnr1_label_atom_id 
_struct_conn.pdbx_ptnr1_label_alt_id 
_struct_conn.pdbx_ptnr1_PDB_ins_code 
_struct_conn.pdbx_ptnr1_standard_comp_id 
_struct_conn.ptnr1_symmetry 
_struct_conn.ptnr2_label_asym_id 
_struct_conn.ptnr2_label_comp_id 
_struct_conn.ptnr2_label_seq_id 
_struct_conn.ptnr2_label_atom_id 
_struct_conn.pdbx_ptnr2_label_alt_id 
_struct_conn.pdbx_ptnr2_PDB_ins_code 
_struct_conn.ptnr1_auth_asym_id 
_struct_conn.ptnr1_auth_comp_id 
_struct_conn.ptnr1_auth_seq_id 
_struct_conn.ptnr2_auth_asym_id 
_struct_conn.ptnr2_auth_comp_id 
_struct_conn.ptnr2_auth_seq_id 
_struct_conn.ptnr2_symmetry 
_struct_conn.pdbx_ptnr3_label_atom_id 
_struct_conn.pdbx_ptnr3_label_seq_id 
_struct_conn.pdbx_ptnr3_label_comp_id 
_struct_conn.pdbx_ptnr3_label_asym_id 
_struct_conn.pdbx_ptnr3_label_alt_id 
_struct_conn.pdbx_ptnr3_PDB_ins_code 
_struct_conn.details 
_struct_conn.pdbx_dist_value 
_struct_conn.pdbx_value_order 
_struct_conn.pdbx_role 
metalc1 metalc ? ? A CYS 35 SG ? ? ? 1_555 B HG . HG ? ? A CYS 32 A HG 201 1_555 ? ? ? ? ? ? ? 2.506 ? ? 
metalc2 metalc ? ? A CYS 35 O  ? ? ? 1_555 B HG . HG ? ? A CYS 32 A HG 201 1_555 ? ? ? ? ? ? ? 2.963 ? ? 
# 
_struct_conn_type.id          metalc 
_struct_conn_type.criteria    ? 
_struct_conn_type.reference   ? 
# 
_pdbx_struct_conn_angle.id                    1 
_pdbx_struct_conn_angle.ptnr1_label_atom_id   SG 
_pdbx_struct_conn_angle.ptnr1_label_alt_id    ? 
_pdbx_struct_conn_angle.ptnr1_label_asym_id   A 
_pdbx_struct_conn_angle.ptnr1_label_comp_id   CYS 
_pdbx_struct_conn_angle.ptnr1_label_seq_id    35 
_pdbx_struct_conn_angle.ptnr1_auth_atom_id    ? 
_pdbx_struct_conn_angle.ptnr1_auth_asym_id    A 
_pdbx_struct_conn_angle.ptnr1_auth_comp_id    CYS 
_pdbx_struct_conn_angle.ptnr1_auth_seq_id     32 
_pdbx_struct_conn_angle.ptnr1_PDB_ins_code    ? 
_pdbx_struct_conn_angle.ptnr1_symmetry        1_555 
_pdbx_struct_conn_angle.ptnr2_label_atom_id   HG 
_pdbx_struct_conn_angle.ptnr2_label_alt_id    ? 
_pdbx_struct_conn_angle.ptnr2_label_asym_id   B 
_pdbx_struct_conn_angle.ptnr2_label_comp_id   HG 
_pdbx_struct_conn_angle.ptnr2_label_seq_id    . 
_pdbx_struct_conn_angle.ptnr2_auth_atom_id    ? 
_pdbx_struct_conn_angle.ptnr2_auth_asym_id    A 
_pdbx_struct_conn_angle.ptnr2_auth_comp_id    HG 
_pdbx_struct_conn_angle.ptnr2_auth_seq_id     201 
_pdbx_struct_conn_angle.ptnr2_PDB_ins_code    ? 
_pdbx_struct_conn_angle.ptnr2_symmetry        1_555 
_pdbx_struct_conn_angle.ptnr3_label_atom_id   O 
_pdbx_struct_conn_angle.ptnr3_label_alt_id    ? 
_pdbx_struct_conn_angle.ptnr3_label_asym_id   A 
_pdbx_struct_conn_angle.ptnr3_label_comp_id   CYS 
_pdbx_struct_conn_angle.ptnr3_label_seq_id    35 
_pdbx_struct_conn_angle.ptnr3_auth_atom_id    ? 
_pdbx_struct_conn_angle.ptnr3_auth_asym_id    A 
_pdbx_struct_conn_angle.ptnr3_auth_comp_id    CYS 
_pdbx_struct_conn_angle.ptnr3_auth_seq_id     32 
_pdbx_struct_conn_angle.ptnr3_PDB_ins_code    ? 
_pdbx_struct_conn_angle.ptnr3_symmetry        1_555 
_pdbx_struct_conn_angle.value                 82.1 
_pdbx_struct_conn_angle.value_esd             ? 
# 
_struct_site.id                   AC1 
_struct_site.pdbx_evidence_code   Software 
_struct_site.pdbx_auth_asym_id    A 
_struct_site.pdbx_auth_comp_id    HG 
_struct_site.pdbx_auth_seq_id     201 
_struct_site.pdbx_auth_ins_code   ? 
_struct_site.pdbx_num_residues    4 
_struct_site.details              'BINDING SITE FOR RESIDUE HG A 201' 
# 
loop_
_struct_site_gen.id 
_struct_site_gen.site_id 
_struct_site_gen.pdbx_num_res 
_struct_site_gen.label_comp_id 
_struct_site_gen.label_asym_id 
_struct_site_gen.label_seq_id 
_struct_site_gen.pdbx_auth_ins_code 
_struct_site_gen.auth_comp_id 
_struct_site_gen.auth_asym_id 
_struct_site_gen.auth_seq_id 
_struct_site_gen.label_atom_id 
_struct_site_gen.label_alt_id 
_struct_site_gen.symmetry 
_struct_site_gen.details 
1 AC1 4 CYS A 35  ? CYS A 32  . ? 1_555 ? 
2 AC1 4 LEU A 90  ? LEU A 87  . ? 1_555 ? 
3 AC1 4 ASN A 130 ? ASN A 127 . ? 8_556 ? 
4 AC1 4 HOH C .   ? HOH A 413 . ? 8_556 ? 
# 
loop_
_pdbx_validate_symm_contact.id 
_pdbx_validate_symm_contact.PDB_model_num 
_pdbx_validate_symm_contact.auth_atom_id_1 
_pdbx_validate_symm_contact.auth_asym_id_1 
_pdbx_validate_symm_contact.auth_comp_id_1 
_pdbx_validate_symm_contact.auth_seq_id_1 
_pdbx_validate_symm_contact.PDB_ins_code_1 
_pdbx_validate_symm_contact.label_alt_id_1 
_pdbx_validate_symm_contact.site_symmetry_1 
_pdbx_validate_symm_contact.auth_atom_id_2 
_pdbx_validate_symm_contact.auth_asym_id_2 
_pdbx_validate_symm_contact.auth_comp_id_2 
_pdbx_validate_symm_contact.auth_seq_id_2 
_pdbx_validate_symm_contact.PDB_ins_code_2 
_pdbx_validate_symm_contact.label_alt_id_2 
_pdbx_validate_symm_contact.site_symmetry_2 
_pdbx_validate_symm_contact.dist 
1 1 CD1 A ILE 61 ? ? 1_555 CD1 A ILE 61 ? ? 7_556 1.81 
2 1 O   A MET 57 ? ? 1_555 O   A MET 57 ? ? 7_556 2.06 
# 
loop_
_pdbx_validate_torsion.id 
_pdbx_validate_torsion.PDB_model_num 
_pdbx_validate_torsion.auth_comp_id 
_pdbx_validate_torsion.auth_asym_id 
_pdbx_validate_torsion.auth_seq_id 
_pdbx_validate_torsion.PDB_ins_code 
_pdbx_validate_torsion.label_alt_id 
_pdbx_validate_torsion.phi 
_pdbx_validate_torsion.psi 
1 1 HIS A 4  ? ? -46.88 164.80  
2 1 LEU A 53 ? ? -69.62 43.94   
3 1 ASN A 59 ? ? -94.26 -119.33 
# 
_pdbx_struct_special_symmetry.id              1 
_pdbx_struct_special_symmetry.PDB_model_num   1 
_pdbx_struct_special_symmetry.auth_asym_id    A 
_pdbx_struct_special_symmetry.auth_comp_id    HOH 
_pdbx_struct_special_symmetry.auth_seq_id     418 
_pdbx_struct_special_symmetry.PDB_ins_code    ? 
_pdbx_struct_special_symmetry.label_asym_id   C 
_pdbx_struct_special_symmetry.label_comp_id   HOH 
_pdbx_struct_special_symmetry.label_seq_id    . 
# 
loop_
_pdbx_unobs_or_zero_occ_residues.id 
_pdbx_unobs_or_zero_occ_residues.PDB_model_num 
_pdbx_unobs_or_zero_occ_residues.polymer_flag 
_pdbx_unobs_or_zero_occ_residues.occupancy_flag 
_pdbx_unobs_or_zero_occ_residues.auth_asym_id 
_pdbx_unobs_or_zero_occ_residues.auth_comp_id 
_pdbx_unobs_or_zero_occ_residues.auth_seq_id 
_pdbx_unobs_or_zero_occ_residues.PDB_ins_code 
_pdbx_unobs_or_zero_occ_residues.label_asym_id 
_pdbx_unobs_or_zero_occ_residues.label_comp_id 
_pdbx_unobs_or_zero_occ_residues.label_seq_id 
1  1 Y 1 A GLY -2  ? A GLY 1   
2  1 Y 1 A SER -1  ? A SER 2   
3  1 Y 1 A HIS 0   ? A HIS 3   
4  1 Y 1 A MET 1   ? A MET 4   
5  1 Y 1 A ALA 2   ? A ALA 5   
6  1 Y 1 A THR 55  ? A THR 58  
7  1 Y 1 A ASP 56  ? A ASP 59  
8  1 Y 1 A GLN 139 ? A GLN 142 
9  1 Y 1 A ARG 140 ? A ARG 143 
10 1 Y 1 A ALA 141 ? A ALA 144 
11 1 Y 1 A ALA 142 ? A ALA 145 
12 1 Y 1 A MET 143 ? A MET 146 
13 1 Y 1 A ARG 144 ? A ARG 147 
14 1 Y 1 A LYS 145 ? A LYS 148 
15 1 Y 1 A PRO 146 ? A PRO 149 
16 1 Y 1 A GLU 147 ? A GLU 150 
# 
loop_
_chem_comp_atom.comp_id 
_chem_comp_atom.atom_id 
_chem_comp_atom.type_symbol 
_chem_comp_atom.pdbx_aromatic_flag 
_chem_comp_atom.pdbx_stereo_config 
_chem_comp_atom.pdbx_ordinal 
ALA N    N  N N 1   
ALA CA   C  N S 2   
ALA C    C  N N 3   
ALA O    O  N N 4   
ALA CB   C  N N 5   
ALA OXT  O  N N 6   
ALA H    H  N N 7   
ALA H2   H  N N 8   
ALA HA   H  N N 9   
ALA HB1  H  N N 10  
ALA HB2  H  N N 11  
ALA HB3  H  N N 12  
ALA HXT  H  N N 13  
ARG N    N  N N 14  
ARG CA   C  N S 15  
ARG C    C  N N 16  
ARG O    O  N N 17  
ARG CB   C  N N 18  
ARG CG   C  N N 19  
ARG CD   C  N N 20  
ARG NE   N  N N 21  
ARG CZ   C  N N 22  
ARG NH1  N  N N 23  
ARG NH2  N  N N 24  
ARG OXT  O  N N 25  
ARG H    H  N N 26  
ARG H2   H  N N 27  
ARG HA   H  N N 28  
ARG HB2  H  N N 29  
ARG HB3  H  N N 30  
ARG HG2  H  N N 31  
ARG HG3  H  N N 32  
ARG HD2  H  N N 33  
ARG HD3  H  N N 34  
ARG HE   H  N N 35  
ARG HH11 H  N N 36  
ARG HH12 H  N N 37  
ARG HH21 H  N N 38  
ARG HH22 H  N N 39  
ARG HXT  H  N N 40  
ASN N    N  N N 41  
ASN CA   C  N S 42  
ASN C    C  N N 43  
ASN O    O  N N 44  
ASN CB   C  N N 45  
ASN CG   C  N N 46  
ASN OD1  O  N N 47  
ASN ND2  N  N N 48  
ASN OXT  O  N N 49  
ASN H    H  N N 50  
ASN H2   H  N N 51  
ASN HA   H  N N 52  
ASN HB2  H  N N 53  
ASN HB3  H  N N 54  
ASN HD21 H  N N 55  
ASN HD22 H  N N 56  
ASN HXT  H  N N 57  
ASP N    N  N N 58  
ASP CA   C  N S 59  
ASP C    C  N N 60  
ASP O    O  N N 61  
ASP CB   C  N N 62  
ASP CG   C  N N 63  
ASP OD1  O  N N 64  
ASP OD2  O  N N 65  
ASP OXT  O  N N 66  
ASP H    H  N N 67  
ASP H2   H  N N 68  
ASP HA   H  N N 69  
ASP HB2  H  N N 70  
ASP HB3  H  N N 71  
ASP HD2  H  N N 72  
ASP HXT  H  N N 73  
CYS N    N  N N 74  
CYS CA   C  N R 75  
CYS C    C  N N 76  
CYS O    O  N N 77  
CYS CB   C  N N 78  
CYS SG   S  N N 79  
CYS OXT  O  N N 80  
CYS H    H  N N 81  
CYS H2   H  N N 82  
CYS HA   H  N N 83  
CYS HB2  H  N N 84  
CYS HB3  H  N N 85  
CYS HG   H  N N 86  
CYS HXT  H  N N 87  
GLN N    N  N N 88  
GLN CA   C  N S 89  
GLN C    C  N N 90  
GLN O    O  N N 91  
GLN CB   C  N N 92  
GLN CG   C  N N 93  
GLN CD   C  N N 94  
GLN OE1  O  N N 95  
GLN NE2  N  N N 96  
GLN OXT  O  N N 97  
GLN H    H  N N 98  
GLN H2   H  N N 99  
GLN HA   H  N N 100 
GLN HB2  H  N N 101 
GLN HB3  H  N N 102 
GLN HG2  H  N N 103 
GLN HG3  H  N N 104 
GLN HE21 H  N N 105 
GLN HE22 H  N N 106 
GLN HXT  H  N N 107 
GLU N    N  N N 108 
GLU CA   C  N S 109 
GLU C    C  N N 110 
GLU O    O  N N 111 
GLU CB   C  N N 112 
GLU CG   C  N N 113 
GLU CD   C  N N 114 
GLU OE1  O  N N 115 
GLU OE2  O  N N 116 
GLU OXT  O  N N 117 
GLU H    H  N N 118 
GLU H2   H  N N 119 
GLU HA   H  N N 120 
GLU HB2  H  N N 121 
GLU HB3  H  N N 122 
GLU HG2  H  N N 123 
GLU HG3  H  N N 124 
GLU HE2  H  N N 125 
GLU HXT  H  N N 126 
GLY N    N  N N 127 
GLY CA   C  N N 128 
GLY C    C  N N 129 
GLY O    O  N N 130 
GLY OXT  O  N N 131 
GLY H    H  N N 132 
GLY H2   H  N N 133 
GLY HA2  H  N N 134 
GLY HA3  H  N N 135 
GLY HXT  H  N N 136 
HG  HG   HG N N 137 
HIS N    N  N N 138 
HIS CA   C  N S 139 
HIS C    C  N N 140 
HIS O    O  N N 141 
HIS CB   C  N N 142 
HIS CG   C  Y N 143 
HIS ND1  N  Y N 144 
HIS CD2  C  Y N 145 
HIS CE1  C  Y N 146 
HIS NE2  N  Y N 147 
HIS OXT  O  N N 148 
HIS H    H  N N 149 
HIS H2   H  N N 150 
HIS HA   H  N N 151 
HIS HB2  H  N N 152 
HIS HB3  H  N N 153 
HIS HD1  H  N N 154 
HIS HD2  H  N N 155 
HIS HE1  H  N N 156 
HIS HE2  H  N N 157 
HIS HXT  H  N N 158 
HOH O    O  N N 159 
HOH H1   H  N N 160 
HOH H2   H  N N 161 
ILE N    N  N N 162 
ILE CA   C  N S 163 
ILE C    C  N N 164 
ILE O    O  N N 165 
ILE CB   C  N S 166 
ILE CG1  C  N N 167 
ILE CG2  C  N N 168 
ILE CD1  C  N N 169 
ILE OXT  O  N N 170 
ILE H    H  N N 171 
ILE H2   H  N N 172 
ILE HA   H  N N 173 
ILE HB   H  N N 174 
ILE HG12 H  N N 175 
ILE HG13 H  N N 176 
ILE HG21 H  N N 177 
ILE HG22 H  N N 178 
ILE HG23 H  N N 179 
ILE HD11 H  N N 180 
ILE HD12 H  N N 181 
ILE HD13 H  N N 182 
ILE HXT  H  N N 183 
LEU N    N  N N 184 
LEU CA   C  N S 185 
LEU C    C  N N 186 
LEU O    O  N N 187 
LEU CB   C  N N 188 
LEU CG   C  N N 189 
LEU CD1  C  N N 190 
LEU CD2  C  N N 191 
LEU OXT  O  N N 192 
LEU H    H  N N 193 
LEU H2   H  N N 194 
LEU HA   H  N N 195 
LEU HB2  H  N N 196 
LEU HB3  H  N N 197 
LEU HG   H  N N 198 
LEU HD11 H  N N 199 
LEU HD12 H  N N 200 
LEU HD13 H  N N 201 
LEU HD21 H  N N 202 
LEU HD22 H  N N 203 
LEU HD23 H  N N 204 
LEU HXT  H  N N 205 
LYS N    N  N N 206 
LYS CA   C  N S 207 
LYS C    C  N N 208 
LYS O    O  N N 209 
LYS CB   C  N N 210 
LYS CG   C  N N 211 
LYS CD   C  N N 212 
LYS CE   C  N N 213 
LYS NZ   N  N N 214 
LYS OXT  O  N N 215 
LYS H    H  N N 216 
LYS H2   H  N N 217 
LYS HA   H  N N 218 
LYS HB2  H  N N 219 
LYS HB3  H  N N 220 
LYS HG2  H  N N 221 
LYS HG3  H  N N 222 
LYS HD2  H  N N 223 
LYS HD3  H  N N 224 
LYS HE2  H  N N 225 
LYS HE3  H  N N 226 
LYS HZ1  H  N N 227 
LYS HZ2  H  N N 228 
LYS HZ3  H  N N 229 
LYS HXT  H  N N 230 
MET N    N  N N 231 
MET CA   C  N S 232 
MET C    C  N N 233 
MET O    O  N N 234 
MET CB   C  N N 235 
MET CG   C  N N 236 
MET SD   S  N N 237 
MET CE   C  N N 238 
MET OXT  O  N N 239 
MET H    H  N N 240 
MET H2   H  N N 241 
MET HA   H  N N 242 
MET HB2  H  N N 243 
MET HB3  H  N N 244 
MET HG2  H  N N 245 
MET HG3  H  N N 246 
MET HE1  H  N N 247 
MET HE2  H  N N 248 
MET HE3  H  N N 249 
MET HXT  H  N N 250 
PHE N    N  N N 251 
PHE CA   C  N S 252 
PHE C    C  N N 253 
PHE O    O  N N 254 
PHE CB   C  N N 255 
PHE CG   C  Y N 256 
PHE CD1  C  Y N 257 
PHE CD2  C  Y N 258 
PHE CE1  C  Y N 259 
PHE CE2  C  Y N 260 
PHE CZ   C  Y N 261 
PHE OXT  O  N N 262 
PHE H    H  N N 263 
PHE H2   H  N N 264 
PHE HA   H  N N 265 
PHE HB2  H  N N 266 
PHE HB3  H  N N 267 
PHE HD1  H  N N 268 
PHE HD2  H  N N 269 
PHE HE1  H  N N 270 
PHE HE2  H  N N 271 
PHE HZ   H  N N 272 
PHE HXT  H  N N 273 
PRO N    N  N N 274 
PRO CA   C  N S 275 
PRO C    C  N N 276 
PRO O    O  N N 277 
PRO CB   C  N N 278 
PRO CG   C  N N 279 
PRO CD   C  N N 280 
PRO OXT  O  N N 281 
PRO H    H  N N 282 
PRO HA   H  N N 283 
PRO HB2  H  N N 284 
PRO HB3  H  N N 285 
PRO HG2  H  N N 286 
PRO HG3  H  N N 287 
PRO HD2  H  N N 288 
PRO HD3  H  N N 289 
PRO HXT  H  N N 290 
SER N    N  N N 291 
SER CA   C  N S 292 
SER C    C  N N 293 
SER O    O  N N 294 
SER CB   C  N N 295 
SER OG   O  N N 296 
SER OXT  O  N N 297 
SER H    H  N N 298 
SER H2   H  N N 299 
SER HA   H  N N 300 
SER HB2  H  N N 301 
SER HB3  H  N N 302 
SER HG   H  N N 303 
SER HXT  H  N N 304 
THR N    N  N N 305 
THR CA   C  N S 306 
THR C    C  N N 307 
THR O    O  N N 308 
THR CB   C  N R 309 
THR OG1  O  N N 310 
THR CG2  C  N N 311 
THR OXT  O  N N 312 
THR H    H  N N 313 
THR H2   H  N N 314 
THR HA   H  N N 315 
THR HB   H  N N 316 
THR HG1  H  N N 317 
THR HG21 H  N N 318 
THR HG22 H  N N 319 
THR HG23 H  N N 320 
THR HXT  H  N N 321 
TRP N    N  N N 322 
TRP CA   C  N S 323 
TRP C    C  N N 324 
TRP O    O  N N 325 
TRP CB   C  N N 326 
TRP CG   C  Y N 327 
TRP CD1  C  Y N 328 
TRP CD2  C  Y N 329 
TRP NE1  N  Y N 330 
TRP CE2  C  Y N 331 
TRP CE3  C  Y N 332 
TRP CZ2  C  Y N 333 
TRP CZ3  C  Y N 334 
TRP CH2  C  Y N 335 
TRP OXT  O  N N 336 
TRP H    H  N N 337 
TRP H2   H  N N 338 
TRP HA   H  N N 339 
TRP HB2  H  N N 340 
TRP HB3  H  N N 341 
TRP HD1  H  N N 342 
TRP HE1  H  N N 343 
TRP HE3  H  N N 344 
TRP HZ2  H  N N 345 
TRP HZ3  H  N N 346 
TRP HH2  H  N N 347 
TRP HXT  H  N N 348 
TYR N    N  N N 349 
TYR CA   C  N S 350 
TYR C    C  N N 351 
TYR O    O  N N 352 
TYR CB   C  N N 353 
TYR CG   C  Y N 354 
TYR CD1  C  Y N 355 
TYR CD2  C  Y N 356 
TYR CE1  C  Y N 357 
TYR CE2  C  Y N 358 
TYR CZ   C  Y N 359 
TYR OH   O  N N 360 
TYR OXT  O  N N 361 
TYR H    H  N N 362 
TYR H2   H  N N 363 
TYR HA   H  N N 364 
TYR HB2  H  N N 365 
TYR HB3  H  N N 366 
TYR HD1  H  N N 367 
TYR HD2  H  N N 368 
TYR HE1  H  N N 369 
TYR HE2  H  N N 370 
TYR HH   H  N N 371 
TYR HXT  H  N N 372 
VAL N    N  N N 373 
VAL CA   C  N S 374 
VAL C    C  N N 375 
VAL O    O  N N 376 
VAL CB   C  N N 377 
VAL CG1  C  N N 378 
VAL CG2  C  N N 379 
VAL OXT  O  N N 380 
VAL H    H  N N 381 
VAL H2   H  N N 382 
VAL HA   H  N N 383 
VAL HB   H  N N 384 
VAL HG11 H  N N 385 
VAL HG12 H  N N 386 
VAL HG13 H  N N 387 
VAL HG21 H  N N 388 
VAL HG22 H  N N 389 
VAL HG23 H  N N 390 
VAL HXT  H  N N 391 
# 
loop_
_chem_comp_bond.comp_id 
_chem_comp_bond.atom_id_1 
_chem_comp_bond.atom_id_2 
_chem_comp_bond.value_order 
_chem_comp_bond.pdbx_aromatic_flag 
_chem_comp_bond.pdbx_stereo_config 
_chem_comp_bond.pdbx_ordinal 
ALA N   CA   sing N N 1   
ALA N   H    sing N N 2   
ALA N   H2   sing N N 3   
ALA CA  C    sing N N 4   
ALA CA  CB   sing N N 5   
ALA CA  HA   sing N N 6   
ALA C   O    doub N N 7   
ALA C   OXT  sing N N 8   
ALA CB  HB1  sing N N 9   
ALA CB  HB2  sing N N 10  
ALA CB  HB3  sing N N 11  
ALA OXT HXT  sing N N 12  
ARG N   CA   sing N N 13  
ARG N   H    sing N N 14  
ARG N   H2   sing N N 15  
ARG CA  C    sing N N 16  
ARG CA  CB   sing N N 17  
ARG CA  HA   sing N N 18  
ARG C   O    doub N N 19  
ARG C   OXT  sing N N 20  
ARG CB  CG   sing N N 21  
ARG CB  HB2  sing N N 22  
ARG CB  HB3  sing N N 23  
ARG CG  CD   sing N N 24  
ARG CG  HG2  sing N N 25  
ARG CG  HG3  sing N N 26  
ARG CD  NE   sing N N 27  
ARG CD  HD2  sing N N 28  
ARG CD  HD3  sing N N 29  
ARG NE  CZ   sing N N 30  
ARG NE  HE   sing N N 31  
ARG CZ  NH1  sing N N 32  
ARG CZ  NH2  doub N N 33  
ARG NH1 HH11 sing N N 34  
ARG NH1 HH12 sing N N 35  
ARG NH2 HH21 sing N N 36  
ARG NH2 HH22 sing N N 37  
ARG OXT HXT  sing N N 38  
ASN N   CA   sing N N 39  
ASN N   H    sing N N 40  
ASN N   H2   sing N N 41  
ASN CA  C    sing N N 42  
ASN CA  CB   sing N N 43  
ASN CA  HA   sing N N 44  
ASN C   O    doub N N 45  
ASN C   OXT  sing N N 46  
ASN CB  CG   sing N N 47  
ASN CB  HB2  sing N N 48  
ASN CB  HB3  sing N N 49  
ASN CG  OD1  doub N N 50  
ASN CG  ND2  sing N N 51  
ASN ND2 HD21 sing N N 52  
ASN ND2 HD22 sing N N 53  
ASN OXT HXT  sing N N 54  
ASP N   CA   sing N N 55  
ASP N   H    sing N N 56  
ASP N   H2   sing N N 57  
ASP CA  C    sing N N 58  
ASP CA  CB   sing N N 59  
ASP CA  HA   sing N N 60  
ASP C   O    doub N N 61  
ASP C   OXT  sing N N 62  
ASP CB  CG   sing N N 63  
ASP CB  HB2  sing N N 64  
ASP CB  HB3  sing N N 65  
ASP CG  OD1  doub N N 66  
ASP CG  OD2  sing N N 67  
ASP OD2 HD2  sing N N 68  
ASP OXT HXT  sing N N 69  
CYS N   CA   sing N N 70  
CYS N   H    sing N N 71  
CYS N   H2   sing N N 72  
CYS CA  C    sing N N 73  
CYS CA  CB   sing N N 74  
CYS CA  HA   sing N N 75  
CYS C   O    doub N N 76  
CYS C   OXT  sing N N 77  
CYS CB  SG   sing N N 78  
CYS CB  HB2  sing N N 79  
CYS CB  HB3  sing N N 80  
CYS SG  HG   sing N N 81  
CYS OXT HXT  sing N N 82  
GLN N   CA   sing N N 83  
GLN N   H    sing N N 84  
GLN N   H2   sing N N 85  
GLN CA  C    sing N N 86  
GLN CA  CB   sing N N 87  
GLN CA  HA   sing N N 88  
GLN C   O    doub N N 89  
GLN C   OXT  sing N N 90  
GLN CB  CG   sing N N 91  
GLN CB  HB2  sing N N 92  
GLN CB  HB3  sing N N 93  
GLN CG  CD   sing N N 94  
GLN CG  HG2  sing N N 95  
GLN CG  HG3  sing N N 96  
GLN CD  OE1  doub N N 97  
GLN CD  NE2  sing N N 98  
GLN NE2 HE21 sing N N 99  
GLN NE2 HE22 sing N N 100 
GLN OXT HXT  sing N N 101 
GLU N   CA   sing N N 102 
GLU N   H    sing N N 103 
GLU N   H2   sing N N 104 
GLU CA  C    sing N N 105 
GLU CA  CB   sing N N 106 
GLU CA  HA   sing N N 107 
GLU C   O    doub N N 108 
GLU C   OXT  sing N N 109 
GLU CB  CG   sing N N 110 
GLU CB  HB2  sing N N 111 
GLU CB  HB3  sing N N 112 
GLU CG  CD   sing N N 113 
GLU CG  HG2  sing N N 114 
GLU CG  HG3  sing N N 115 
GLU CD  OE1  doub N N 116 
GLU CD  OE2  sing N N 117 
GLU OE2 HE2  sing N N 118 
GLU OXT HXT  sing N N 119 
GLY N   CA   sing N N 120 
GLY N   H    sing N N 121 
GLY N   H2   sing N N 122 
GLY CA  C    sing N N 123 
GLY CA  HA2  sing N N 124 
GLY CA  HA3  sing N N 125 
GLY C   O    doub N N 126 
GLY C   OXT  sing N N 127 
GLY OXT HXT  sing N N 128 
HIS N   CA   sing N N 129 
HIS N   H    sing N N 130 
HIS N   H2   sing N N 131 
HIS CA  C    sing N N 132 
HIS CA  CB   sing N N 133 
HIS CA  HA   sing N N 134 
HIS C   O    doub N N 135 
HIS C   OXT  sing N N 136 
HIS CB  CG   sing N N 137 
HIS CB  HB2  sing N N 138 
HIS CB  HB3  sing N N 139 
HIS CG  ND1  sing Y N 140 
HIS CG  CD2  doub Y N 141 
HIS ND1 CE1  doub Y N 142 
HIS ND1 HD1  sing N N 143 
HIS CD2 NE2  sing Y N 144 
HIS CD2 HD2  sing N N 145 
HIS CE1 NE2  sing Y N 146 
HIS CE1 HE1  sing N N 147 
HIS NE2 HE2  sing N N 148 
HIS OXT HXT  sing N N 149 
HOH O   H1   sing N N 150 
HOH O   H2   sing N N 151 
ILE N   CA   sing N N 152 
ILE N   H    sing N N 153 
ILE N   H2   sing N N 154 
ILE CA  C    sing N N 155 
ILE CA  CB   sing N N 156 
ILE CA  HA   sing N N 157 
ILE C   O    doub N N 158 
ILE C   OXT  sing N N 159 
ILE CB  CG1  sing N N 160 
ILE CB  CG2  sing N N 161 
ILE CB  HB   sing N N 162 
ILE CG1 CD1  sing N N 163 
ILE CG1 HG12 sing N N 164 
ILE CG1 HG13 sing N N 165 
ILE CG2 HG21 sing N N 166 
ILE CG2 HG22 sing N N 167 
ILE CG2 HG23 sing N N 168 
ILE CD1 HD11 sing N N 169 
ILE CD1 HD12 sing N N 170 
ILE CD1 HD13 sing N N 171 
ILE OXT HXT  sing N N 172 
LEU N   CA   sing N N 173 
LEU N   H    sing N N 174 
LEU N   H2   sing N N 175 
LEU CA  C    sing N N 176 
LEU CA  CB   sing N N 177 
LEU CA  HA   sing N N 178 
LEU C   O    doub N N 179 
LEU C   OXT  sing N N 180 
LEU CB  CG   sing N N 181 
LEU CB  HB2  sing N N 182 
LEU CB  HB3  sing N N 183 
LEU CG  CD1  sing N N 184 
LEU CG  CD2  sing N N 185 
LEU CG  HG   sing N N 186 
LEU CD1 HD11 sing N N 187 
LEU CD1 HD12 sing N N 188 
LEU CD1 HD13 sing N N 189 
LEU CD2 HD21 sing N N 190 
LEU CD2 HD22 sing N N 191 
LEU CD2 HD23 sing N N 192 
LEU OXT HXT  sing N N 193 
LYS N   CA   sing N N 194 
LYS N   H    sing N N 195 
LYS N   H2   sing N N 196 
LYS CA  C    sing N N 197 
LYS CA  CB   sing N N 198 
LYS CA  HA   sing N N 199 
LYS C   O    doub N N 200 
LYS C   OXT  sing N N 201 
LYS CB  CG   sing N N 202 
LYS CB  HB2  sing N N 203 
LYS CB  HB3  sing N N 204 
LYS CG  CD   sing N N 205 
LYS CG  HG2  sing N N 206 
LYS CG  HG3  sing N N 207 
LYS CD  CE   sing N N 208 
LYS CD  HD2  sing N N 209 
LYS CD  HD3  sing N N 210 
LYS CE  NZ   sing N N 211 
LYS CE  HE2  sing N N 212 
LYS CE  HE3  sing N N 213 
LYS NZ  HZ1  sing N N 214 
LYS NZ  HZ2  sing N N 215 
LYS NZ  HZ3  sing N N 216 
LYS OXT HXT  sing N N 217 
MET N   CA   sing N N 218 
MET N   H    sing N N 219 
MET N   H2   sing N N 220 
MET CA  C    sing N N 221 
MET CA  CB   sing N N 222 
MET CA  HA   sing N N 223 
MET C   O    doub N N 224 
MET C   OXT  sing N N 225 
MET CB  CG   sing N N 226 
MET CB  HB2  sing N N 227 
MET CB  HB3  sing N N 228 
MET CG  SD   sing N N 229 
MET CG  HG2  sing N N 230 
MET CG  HG3  sing N N 231 
MET SD  CE   sing N N 232 
MET CE  HE1  sing N N 233 
MET CE  HE2  sing N N 234 
MET CE  HE3  sing N N 235 
MET OXT HXT  sing N N 236 
PHE N   CA   sing N N 237 
PHE N   H    sing N N 238 
PHE N   H2   sing N N 239 
PHE CA  C    sing N N 240 
PHE CA  CB   sing N N 241 
PHE CA  HA   sing N N 242 
PHE C   O    doub N N 243 
PHE C   OXT  sing N N 244 
PHE CB  CG   sing N N 245 
PHE CB  HB2  sing N N 246 
PHE CB  HB3  sing N N 247 
PHE CG  CD1  doub Y N 248 
PHE CG  CD2  sing Y N 249 
PHE CD1 CE1  sing Y N 250 
PHE CD1 HD1  sing N N 251 
PHE CD2 CE2  doub Y N 252 
PHE CD2 HD2  sing N N 253 
PHE CE1 CZ   doub Y N 254 
PHE CE1 HE1  sing N N 255 
PHE CE2 CZ   sing Y N 256 
PHE CE2 HE2  sing N N 257 
PHE CZ  HZ   sing N N 258 
PHE OXT HXT  sing N N 259 
PRO N   CA   sing N N 260 
PRO N   CD   sing N N 261 
PRO N   H    sing N N 262 
PRO CA  C    sing N N 263 
PRO CA  CB   sing N N 264 
PRO CA  HA   sing N N 265 
PRO C   O    doub N N 266 
PRO C   OXT  sing N N 267 
PRO CB  CG   sing N N 268 
PRO CB  HB2  sing N N 269 
PRO CB  HB3  sing N N 270 
PRO CG  CD   sing N N 271 
PRO CG  HG2  sing N N 272 
PRO CG  HG3  sing N N 273 
PRO CD  HD2  sing N N 274 
PRO CD  HD3  sing N N 275 
PRO OXT HXT  sing N N 276 
SER N   CA   sing N N 277 
SER N   H    sing N N 278 
SER N   H2   sing N N 279 
SER CA  C    sing N N 280 
SER CA  CB   sing N N 281 
SER CA  HA   sing N N 282 
SER C   O    doub N N 283 
SER C   OXT  sing N N 284 
SER CB  OG   sing N N 285 
SER CB  HB2  sing N N 286 
SER CB  HB3  sing N N 287 
SER OG  HG   sing N N 288 
SER OXT HXT  sing N N 289 
THR N   CA   sing N N 290 
THR N   H    sing N N 291 
THR N   H2   sing N N 292 
THR CA  C    sing N N 293 
THR CA  CB   sing N N 294 
THR CA  HA   sing N N 295 
THR C   O    doub N N 296 
THR C   OXT  sing N N 297 
THR CB  OG1  sing N N 298 
THR CB  CG2  sing N N 299 
THR CB  HB   sing N N 300 
THR OG1 HG1  sing N N 301 
THR CG2 HG21 sing N N 302 
THR CG2 HG22 sing N N 303 
THR CG2 HG23 sing N N 304 
THR OXT HXT  sing N N 305 
TRP N   CA   sing N N 306 
TRP N   H    sing N N 307 
TRP N   H2   sing N N 308 
TRP CA  C    sing N N 309 
TRP CA  CB   sing N N 310 
TRP CA  HA   sing N N 311 
TRP C   O    doub N N 312 
TRP C   OXT  sing N N 313 
TRP CB  CG   sing N N 314 
TRP CB  HB2  sing N N 315 
TRP CB  HB3  sing N N 316 
TRP CG  CD1  doub Y N 317 
TRP CG  CD2  sing Y N 318 
TRP CD1 NE1  sing Y N 319 
TRP CD1 HD1  sing N N 320 
TRP CD2 CE2  doub Y N 321 
TRP CD2 CE3  sing Y N 322 
TRP NE1 CE2  sing Y N 323 
TRP NE1 HE1  sing N N 324 
TRP CE2 CZ2  sing Y N 325 
TRP CE3 CZ3  doub Y N 326 
TRP CE3 HE3  sing N N 327 
TRP CZ2 CH2  doub Y N 328 
TRP CZ2 HZ2  sing N N 329 
TRP CZ3 CH2  sing Y N 330 
TRP CZ3 HZ3  sing N N 331 
TRP CH2 HH2  sing N N 332 
TRP OXT HXT  sing N N 333 
TYR N   CA   sing N N 334 
TYR N   H    sing N N 335 
TYR N   H2   sing N N 336 
TYR CA  C    sing N N 337 
TYR CA  CB   sing N N 338 
TYR CA  HA   sing N N 339 
TYR C   O    doub N N 340 
TYR C   OXT  sing N N 341 
TYR CB  CG   sing N N 342 
TYR CB  HB2  sing N N 343 
TYR CB  HB3  sing N N 344 
TYR CG  CD1  doub Y N 345 
TYR CG  CD2  sing Y N 346 
TYR CD1 CE1  sing Y N 347 
TYR CD1 HD1  sing N N 348 
TYR CD2 CE2  doub Y N 349 
TYR CD2 HD2  sing N N 350 
TYR CE1 CZ   doub Y N 351 
TYR CE1 HE1  sing N N 352 
TYR CE2 CZ   sing Y N 353 
TYR CE2 HE2  sing N N 354 
TYR CZ  OH   sing N N 355 
TYR OH  HH   sing N N 356 
TYR OXT HXT  sing N N 357 
VAL N   CA   sing N N 358 
VAL N   H    sing N N 359 
VAL N   H2   sing N N 360 
VAL CA  C    sing N N 361 
VAL CA  CB   sing N N 362 
VAL CA  HA   sing N N 363 
VAL C   O    doub N N 364 
VAL C   OXT  sing N N 365 
VAL CB  CG1  sing N N 366 
VAL CB  CG2  sing N N 367 
VAL CB  HB   sing N N 368 
VAL CG1 HG11 sing N N 369 
VAL CG1 HG12 sing N N 370 
VAL CG1 HG13 sing N N 371 
VAL CG2 HG21 sing N N 372 
VAL CG2 HG22 sing N N 373 
VAL CG2 HG23 sing N N 374 
VAL OXT HXT  sing N N 375 
# 
_atom_sites.entry_id                    3AJW 
_atom_sites.fract_transf_matrix[1][1]   0.00168838 
_atom_sites.fract_transf_matrix[1][2]   -0.00446228 
_atom_sites.fract_transf_matrix[1][3]   0.02129002 
_atom_sites.fract_transf_matrix[2][1]   0.01967740 
_atom_sites.fract_transf_matrix[2][2]   -0.00150150 
_atom_sites.fract_transf_matrix[2][3]   0.00930434 
_atom_sites.fract_transf_matrix[3][1]   -0.00012030 
_atom_sites.fract_transf_matrix[3][2]   0.00507829 
_atom_sites.fract_transf_matrix[3][3]   0.00107392 
_atom_sites.fract_transf_vector[1]      0.343134 
_atom_sites.fract_transf_vector[2]      0.313821 
_atom_sites.fract_transf_vector[3]      0.574755 
# 
loop_
_atom_type.symbol 
C  
HG 
N  
O  
S  
# 
loop_
_atom_site.group_PDB 
_atom_site.id 
_atom_site.type_symbol 
_atom_site.label_atom_id 
_atom_site.label_alt_id 
_atom_site.label_comp_id 
_atom_site.label_asym_id 
_atom_site.label_entity_id 
_atom_site.label_seq_id 
_atom_site.pdbx_PDB_ins_code 
_atom_site.Cartn_x 
_atom_site.Cartn_y 
_atom_site.Cartn_z 
_atom_site.occupancy 
_atom_site.B_iso_or_equiv 
_atom_site.pdbx_formal_charge 
_atom_site.auth_seq_id 
_atom_site.auth_comp_id 
_atom_site.auth_asym_id 
_atom_site.auth_atom_id 
_atom_site.pdbx_PDB_model_num 
ATOM   1    N  N   . GLN A 1 6   ? -3.974  -34.206 -3.143  1.00 75.04 ? 3   GLN A N   1 
ATOM   2    C  CA  . GLN A 1 6   ? -5.328  -33.837 -3.670  1.00 74.97 ? 3   GLN A CA  1 
ATOM   3    C  C   . GLN A 1 6   ? -5.293  -32.652 -4.610  1.00 74.34 ? 3   GLN A C   1 
ATOM   4    O  O   . GLN A 1 6   ? -5.988  -32.618 -5.608  1.00 74.56 ? 3   GLN A O   1 
ATOM   5    C  CB  . GLN A 1 6   ? -6.303  -33.505 -2.524  1.00 75.46 ? 3   GLN A CB  1 
ATOM   6    C  CG  . GLN A 1 6   ? -7.682  -33.069 -3.068  1.00 76.29 ? 3   GLN A CG  1 
ATOM   7    C  CD  . GLN A 1 6   ? -8.766  -34.112 -2.862  1.00 76.89 ? 3   GLN A CD  1 
ATOM   8    O  OE1 . GLN A 1 6   ? -9.687  -34.247 -3.672  1.00 76.74 ? 3   GLN A OE1 1 
ATOM   9    N  NE2 . GLN A 1 6   ? -8.664  -34.853 -1.761  1.00 76.89 ? 3   GLN A NE2 1 
ATOM   10   N  N   . HIS A 1 7   ? -4.504  -31.654 -4.254  1.00 73.19 ? 4   HIS A N   1 
ATOM   11   C  CA  . HIS A 1 7   ? -4.385  -30.441 -5.062  1.00 71.45 ? 4   HIS A CA  1 
ATOM   12   C  C   . HIS A 1 7   ? -4.190  -30.809 -6.546  1.00 68.89 ? 4   HIS A C   1 
ATOM   13   O  O   . HIS A 1 7   ? -3.892  -31.956 -6.893  1.00 69.23 ? 4   HIS A O   1 
ATOM   14   C  CB  . HIS A 1 7   ? -3.176  -29.626 -4.577  1.00 73.25 ? 4   HIS A CB  1 
ATOM   15   C  CG  . HIS A 1 7   ? -1.937  -30.453 -4.420  1.00 75.17 ? 4   HIS A CG  1 
ATOM   16   N  ND1 . HIS A 1 7   ? -1.950  -31.826 -4.560  1.00 76.49 ? 4   HIS A ND1 1 
ATOM   17   C  CD2 . HIS A 1 7   ? -0.666  -30.122 -4.090  1.00 75.58 ? 4   HIS A CD2 1 
ATOM   18   C  CE1 . HIS A 1 7   ? -0.741  -32.303 -4.320  1.00 76.31 ? 4   HIS A CE1 1 
ATOM   19   N  NE2 . HIS A 1 7   ? 0.055   -31.291 -4.032  1.00 76.47 ? 4   HIS A NE2 1 
ATOM   20   N  N   . GLY A 1 8   ? -4.379  -29.833 -7.422  1.00 65.80 ? 5   GLY A N   1 
ATOM   21   C  CA  . GLY A 1 8   ? -4.184  -30.086 -8.832  1.00 61.48 ? 5   GLY A CA  1 
ATOM   22   C  C   . GLY A 1 8   ? -3.160  -29.114 -9.387  1.00 58.31 ? 5   GLY A C   1 
ATOM   23   O  O   . GLY A 1 8   ? -2.553  -28.337 -8.634  1.00 58.74 ? 5   GLY A O   1 
ATOM   24   N  N   . ALA A 1 9   ? -2.970  -29.126 -10.700 1.00 54.11 ? 6   ALA A N   1 
ATOM   25   C  CA  . ALA A 1 9   ? -2.010  -28.207 -11.297 1.00 50.44 ? 6   ALA A CA  1 
ATOM   26   C  C   . ALA A 1 9   ? -2.381  -26.750 -11.028 1.00 47.69 ? 6   ALA A C   1 
ATOM   27   O  O   . ALA A 1 9   ? -1.644  -26.001 -10.372 1.00 46.96 ? 6   ALA A O   1 
ATOM   28   C  CB  . ALA A 1 9   ? -1.932  -28.440 -12.786 1.00 50.13 ? 6   ALA A CB  1 
ATOM   29   N  N   . LEU A 1 10  ? -3.548  -26.374 -11.538 1.00 44.42 ? 7   LEU A N   1 
ATOM   30   C  CA  . LEU A 1 10  ? -4.062  -25.026 -11.420 1.00 42.63 ? 7   LEU A CA  1 
ATOM   31   C  C   . LEU A 1 10  ? -4.354  -24.607 -9.994  1.00 41.23 ? 7   LEU A C   1 
ATOM   32   O  O   . LEU A 1 10  ? -3.910  -23.546 -9.554  1.00 39.32 ? 7   LEU A O   1 
ATOM   33   C  CB  . LEU A 1 10  ? -5.342  -24.880 -12.248 1.00 42.56 ? 7   LEU A CB  1 
ATOM   34   C  CG  . LEU A 1 10  ? -5.209  -25.106 -13.754 1.00 43.09 ? 7   LEU A CG  1 
ATOM   35   C  CD1 . LEU A 1 10  ? -6.548  -24.861 -14.434 1.00 43.39 ? 7   LEU A CD1 1 
ATOM   36   C  CD2 . LEU A 1 10  ? -4.155  -24.163 -14.309 1.00 42.65 ? 7   LEU A CD2 1 
ATOM   37   N  N   . GLU A 1 11  ? -5.089  -25.446 -9.273  1.00 39.13 ? 8   GLU A N   1 
ATOM   38   C  CA  . GLU A 1 11  ? -5.477  -25.117 -7.913  1.00 39.58 ? 8   GLU A CA  1 
ATOM   39   C  C   . GLU A 1 11  ? -4.344  -24.731 -6.980  1.00 37.49 ? 8   GLU A C   1 
ATOM   40   O  O   . GLU A 1 11  ? -4.461  -23.755 -6.244  1.00 37.51 ? 8   GLU A O   1 
ATOM   41   C  CB  . GLU A 1 11  ? -6.270  -26.256 -7.280  1.00 41.97 ? 8   GLU A CB  1 
ATOM   42   C  CG  . GLU A 1 11  ? -7.021  -25.806 -6.035  1.00 46.19 ? 8   GLU A CG  1 
ATOM   43   C  CD  . GLU A 1 11  ? -8.093  -24.777 -6.341  1.00 48.55 ? 8   GLU A CD  1 
ATOM   44   O  OE1 . GLU A 1 11  ? -9.013  -25.096 -7.122  1.00 50.32 ? 8   GLU A OE1 1 
ATOM   45   O  OE2 . GLU A 1 11  ? -8.017  -23.651 -5.801  1.00 49.48 ? 8   GLU A OE2 1 
ATOM   46   N  N   . THR A 1 12  ? -3.260  -25.498 -6.991  1.00 35.89 ? 9   THR A N   1 
ATOM   47   C  CA  . THR A 1 12  ? -2.127  -25.206 -6.124  1.00 35.26 ? 9   THR A CA  1 
ATOM   48   C  C   . THR A 1 12  ? -1.524  -23.854 -6.507  1.00 32.78 ? 9   THR A C   1 
ATOM   49   O  O   . THR A 1 12  ? -1.175  -23.052 -5.642  1.00 33.92 ? 9   THR A O   1 
ATOM   50   C  CB  . THR A 1 12  ? -1.046  -26.292 -6.241  1.00 36.81 ? 9   THR A CB  1 
ATOM   51   O  OG1 . THR A 1 12  ? -1.666  -27.583 -6.225  1.00 41.72 ? 9   THR A OG1 1 
ATOM   52   C  CG2 . THR A 1 12  ? -0.087  -26.210 -5.069  1.00 38.59 ? 9   THR A CG2 1 
ATOM   53   N  N   . LEU A 1 13  ? -1.415  -23.608 -7.808  1.00 29.72 ? 10  LEU A N   1 
ATOM   54   C  CA  . LEU A 1 13  ? -0.861  -22.360 -8.317  1.00 28.81 ? 10  LEU A CA  1 
ATOM   55   C  C   . LEU A 1 13  ? -1.802  -21.193 -8.052  1.00 28.01 ? 10  LEU A C   1 
ATOM   56   O  O   . LEU A 1 13  ? -1.365  -20.088 -7.741  1.00 25.72 ? 10  LEU A O   1 
ATOM   57   C  CB  . LEU A 1 13  ? -0.592  -22.481 -9.816  1.00 27.14 ? 10  LEU A CB  1 
ATOM   58   C  CG  . LEU A 1 13  ? 0.685   -23.240 -10.194 1.00 28.53 ? 10  LEU A CG  1 
ATOM   59   C  CD1 . LEU A 1 13  ? 0.685   -23.582 -11.687 1.00 26.42 ? 10  LEU A CD1 1 
ATOM   60   C  CD2 . LEU A 1 13  ? 1.891   -22.379 -9.839  1.00 26.42 ? 10  LEU A CD2 1 
ATOM   61   N  N   . LYS A 1 14  ? -3.097  -21.446 -8.177  1.00 27.28 ? 11  LYS A N   1 
ATOM   62   C  CA  . LYS A 1 14  ? -4.090  -20.414 -7.938  1.00 27.42 ? 11  LYS A CA  1 
ATOM   63   C  C   . LYS A 1 14  ? -4.101  -20.078 -6.453  1.00 26.34 ? 11  LYS A C   1 
ATOM   64   O  O   . LYS A 1 14  ? -4.198  -18.914 -6.076  1.00 26.99 ? 11  LYS A O   1 
ATOM   65   C  CB  . LYS A 1 14  ? -5.464  -20.904 -8.393  1.00 28.44 ? 11  LYS A CB  1 
ATOM   66   C  CG  . LYS A 1 14  ? -6.607  -19.947 -8.126  1.00 32.53 ? 11  LYS A CG  1 
ATOM   67   C  CD  . LYS A 1 14  ? -7.244  -20.224 -6.777  1.00 36.66 ? 11  LYS A CD  1 
ATOM   68   C  CE  . LYS A 1 14  ? -8.748  -20.073 -6.869  1.00 37.98 ? 11  LYS A CE  1 
ATOM   69   N  NZ  . LYS A 1 14  ? -9.113  -18.737 -7.410  1.00 40.18 ? 11  LYS A NZ  1 
ATOM   70   N  N   . ASP A 1 15  ? -3.990  -21.102 -5.613  1.00 24.03 ? 12  ASP A N   1 
ATOM   71   C  CA  . ASP A 1 15  ? -3.972  -20.887 -4.172  1.00 25.31 ? 12  ASP A CA  1 
ATOM   72   C  C   . ASP A 1 15  ? -2.771  -20.029 -3.774  1.00 24.11 ? 12  ASP A C   1 
ATOM   73   O  O   . ASP A 1 15  ? -2.878  -19.165 -2.906  1.00 25.01 ? 12  ASP A O   1 
ATOM   74   C  CB  . ASP A 1 15  ? -3.932  -22.222 -3.420  1.00 26.04 ? 12  ASP A CB  1 
ATOM   75   C  CG  . ASP A 1 15  ? -5.260  -22.957 -3.465  1.00 28.59 ? 12  ASP A CG  1 
ATOM   76   O  OD1 . ASP A 1 15  ? -6.264  -22.344 -3.884  1.00 29.76 ? 12  ASP A OD1 1 
ATOM   77   O  OD2 . ASP A 1 15  ? -5.305  -24.142 -3.072  1.00 31.14 ? 12  ASP A OD2 1 
ATOM   78   N  N   . LEU A 1 16  ? -1.631  -20.262 -4.411  1.00 21.58 ? 13  LEU A N   1 
ATOM   79   C  CA  . LEU A 1 16  ? -0.446  -19.480 -4.097  1.00 21.47 ? 13  LEU A CA  1 
ATOM   80   C  C   . LEU A 1 16  ? -0.654  -18.036 -4.534  1.00 21.57 ? 13  LEU A C   1 
ATOM   81   O  O   . LEU A 1 16  ? -0.334  -17.109 -3.797  1.00 22.44 ? 13  LEU A O   1 
ATOM   82   C  CB  . LEU A 1 16  ? 0.792   -20.048 -4.796  1.00 19.36 ? 13  LEU A CB  1 
ATOM   83   C  CG  . LEU A 1 16  ? 2.076   -19.239 -4.587  1.00 22.56 ? 13  LEU A CG  1 
ATOM   84   C  CD1 . LEU A 1 16  ? 2.383   -19.136 -3.082  1.00 20.90 ? 13  LEU A CD1 1 
ATOM   85   C  CD2 . LEU A 1 16  ? 3.233   -19.905 -5.330  1.00 20.01 ? 13  LEU A CD2 1 
ATOM   86   N  N   . ALA A 1 17  ? -1.192  -17.857 -5.739  1.00 20.24 ? 14  ALA A N   1 
ATOM   87   C  CA  . ALA A 1 17  ? -1.437  -16.525 -6.277  1.00 21.31 ? 14  ALA A CA  1 
ATOM   88   C  C   . ALA A 1 17  ? -2.382  -15.740 -5.376  1.00 23.06 ? 14  ALA A C   1 
ATOM   89   O  O   . ALA A 1 17  ? -2.211  -14.540 -5.171  1.00 24.23 ? 14  ALA A O   1 
ATOM   90   C  CB  . ALA A 1 17  ? -2.029  -16.630 -7.684  1.00 20.36 ? 14  ALA A CB  1 
ATOM   91   N  N   . GLU A 1 18  ? -3.383  -16.433 -4.852  1.00 22.22 ? 15  GLU A N   1 
ATOM   92   C  CA  . GLU A 1 18  ? -4.380  -15.831 -3.978  1.00 23.57 ? 15  GLU A CA  1 
ATOM   93   C  C   . GLU A 1 18  ? -3.698  -15.352 -2.702  1.00 22.09 ? 15  GLU A C   1 
ATOM   94   O  O   . GLU A 1 18  ? -3.969  -14.259 -2.207  1.00 19.99 ? 15  GLU A O   1 
ATOM   95   C  CB  . GLU A 1 18  ? -5.449  -16.877 -3.652  1.00 26.57 ? 15  GLU A CB  1 
ATOM   96   C  CG  . GLU A 1 18  ? -6.799  -16.333 -3.238  1.00 33.54 ? 15  GLU A CG  1 
ATOM   97   C  CD  . GLU A 1 18  ? -7.850  -17.434 -3.144  1.00 37.30 ? 15  GLU A CD  1 
ATOM   98   O  OE1 . GLU A 1 18  ? -9.016  -17.123 -2.835  1.00 42.18 ? 15  GLU A OE1 1 
ATOM   99   O  OE2 . GLU A 1 18  ? -7.512  -18.613 -3.382  1.00 37.26 ? 15  GLU A OE2 1 
ATOM   100  N  N   . LYS A 1 19  ? -2.813  -16.185 -2.168  1.00 21.61 ? 16  LYS A N   1 
ATOM   101  C  CA  . LYS A 1 19  ? -2.085  -15.834 -0.959  1.00 22.79 ? 16  LYS A CA  1 
ATOM   102  C  C   . LYS A 1 19  ? -1.160  -14.647 -1.212  1.00 20.62 ? 16  LYS A C   1 
ATOM   103  O  O   . LYS A 1 19  ? -1.015  -13.774 -0.356  1.00 19.18 ? 16  LYS A O   1 
ATOM   104  C  CB  . LYS A 1 19  ? -1.286  -17.038 -0.463  1.00 25.93 ? 16  LYS A CB  1 
ATOM   105  C  CG  . LYS A 1 19  ? -2.165  -18.121 0.149   1.00 30.38 ? 16  LYS A CG  1 
ATOM   106  C  CD  . LYS A 1 19  ? -1.414  -19.427 0.335   1.00 36.50 ? 16  LYS A CD  1 
ATOM   107  C  CE  . LYS A 1 19  ? -2.346  -20.518 0.858   1.00 39.74 ? 16  LYS A CE  1 
ATOM   108  N  NZ  . LYS A 1 19  ? -1.757  -21.868 0.677   1.00 42.28 ? 16  LYS A NZ  1 
ATOM   109  N  N   . GLU A 1 20  ? -0.528  -14.621 -2.383  1.00 18.27 ? 17  GLU A N   1 
ATOM   110  C  CA  . GLU A 1 20  ? 0.361   -13.519 -2.737  1.00 19.92 ? 17  GLU A CA  1 
ATOM   111  C  C   . GLU A 1 20  ? -0.445  -12.222 -2.796  1.00 20.19 ? 17  GLU A C   1 
ATOM   112  O  O   . GLU A 1 20  ? 0.021   -11.165 -2.355  1.00 20.71 ? 17  GLU A O   1 
ATOM   113  C  CB  . GLU A 1 20  ? 1.035   -13.789 -4.088  1.00 20.24 ? 17  GLU A CB  1 
ATOM   114  C  CG  . GLU A 1 20  ? 2.173   -14.795 -3.995  1.00 27.00 ? 17  GLU A CG  1 
ATOM   115  C  CD  . GLU A 1 20  ? 3.358   -14.246 -3.210  1.00 30.04 ? 17  GLU A CD  1 
ATOM   116  O  OE1 . GLU A 1 20  ? 4.132   -13.447 -3.774  1.00 32.68 ? 17  GLU A OE1 1 
ATOM   117  O  OE2 . GLU A 1 20  ? 3.511   -14.601 -2.023  1.00 32.26 ? 17  GLU A OE2 1 
ATOM   118  N  N   . VAL A 1 21  ? -1.658  -12.314 -3.340  1.00 19.40 ? 18  VAL A N   1 
ATOM   119  C  CA  . VAL A 1 21  ? -2.558  -11.164 -3.447  1.00 18.46 ? 18  VAL A CA  1 
ATOM   120  C  C   . VAL A 1 21  ? -2.920  -10.632 -2.065  1.00 16.60 ? 18  VAL A C   1 
ATOM   121  O  O   . VAL A 1 21  ? -2.841  -9.429  -1.808  1.00 17.05 ? 18  VAL A O   1 
ATOM   122  C  CB  . VAL A 1 21  ? -3.874  -11.543 -4.175  1.00 18.35 ? 18  VAL A CB  1 
ATOM   123  C  CG1 . VAL A 1 21  ? -4.926  -10.448 -3.969  1.00 19.30 ? 18  VAL A CG1 1 
ATOM   124  C  CG2 . VAL A 1 21  ? -3.602  -11.735 -5.664  1.00 19.64 ? 18  VAL A CG2 1 
ATOM   125  N  N   . ASP A 1 22  ? -3.336  -11.537 -1.186  1.00 17.07 ? 19  ASP A N   1 
ATOM   126  C  CA  . ASP A 1 22  ? -3.708  -11.160 0.173   1.00 18.61 ? 19  ASP A CA  1 
ATOM   127  C  C   . ASP A 1 22  ? -2.525  -10.519 0.880   1.00 17.35 ? 19  ASP A C   1 
ATOM   128  O  O   . ASP A 1 22  ? -2.674  -9.507  1.555   1.00 16.28 ? 19  ASP A O   1 
ATOM   129  C  CB  . ASP A 1 22  ? -4.175  -12.383 0.968   1.00 18.74 ? 19  ASP A CB  1 
ATOM   130  C  CG  . ASP A 1 22  ? -5.491  -12.940 0.461   1.00 24.02 ? 19  ASP A CG  1 
ATOM   131  O  OD1 . ASP A 1 22  ? -6.217  -12.209 -0.241  1.00 26.19 ? 19  ASP A OD1 1 
ATOM   132  O  OD2 . ASP A 1 22  ? -5.805  -14.105 0.775   1.00 26.40 ? 19  ASP A OD2 1 
ATOM   133  N  N   . ASP A 1 23  ? -1.354  -11.131 0.731   1.00 17.04 ? 20  ASP A N   1 
ATOM   134  C  CA  . ASP A 1 23  ? -0.133  -10.608 1.332   1.00 18.95 ? 20  ASP A CA  1 
ATOM   135  C  C   . ASP A 1 23  ? 0.144   -9.199  0.809   1.00 17.23 ? 20  ASP A C   1 
ATOM   136  O  O   . ASP A 1 23  ? 0.462   -8.290  1.576   1.00 17.36 ? 20  ASP A O   1 
ATOM   137  C  CB  . ASP A 1 23  ? 1.065   -11.503 0.992   1.00 20.04 ? 20  ASP A CB  1 
ATOM   138  C  CG  . ASP A 1 23  ? 1.088   -12.797 1.790   1.00 22.52 ? 20  ASP A CG  1 
ATOM   139  O  OD1 . ASP A 1 23  ? 0.215   -12.990 2.661   1.00 21.68 ? 20  ASP A OD1 1 
ATOM   140  O  OD2 . ASP A 1 23  ? 1.995   -13.625 1.539   1.00 23.63 ? 20  ASP A OD2 1 
ATOM   141  N  N   . ALA A 1 24  ? 0.012   -9.021  -0.502  1.00 16.03 ? 21  ALA A N   1 
ATOM   142  C  CA  . ALA A 1 24  ? 0.272   -7.722  -1.118  1.00 14.85 ? 21  ALA A CA  1 
ATOM   143  C  C   . ALA A 1 24  ? -0.703  -6.649  -0.634  1.00 15.31 ? 21  ALA A C   1 
ATOM   144  O  O   . ALA A 1 24  ? -0.311  -5.499  -0.416  1.00 15.71 ? 21  ALA A O   1 
ATOM   145  C  CB  . ALA A 1 24  ? 0.229   -7.845  -2.643  1.00 12.63 ? 21  ALA A CB  1 
ATOM   146  N  N   . ALA A 1 25  ? -1.966  -7.024  -0.456  1.00 14.19 ? 22  ALA A N   1 
ATOM   147  C  CA  . ALA A 1 25  ? -2.977  -6.085  0.029   1.00 16.94 ? 22  ALA A CA  1 
ATOM   148  C  C   . ALA A 1 25  ? -2.639  -5.651  1.460   1.00 16.24 ? 22  ALA A C   1 
ATOM   149  O  O   . ALA A 1 25  ? -2.785  -4.483  1.815   1.00 16.85 ? 22  ALA A O   1 
ATOM   150  C  CB  . ALA A 1 25  ? -4.372  -6.732  -0.012  1.00 15.08 ? 22  ALA A CB  1 
ATOM   151  N  N   . ARG A 1 26  ? -2.201  -6.587  2.292   1.00 16.91 ? 23  ARG A N   1 
ATOM   152  C  CA  . ARG A 1 26  ? -1.843  -6.206  3.653   1.00 21.74 ? 23  ARG A CA  1 
ATOM   153  C  C   . ARG A 1 26  ? -0.619  -5.307  3.640   1.00 18.26 ? 23  ARG A C   1 
ATOM   154  O  O   . ARG A 1 26  ? -0.544  -4.342  4.397   1.00 18.80 ? 23  ARG A O   1 
ATOM   155  C  CB  . ARG A 1 26  ? -1.578  -7.425  4.532   1.00 24.53 ? 23  ARG A CB  1 
ATOM   156  C  CG  . ARG A 1 26  ? -2.800  -7.818  5.348   1.00 35.75 ? 23  ARG A CG  1 
ATOM   157  C  CD  . ARG A 1 26  ? -3.563  -8.922  4.678   1.00 39.36 ? 23  ARG A CD  1 
ATOM   158  N  NE  . ARG A 1 26  ? -3.092  -10.217 5.145   1.00 46.05 ? 23  ARG A NE  1 
ATOM   159  C  CZ  . ARG A 1 26  ? -3.438  -10.752 6.310   1.00 49.27 ? 23  ARG A CZ  1 
ATOM   160  N  NH1 . ARG A 1 26  ? -2.957  -11.936 6.666   1.00 52.81 ? 23  ARG A NH1 1 
ATOM   161  N  NH2 . ARG A 1 26  ? -4.281  -10.112 7.111   1.00 52.05 ? 23  ARG A NH2 1 
ATOM   162  N  N   . LEU A 1 27  ? 0.340   -5.617  2.776   1.00 16.94 ? 24  LEU A N   1 
ATOM   163  C  CA  . LEU A 1 27  ? 1.537   -4.792  2.693   1.00 16.58 ? 24  LEU A CA  1 
ATOM   164  C  C   . LEU A 1 27  ? 1.109   -3.391  2.260   1.00 16.86 ? 24  LEU A C   1 
ATOM   165  O  O   . LEU A 1 27  ? 1.561   -2.387  2.816   1.00 16.57 ? 24  LEU A O   1 
ATOM   166  C  CB  . LEU A 1 27  ? 2.528   -5.375  1.677   1.00 15.56 ? 24  LEU A CB  1 
ATOM   167  C  CG  . LEU A 1 27  ? 3.835   -4.591  1.508   1.00 19.22 ? 24  LEU A CG  1 
ATOM   168  C  CD1 . LEU A 1 27  ? 4.600   -4.561  2.833   1.00 18.74 ? 24  LEU A CD1 1 
ATOM   169  C  CD2 . LEU A 1 27  ? 4.686   -5.240  0.417   1.00 19.13 ? 24  LEU A CD2 1 
ATOM   170  N  N   . LEU A 1 28  ? 0.226   -3.325  1.268   1.00 16.29 ? 25  LEU A N   1 
ATOM   171  C  CA  . LEU A 1 28  ? -0.246  -2.034  0.783   1.00 17.51 ? 25  LEU A CA  1 
ATOM   172  C  C   . LEU A 1 28  ? -0.912  -1.286  1.928   1.00 17.01 ? 25  LEU A C   1 
ATOM   173  O  O   . LEU A 1 28  ? -0.693  -0.091  2.099   1.00 18.38 ? 25  LEU A O   1 
ATOM   174  C  CB  . LEU A 1 28  ? -1.228  -2.216  -0.380  1.00 16.09 ? 25  LEU A CB  1 
ATOM   175  C  CG  . LEU A 1 28  ? -1.878  -0.939  -0.934  1.00 18.85 ? 25  LEU A CG  1 
ATOM   176  C  CD1 . LEU A 1 28  ? -0.821  0.106   -1.316  1.00 15.87 ? 25  LEU A CD1 1 
ATOM   177  C  CD2 . LEU A 1 28  ? -2.729  -1.316  -2.137  1.00 20.72 ? 25  LEU A CD2 1 
ATOM   178  N  N   . GLY A 1 29  ? -1.705  -2.002  2.722   1.00 17.79 ? 26  GLY A N   1 
ATOM   179  C  CA  . GLY A 1 29  ? -2.379  -1.388  3.856   1.00 16.27 ? 26  GLY A CA  1 
ATOM   180  C  C   . GLY A 1 29  ? -1.396  -0.797  4.852   1.00 16.87 ? 26  GLY A C   1 
ATOM   181  O  O   . GLY A 1 29  ? -1.593  0.307   5.364   1.00 15.13 ? 26  GLY A O   1 
ATOM   182  N  N   . GLU A 1 30  ? -0.338  -1.545  5.148   1.00 16.42 ? 27  GLU A N   1 
ATOM   183  C  CA  . GLU A 1 30  ? 0.682   -1.078  6.076   1.00 15.94 ? 27  GLU A CA  1 
ATOM   184  C  C   . GLU A 1 30  ? 1.368   0.174   5.516   1.00 15.31 ? 27  GLU A C   1 
ATOM   185  O  O   . GLU A 1 30  ? 1.558   1.159   6.223   1.00 14.40 ? 27  GLU A O   1 
ATOM   186  C  CB  . GLU A 1 30  ? 1.709   -2.186  6.314   1.00 17.06 ? 27  GLU A CB  1 
ATOM   187  C  CG  . GLU A 1 30  ? 1.094   -3.460  6.894   1.00 17.61 ? 27  GLU A CG  1 
ATOM   188  C  CD  . GLU A 1 30  ? 2.097   -4.581  7.060   1.00 19.95 ? 27  GLU A CD  1 
ATOM   189  O  OE1 . GLU A 1 30  ? 2.915   -4.790  6.138   1.00 20.79 ? 27  GLU A OE1 1 
ATOM   190  O  OE2 . GLU A 1 30  ? 2.058   -5.264  8.109   1.00 21.15 ? 27  GLU A OE2 1 
ATOM   191  N  N   . MET A 1 31  ? 1.733   0.142   4.240   1.00 12.26 ? 28  MET A N   1 
ATOM   192  C  CA  . MET A 1 31  ? 2.390   1.298   3.632   1.00 15.18 ? 28  MET A CA  1 
ATOM   193  C  C   . MET A 1 31  ? 1.502   2.546   3.625   1.00 18.22 ? 28  MET A C   1 
ATOM   194  O  O   . MET A 1 31  ? 1.968   3.659   3.889   1.00 16.85 ? 28  MET A O   1 
ATOM   195  C  CB  . MET A 1 31  ? 2.838   0.964   2.210   1.00 14.26 ? 28  MET A CB  1 
ATOM   196  C  CG  . MET A 1 31  ? 3.873   -0.140  2.172   1.00 16.01 ? 28  MET A CG  1 
ATOM   197  S  SD  . MET A 1 31  ? 5.201   0.224   3.350   1.00 17.84 ? 28  MET A SD  1 
ATOM   198  C  CE  . MET A 1 31  ? 6.428   -0.994  2.864   1.00 17.45 ? 28  MET A CE  1 
ATOM   199  N  N   . ARG A 1 32  ? 0.218   2.359   3.337   1.00 18.03 ? 29  ARG A N   1 
ATOM   200  C  CA  . ARG A 1 32  ? -0.699  3.490   3.305   1.00 18.98 ? 29  ARG A CA  1 
ATOM   201  C  C   . ARG A 1 32  ? -0.901  4.104   4.686   1.00 17.76 ? 29  ARG A C   1 
ATOM   202  O  O   . ARG A 1 32  ? -0.922  5.323   4.828   1.00 17.06 ? 29  ARG A O   1 
ATOM   203  C  CB  . ARG A 1 32  ? -2.054  3.069   2.741   1.00 21.72 ? 29  ARG A CB  1 
ATOM   204  C  CG  . ARG A 1 32  ? -3.065  4.198   2.796   1.00 29.38 ? 29  ARG A CG  1 
ATOM   205  C  CD  . ARG A 1 32  ? -4.405  3.845   2.176   1.00 36.72 ? 29  ARG A CD  1 
ATOM   206  N  NE  . ARG A 1 32  ? -5.370  4.882   2.522   1.00 44.38 ? 29  ARG A NE  1 
ATOM   207  C  CZ  . ARG A 1 32  ? -5.769  5.130   3.765   1.00 45.91 ? 29  ARG A CZ  1 
ATOM   208  N  NH1 . ARG A 1 32  ? -5.298  4.410   4.777   1.00 48.33 ? 29  ARG A NH1 1 
ATOM   209  N  NH2 . ARG A 1 32  ? -6.612  6.117   4.005   1.00 47.37 ? 29  ARG A NH2 1 
ATOM   210  N  N   . ARG A 1 33  ? -1.070  3.259   5.700   1.00 19.52 ? 30  ARG A N   1 
ATOM   211  C  CA  . ARG A 1 33  ? -1.256  3.752   7.054   1.00 20.06 ? 30  ARG A CA  1 
ATOM   212  C  C   . ARG A 1 33  ? -0.002  4.491   7.494   1.00 19.90 ? 30  ARG A C   1 
ATOM   213  O  O   . ARG A 1 33  ? -0.080  5.518   8.167   1.00 18.78 ? 30  ARG A O   1 
ATOM   214  C  CB  . ARG A 1 33  ? -1.555  2.600   8.021   1.00 23.40 ? 30  ARG A CB  1 
ATOM   215  C  CG  . ARG A 1 33  ? -2.947  1.993   7.863   1.00 26.56 ? 30  ARG A CG  1 
ATOM   216  C  CD  . ARG A 1 33  ? -3.286  1.073   9.034   1.00 29.97 ? 30  ARG A CD  1 
ATOM   217  N  NE  . ARG A 1 33  ? -2.387  -0.079  9.141   1.00 33.15 ? 30  ARG A NE  1 
ATOM   218  C  CZ  . ARG A 1 33  ? -2.470  -1.174  8.386   1.00 33.58 ? 30  ARG A CZ  1 
ATOM   219  N  NH1 . ARG A 1 33  ? -3.411  -1.276  7.457   1.00 34.45 ? 30  ARG A NH1 1 
ATOM   220  N  NH2 . ARG A 1 33  ? -1.621  -2.176  8.575   1.00 31.00 ? 30  ARG A NH2 1 
ATOM   221  N  N   . GLY A 1 34  ? 1.155   3.973   7.097   1.00 17.48 ? 31  GLY A N   1 
ATOM   222  C  CA  . GLY A 1 34  ? 2.403   4.612   7.461   1.00 16.23 ? 31  GLY A CA  1 
ATOM   223  C  C   . GLY A 1 34  ? 2.566   5.972   6.808   1.00 16.53 ? 31  GLY A C   1 
ATOM   224  O  O   . GLY A 1 34  ? 3.025   6.923   7.448   1.00 15.17 ? 31  GLY A O   1 
ATOM   225  N  N   . CYS A 1 35  ? 2.181   6.057   5.535   1.00 13.92 ? 32  CYS A N   1 
ATOM   226  C  CA  . CYS A 1 35  ? 2.285   7.296   4.754   1.00 16.99 ? 32  CYS A CA  1 
ATOM   227  C  C   . CYS A 1 35  ? 1.340   8.372   5.286   1.00 16.23 ? 32  CYS A C   1 
ATOM   228  O  O   . CYS A 1 35  ? 1.673   9.558   5.300   1.00 14.49 ? 32  CYS A O   1 
ATOM   229  C  CB  . CYS A 1 35  ? 1.957   7.004   3.288   1.00 16.37 ? 32  CYS A CB  1 
ATOM   230  S  SG  . CYS A 1 35  ? 2.673   8.161   2.128   1.00 21.70 ? 32  CYS A SG  1 
ATOM   231  N  N   . GLN A 1 36  ? 0.157   7.942   5.715   1.00 18.17 ? 33  GLN A N   1 
ATOM   232  C  CA  . GLN A 1 36  ? -0.850  8.841   6.270   1.00 20.02 ? 33  GLN A CA  1 
ATOM   233  C  C   . GLN A 1 36  ? -0.387  9.384   7.627   1.00 21.11 ? 33  GLN A C   1 
ATOM   234  O  O   . GLN A 1 36  ? -0.617  10.548  7.958   1.00 19.85 ? 33  GLN A O   1 
ATOM   235  C  CB  . GLN A 1 36  ? -2.176  8.099   6.450   1.00 20.29 ? 33  GLN A CB  1 
ATOM   236  C  CG  . GLN A 1 36  ? -2.949  7.818   5.165   1.00 23.57 ? 33  GLN A CG  1 
ATOM   237  C  CD  . GLN A 1 36  ? -3.513  9.083   4.540   1.00 29.13 ? 33  GLN A CD  1 
ATOM   238  O  OE1 . GLN A 1 36  ? -4.074  9.929   5.236   1.00 30.60 ? 33  GLN A OE1 1 
ATOM   239  N  NE2 . GLN A 1 36  ? -3.377  9.213   3.226   1.00 29.91 ? 33  GLN A NE2 1 
ATOM   240  N  N   . GLN A 1 37  ? 0.251   8.533   8.419   1.00 20.82 ? 34  GLN A N   1 
ATOM   241  C  CA  . GLN A 1 37  ? 0.731   8.966   9.722   1.00 22.92 ? 34  GLN A CA  1 
ATOM   242  C  C   . GLN A 1 37  ? 1.919   9.920   9.547   1.00 20.89 ? 34  GLN A C   1 
ATOM   243  O  O   . GLN A 1 37  ? 2.034   10.915  10.260  1.00 22.93 ? 34  GLN A O   1 
ATOM   244  C  CB  . GLN A 1 37  ? 1.112   7.746   10.570  1.00 23.66 ? 34  GLN A CB  1 
ATOM   245  C  CG  . GLN A 1 37  ? 1.879   8.067   11.840  1.00 27.84 ? 34  GLN A CG  1 
ATOM   246  C  CD  . GLN A 1 37  ? 1.081   8.870   12.858  1.00 31.34 ? 34  GLN A CD  1 
ATOM   247  O  OE1 . GLN A 1 37  ? 1.647   9.399   13.813  1.00 34.62 ? 34  GLN A OE1 1 
ATOM   248  N  NE2 . GLN A 1 37  ? -0.229  8.952   12.669  1.00 34.03 ? 34  GLN A NE2 1 
ATOM   249  N  N   . ALA A 1 38  ? 2.789   9.630   8.584   1.00 20.81 ? 35  ALA A N   1 
ATOM   250  C  CA  . ALA A 1 38  ? 3.951   10.482  8.326   1.00 21.21 ? 35  ALA A CA  1 
ATOM   251  C  C   . ALA A 1 38  ? 3.507   11.884  7.914   1.00 22.89 ? 35  ALA A C   1 
ATOM   252  O  O   . ALA A 1 38  ? 4.139   12.878  8.262   1.00 20.53 ? 35  ALA A O   1 
ATOM   253  C  CB  . ALA A 1 38  ? 4.813   9.880   7.231   1.00 18.83 ? 35  ALA A CB  1 
ATOM   254  N  N   . GLU A 1 39  ? 2.416   11.955  7.161   1.00 23.63 ? 36  GLU A N   1 
ATOM   255  C  CA  . GLU A 1 39  ? 1.892   13.231  6.695   1.00 25.74 ? 36  GLU A CA  1 
ATOM   256  C  C   . GLU A 1 39  ? 1.252   14.009  7.849   1.00 27.35 ? 36  GLU A C   1 
ATOM   257  O  O   . GLU A 1 39  ? 1.350   15.237  7.901   1.00 28.24 ? 36  GLU A O   1 
ATOM   258  C  CB  . GLU A 1 39  ? 0.876   12.983  5.573   1.00 28.12 ? 36  GLU A CB  1 
ATOM   259  C  CG  . GLU A 1 39  ? 0.436   14.216  4.806   1.00 32.91 ? 36  GLU A CG  1 
ATOM   260  C  CD  . GLU A 1 39  ? -0.537  15.054  5.594   1.00 34.70 ? 36  GLU A CD  1 
ATOM   261  O  OE1 . GLU A 1 39  ? -1.321  14.462  6.366   1.00 36.92 ? 36  GLU A OE1 1 
ATOM   262  O  OE2 . GLU A 1 39  ? -0.528  16.294  5.436   1.00 36.39 ? 36  GLU A OE2 1 
ATOM   263  N  N   . GLU A 1 40  ? 0.611   13.292  8.770   1.00 27.92 ? 37  GLU A N   1 
ATOM   264  C  CA  . GLU A 1 40  ? -0.033  13.916  9.923   1.00 29.84 ? 37  GLU A CA  1 
ATOM   265  C  C   . GLU A 1 40  ? 1.041   14.481  10.843  1.00 29.38 ? 37  GLU A C   1 
ATOM   266  O  O   . GLU A 1 40  ? 0.893   15.577  11.383  1.00 29.74 ? 37  GLU A O   1 
ATOM   267  C  CB  . GLU A 1 40  ? -0.873  12.901  10.708  1.00 34.31 ? 37  GLU A CB  1 
ATOM   268  C  CG  . GLU A 1 40  ? -2.040  13.534  11.475  1.00 42.93 ? 37  GLU A CG  1 
ATOM   269  C  CD  . GLU A 1 40  ? -2.117  13.110  12.933  1.00 46.31 ? 37  GLU A CD  1 
ATOM   270  O  OE1 . GLU A 1 40  ? -2.123  11.890  13.212  1.00 49.65 ? 37  GLU A OE1 1 
ATOM   271  O  OE2 . GLU A 1 40  ? -2.186  14.005  13.806  1.00 49.53 ? 37  GLU A OE2 1 
ATOM   272  N  N   . GLN A 1 41  ? 2.120   13.726  11.028  1.00 25.76 ? 38  GLN A N   1 
ATOM   273  C  CA  . GLN A 1 41  ? 3.213   14.183  11.879  1.00 25.73 ? 38  GLN A CA  1 
ATOM   274  C  C   . GLN A 1 41  ? 3.863   15.422  11.266  1.00 26.64 ? 38  GLN A C   1 
ATOM   275  O  O   . GLN A 1 41  ? 4.176   16.379  11.971  1.00 25.73 ? 38  GLN A O   1 
ATOM   276  C  CB  . GLN A 1 41  ? 4.262   13.081  12.052  1.00 23.24 ? 38  GLN A CB  1 
ATOM   277  C  CG  . GLN A 1 41  ? 3.756   11.838  12.775  1.00 22.40 ? 38  GLN A CG  1 
ATOM   278  C  CD  . GLN A 1 41  ? 4.850   10.808  13.000  1.00 22.14 ? 38  GLN A CD  1 
ATOM   279  O  OE1 . GLN A 1 41  ? 5.988   10.995  12.583  1.00 23.43 ? 38  GLN A OE1 1 
ATOM   280  N  NE2 . GLN A 1 41  ? 4.504   9.710   13.665  1.00 26.55 ? 38  GLN A NE2 1 
ATOM   281  N  N   . LEU A 1 42  ? 4.077   15.394  9.952   1.00 25.33 ? 39  LEU A N   1 
ATOM   282  C  CA  . LEU A 1 42  ? 4.677   16.528  9.259   1.00 27.82 ? 39  LEU A CA  1 
ATOM   283  C  C   . LEU A 1 42  ? 3.753   17.735  9.389   1.00 30.38 ? 39  LEU A C   1 
ATOM   284  O  O   . LEU A 1 42  ? 4.200   18.854  9.647   1.00 29.89 ? 39  LEU A O   1 
ATOM   285  C  CB  . LEU A 1 42  ? 4.893   16.204  7.776   1.00 26.07 ? 39  LEU A CB  1 
ATOM   286  C  CG  . LEU A 1 42  ? 5.233   17.393  6.865   1.00 27.85 ? 39  LEU A CG  1 
ATOM   287  C  CD1 . LEU A 1 42  ? 6.467   18.102  7.391   1.00 29.15 ? 39  LEU A CD1 1 
ATOM   288  C  CD2 . LEU A 1 42  ? 5.460   16.920  5.438   1.00 27.90 ? 39  LEU A CD2 1 
ATOM   289  N  N   . LYS A 1 43  ? 2.462   17.489  9.209   1.00 31.71 ? 40  LYS A N   1 
ATOM   290  C  CA  . LYS A 1 43  ? 1.448   18.527  9.306   1.00 34.21 ? 40  LYS A CA  1 
ATOM   291  C  C   . LYS A 1 43  ? 1.494   19.234  10.656  1.00 33.31 ? 40  LYS A C   1 
ATOM   292  O  O   . LYS A 1 43  ? 1.488   20.460  10.719  1.00 34.05 ? 40  LYS A O   1 
ATOM   293  C  CB  . LYS A 1 43  ? 0.067   17.907  9.076   1.00 36.94 ? 40  LYS A CB  1 
ATOM   294  C  CG  . LYS A 1 43  ? -1.071  18.609  9.787   1.00 41.04 ? 40  LYS A CG  1 
ATOM   295  C  CD  . LYS A 1 43  ? -1.681  17.687  10.827  1.00 45.01 ? 40  LYS A CD  1 
ATOM   296  C  CE  . LYS A 1 43  ? -2.701  18.418  11.684  1.00 47.86 ? 40  LYS A CE  1 
ATOM   297  N  NZ  . LYS A 1 43  ? -2.067  19.492  12.503  1.00 49.19 ? 40  LYS A NZ  1 
ATOM   298  N  N   . MET A 1 44  ? 1.539   18.453  11.730  1.00 32.61 ? 41  MET A N   1 
ATOM   299  C  CA  . MET A 1 44  ? 1.589   18.996  13.081  1.00 34.74 ? 41  MET A CA  1 
ATOM   300  C  C   . MET A 1 44  ? 2.779   19.929  13.265  1.00 34.08 ? 41  MET A C   1 
ATOM   301  O  O   . MET A 1 44  ? 2.661   20.977  13.899  1.00 32.39 ? 41  MET A O   1 
ATOM   302  C  CB  . MET A 1 44  ? 1.688   17.863  14.101  1.00 38.76 ? 41  MET A CB  1 
ATOM   303  C  CG  . MET A 1 44  ? 0.566   16.855  14.004  1.00 46.69 ? 41  MET A CG  1 
ATOM   304  S  SD  . MET A 1 44  ? -1.010  17.509  14.552  1.00 55.15 ? 41  MET A SD  1 
ATOM   305  C  CE  . MET A 1 44  ? -1.458  16.254  15.776  1.00 54.47 ? 41  MET A CE  1 
ATOM   306  N  N   . LEU A 1 45  ? 3.926   19.540  12.719  1.00 31.14 ? 42  LEU A N   1 
ATOM   307  C  CA  . LEU A 1 45  ? 5.127   20.356  12.847  1.00 32.07 ? 42  LEU A CA  1 
ATOM   308  C  C   . LEU A 1 45  ? 4.991   21.679  12.115  1.00 32.07 ? 42  LEU A C   1 
ATOM   309  O  O   . LEU A 1 45  ? 5.392   22.721  12.628  1.00 30.48 ? 42  LEU A O   1 
ATOM   310  C  CB  . LEU A 1 45  ? 6.348   19.598  12.325  1.00 29.20 ? 42  LEU A CB  1 
ATOM   311  C  CG  . LEU A 1 45  ? 6.700   18.369  13.166  1.00 30.87 ? 42  LEU A CG  1 
ATOM   312  C  CD1 . LEU A 1 45  ? 7.869   17.637  12.542  1.00 30.06 ? 42  LEU A CD1 1 
ATOM   313  C  CD2 . LEU A 1 45  ? 7.035   18.805  14.584  1.00 30.27 ? 42  LEU A CD2 1 
ATOM   314  N  N   . ILE A 1 46  ? 4.419   21.643  10.919  1.00 33.00 ? 43  ILE A N   1 
ATOM   315  C  CA  . ILE A 1 46  ? 4.251   22.868  10.156  1.00 37.69 ? 43  ILE A CA  1 
ATOM   316  C  C   . ILE A 1 46  ? 3.261   23.807  10.848  1.00 38.90 ? 43  ILE A C   1 
ATOM   317  O  O   . ILE A 1 46  ? 3.412   25.025  10.780  1.00 39.49 ? 43  ILE A O   1 
ATOM   318  C  CB  . ILE A 1 46  ? 3.809   22.566  8.709   1.00 38.16 ? 43  ILE A CB  1 
ATOM   319  C  CG1 . ILE A 1 46  ? 4.924   21.787  8.004   1.00 39.08 ? 43  ILE A CG1 1 
ATOM   320  C  CG2 . ILE A 1 46  ? 3.514   23.864  7.964   1.00 38.83 ? 43  ILE A CG2 1 
ATOM   321  C  CD1 . ILE A 1 46  ? 4.644   21.441  6.557   1.00 42.36 ? 43  ILE A CD1 1 
ATOM   322  N  N   . ASP A 1 47  ? 2.260   23.247  11.524  1.00 39.35 ? 44  ASP A N   1 
ATOM   323  C  CA  . ASP A 1 47  ? 1.296   24.072  12.243  1.00 41.86 ? 44  ASP A CA  1 
ATOM   324  C  C   . ASP A 1 47  ? 1.993   24.683  13.452  1.00 43.91 ? 44  ASP A C   1 
ATOM   325  O  O   . ASP A 1 47  ? 1.800   25.857  13.768  1.00 45.41 ? 44  ASP A O   1 
ATOM   326  C  CB  . ASP A 1 47  ? 0.101   23.244  12.724  1.00 40.70 ? 44  ASP A CB  1 
ATOM   327  C  CG  . ASP A 1 47  ? -0.792  22.792  11.588  1.00 40.03 ? 44  ASP A CG  1 
ATOM   328  O  OD1 . ASP A 1 47  ? -0.715  23.382  10.493  1.00 38.17 ? 44  ASP A OD1 1 
ATOM   329  O  OD2 . ASP A 1 47  ? -1.580  21.850  11.798  1.00 41.83 ? 44  ASP A OD2 1 
ATOM   330  N  N   . TYR A 1 48  ? 2.799   23.870  14.128  1.00 45.29 ? 45  TYR A N   1 
ATOM   331  C  CA  . TYR A 1 48  ? 3.543   24.320  15.296  1.00 47.46 ? 45  TYR A CA  1 
ATOM   332  C  C   . TYR A 1 48  ? 4.406   25.493  14.856  1.00 47.51 ? 45  TYR A C   1 
ATOM   333  O  O   . TYR A 1 48  ? 4.524   26.496  15.559  1.00 47.16 ? 45  TYR A O   1 
ATOM   334  C  CB  . TYR A 1 48  ? 4.423   23.179  15.815  1.00 49.61 ? 45  TYR A CB  1 
ATOM   335  C  CG  . TYR A 1 48  ? 5.096   23.426  17.152  1.00 52.43 ? 45  TYR A CG  1 
ATOM   336  C  CD1 . TYR A 1 48  ? 4.737   24.510  17.958  1.00 53.86 ? 45  TYR A CD1 1 
ATOM   337  C  CD2 . TYR A 1 48  ? 6.076   22.553  17.626  1.00 52.76 ? 45  TYR A CD2 1 
ATOM   338  C  CE1 . TYR A 1 48  ? 5.337   24.714  19.203  1.00 54.10 ? 45  TYR A CE1 1 
ATOM   339  C  CE2 . TYR A 1 48  ? 6.679   22.745  18.865  1.00 54.41 ? 45  TYR A CE2 1 
ATOM   340  C  CZ  . TYR A 1 48  ? 6.305   23.826  19.650  1.00 55.09 ? 45  TYR A CZ  1 
ATOM   341  O  OH  . TYR A 1 48  ? 6.901   24.012  20.878  1.00 55.65 ? 45  TYR A OH  1 
ATOM   342  N  N   . GLN A 1 49  ? 4.993   25.361  13.672  1.00 48.24 ? 46  GLN A N   1 
ATOM   343  C  CA  . GLN A 1 49  ? 5.848   26.398  13.119  1.00 48.98 ? 46  GLN A CA  1 
ATOM   344  C  C   . GLN A 1 49  ? 5.074   27.683  12.868  1.00 51.02 ? 46  GLN A C   1 
ATOM   345  O  O   . GLN A 1 49  ? 5.486   28.757  13.302  1.00 50.79 ? 46  GLN A O   1 
ATOM   346  C  CB  . GLN A 1 49  ? 6.462   25.930  11.805  1.00 49.11 ? 46  GLN A CB  1 
ATOM   347  C  CG  . GLN A 1 49  ? 7.474   26.895  11.231  1.00 49.16 ? 46  GLN A CG  1 
ATOM   348  C  CD  . GLN A 1 49  ? 7.855   26.548  9.811   1.00 49.50 ? 46  GLN A CD  1 
ATOM   349  O  OE1 . GLN A 1 49  ? 7.069   26.737  8.883   1.00 51.55 ? 46  GLN A OE1 1 
ATOM   350  N  NE2 . GLN A 1 49  ? 9.062   26.025  9.633   1.00 46.87 ? 46  GLN A NE2 1 
ATOM   351  N  N   . ASN A 1 50  ? 3.956   27.575  12.157  1.00 52.26 ? 47  ASN A N   1 
ATOM   352  C  CA  . ASN A 1 50  ? 3.154   28.752  11.855  1.00 53.82 ? 47  ASN A CA  1 
ATOM   353  C  C   . ASN A 1 50  ? 2.637   29.449  13.107  1.00 54.26 ? 47  ASN A C   1 
ATOM   354  O  O   . ASN A 1 50  ? 2.745   30.668  13.225  1.00 54.28 ? 47  ASN A O   1 
ATOM   355  C  CB  . ASN A 1 50  ? 1.985   28.387  10.936  1.00 54.08 ? 47  ASN A CB  1 
ATOM   356  C  CG  . ASN A 1 50  ? 2.437   28.065  9.525   1.00 54.58 ? 47  ASN A CG  1 
ATOM   357  O  OD1 . ASN A 1 50  ? 3.456   28.574  9.060   1.00 55.76 ? 47  ASN A OD1 1 
ATOM   358  N  ND2 . ASN A 1 50  ? 1.670   27.234  8.829   1.00 55.57 ? 47  ASN A ND2 1 
ATOM   359  N  N   . GLU A 1 51  ? 2.082   28.681  14.040  1.00 55.42 ? 48  GLU A N   1 
ATOM   360  C  CA  . GLU A 1 51  ? 1.561   29.249  15.278  1.00 56.91 ? 48  GLU A CA  1 
ATOM   361  C  C   . GLU A 1 51  ? 2.685   29.947  16.029  1.00 58.69 ? 48  GLU A C   1 
ATOM   362  O  O   . GLU A 1 51  ? 2.486   31.000  16.635  1.00 58.64 ? 48  GLU A O   1 
ATOM   363  C  CB  . GLU A 1 51  ? 0.958   28.157  16.144  1.00 57.02 ? 48  GLU A CB  1 
ATOM   364  N  N   . TYR A 1 52  ? 3.868   29.346  15.987  1.00 60.35 ? 49  TYR A N   1 
ATOM   365  C  CA  . TYR A 1 52  ? 5.030   29.906  16.655  1.00 61.81 ? 49  TYR A CA  1 
ATOM   366  C  C   . TYR A 1 52  ? 5.393   31.228  15.987  1.00 63.56 ? 49  TYR A C   1 
ATOM   367  O  O   . TYR A 1 52  ? 5.765   32.190  16.654  1.00 63.77 ? 49  TYR A O   1 
ATOM   368  C  CB  . TYR A 1 52  ? 6.212   28.940  16.561  1.00 60.69 ? 49  TYR A CB  1 
ATOM   369  C  CG  . TYR A 1 52  ? 7.442   29.410  17.297  1.00 59.45 ? 49  TYR A CG  1 
ATOM   370  C  CD1 . TYR A 1 52  ? 7.523   29.331  18.687  1.00 59.19 ? 49  TYR A CD1 1 
ATOM   371  C  CD2 . TYR A 1 52  ? 8.523   29.949  16.604  1.00 59.76 ? 49  TYR A CD2 1 
ATOM   372  C  CE1 . TYR A 1 52  ? 8.655   29.779  19.368  1.00 59.09 ? 49  TYR A CE1 1 
ATOM   373  C  CE2 . TYR A 1 52  ? 9.656   30.401  17.273  1.00 59.69 ? 49  TYR A CE2 1 
ATOM   374  C  CZ  . TYR A 1 52  ? 9.717   30.312  18.654  1.00 59.66 ? 49  TYR A CZ  1 
ATOM   375  O  OH  . TYR A 1 52  ? 10.840  30.756  19.316  1.00 58.85 ? 49  TYR A OH  1 
ATOM   376  N  N   . ARG A 1 53  ? 5.273   31.266  14.664  1.00 65.61 ? 50  ARG A N   1 
ATOM   377  C  CA  . ARG A 1 53  ? 5.587   32.466  13.899  1.00 67.68 ? 50  ARG A CA  1 
ATOM   378  C  C   . ARG A 1 53  ? 4.542   33.569  14.060  1.00 69.17 ? 50  ARG A C   1 
ATOM   379  O  O   . ARG A 1 53  ? 4.861   34.665  14.517  1.00 69.64 ? 50  ARG A O   1 
ATOM   380  C  CB  . ARG A 1 53  ? 5.731   32.128  12.418  1.00 68.16 ? 50  ARG A CB  1 
ATOM   381  C  CG  . ARG A 1 53  ? 7.165   31.967  11.963  1.00 68.02 ? 50  ARG A CG  1 
ATOM   382  C  CD  . ARG A 1 53  ? 7.368   32.668  10.633  1.00 69.17 ? 50  ARG A CD  1 
ATOM   383  N  NE  . ARG A 1 53  ? 8.754   32.602  10.187  1.00 69.79 ? 50  ARG A NE  1 
ATOM   384  C  CZ  . ARG A 1 53  ? 9.387   31.473  9.892   1.00 70.45 ? 50  ARG A CZ  1 
ATOM   385  N  NH1 . ARG A 1 53  ? 8.754   30.312  9.995   1.00 69.85 ? 50  ARG A NH1 1 
ATOM   386  N  NH2 . ARG A 1 53  ? 10.653  31.502  9.496   1.00 70.03 ? 50  ARG A NH2 1 
ATOM   387  N  N   . SER A 1 54  ? 3.301   33.280  13.672  1.00 70.89 ? 51  SER A N   1 
ATOM   388  C  CA  . SER A 1 54  ? 2.200   34.240  13.779  1.00 72.30 ? 51  SER A CA  1 
ATOM   389  C  C   . SER A 1 54  ? 2.254   34.921  15.146  1.00 72.89 ? 51  SER A C   1 
ATOM   390  O  O   . SER A 1 54  ? 1.767   36.043  15.327  1.00 73.11 ? 51  SER A O   1 
ATOM   391  C  CB  . SER A 1 54  ? 0.855   33.516  13.625  1.00 72.68 ? 51  SER A CB  1 
ATOM   392  O  OG  . SER A 1 54  ? 0.726   32.945  12.338  1.00 72.73 ? 51  SER A OG  1 
ATOM   393  N  N   . ASN A 1 55  ? 2.869   34.211  16.089  1.00 73.28 ? 52  ASN A N   1 
ATOM   394  C  CA  . ASN A 1 55  ? 3.049   34.602  17.490  1.00 73.56 ? 52  ASN A CA  1 
ATOM   395  C  C   . ASN A 1 55  ? 4.220   35.528  17.780  1.00 73.42 ? 52  ASN A C   1 
ATOM   396  O  O   . ASN A 1 55  ? 4.246   36.191  18.821  1.00 73.80 ? 52  ASN A O   1 
ATOM   397  C  CB  . ASN A 1 55  ? 3.304   33.354  18.320  1.00 74.50 ? 52  ASN A CB  1 
ATOM   398  C  CG  . ASN A 1 55  ? 3.563   33.669  19.783  1.00 75.47 ? 52  ASN A CG  1 
ATOM   399  O  OD1 . ASN A 1 55  ? 4.511   33.166  20.379  1.00 76.18 ? 52  ASN A OD1 1 
ATOM   400  N  ND2 . ASN A 1 55  ? 2.699   34.489  20.374  1.00 75.62 ? 52  ASN A ND2 1 
ATOM   401  N  N   . LEU A 1 56  ? 5.210   35.531  16.899  1.00 72.22 ? 53  LEU A N   1 
ATOM   402  C  CA  . LEU A 1 56  ? 6.399   36.320  17.129  1.00 70.88 ? 53  LEU A CA  1 
ATOM   403  C  C   . LEU A 1 56  ? 6.173   37.826  17.033  1.00 70.20 ? 53  LEU A C   1 
ATOM   404  O  O   . LEU A 1 56  ? 6.973   38.534  16.414  1.00 70.66 ? 53  LEU A O   1 
ATOM   405  C  CB  . LEU A 1 56  ? 7.492   35.870  16.159  1.00 70.11 ? 53  LEU A CB  1 
ATOM   406  C  CG  . LEU A 1 56  ? 7.697   36.560  14.801  1.00 69.38 ? 53  LEU A CG  1 
ATOM   407  C  CD1 . LEU A 1 56  ? 9.195   36.792  14.596  1.00 69.00 ? 53  LEU A CD1 1 
ATOM   408  C  CD2 . LEU A 1 56  ? 7.128   35.735  13.660  1.00 68.72 ? 53  LEU A CD2 1 
ATOM   409  N  N   . ASN A 1 57  ? 5.087   38.326  17.623  1.00 69.00 ? 54  ASN A N   1 
ATOM   410  C  CA  . ASN A 1 57  ? 4.867   39.765  17.604  1.00 67.94 ? 54  ASN A CA  1 
ATOM   411  C  C   . ASN A 1 57  ? 4.512   40.277  18.989  1.00 68.01 ? 54  ASN A C   1 
ATOM   412  O  O   . ASN A 1 57  ? 5.036   41.348  19.405  1.00 68.12 ? 54  ASN A O   1 
ATOM   413  C  CB  . ASN A 1 57  ? 3.741   40.192  16.648  1.00 66.48 ? 54  ASN A CB  1 
ATOM   414  C  CG  . ASN A 1 57  ? 3.659   39.354  15.388  1.00 65.47 ? 54  ASN A CG  1 
ATOM   415  O  OD1 . ASN A 1 57  ? 3.741   39.891  14.272  1.00 65.74 ? 54  ASN A OD1 1 
ATOM   416  N  ND2 . ASN A 1 57  ? 3.469   38.045  15.544  1.00 63.14 ? 54  ASN A ND2 1 
ATOM   417  N  N   . MET A 1 60  ? 9.155   42.229  21.738  1.00 80.62 ? 57  MET A N   1 
ATOM   418  C  CA  . MET A 1 60  ? 8.675   43.240  22.669  1.00 80.46 ? 57  MET A CA  1 
ATOM   419  C  C   . MET A 1 60  ? 9.704   44.349  22.794  1.00 79.97 ? 57  MET A C   1 
ATOM   420  O  O   . MET A 1 60  ? 9.496   45.458  22.293  1.00 80.51 ? 57  MET A O   1 
ATOM   421  C  CB  . MET A 1 60  ? 8.440   42.593  24.029  1.00 81.17 ? 57  MET A CB  1 
ATOM   422  C  CG  . MET A 1 60  ? 7.518   43.340  24.969  1.00 81.66 ? 57  MET A CG  1 
ATOM   423  S  SD  . MET A 1 60  ? 7.081   42.266  26.347  1.00 83.82 ? 57  MET A SD  1 
ATOM   424  C  CE  . MET A 1 60  ? 6.167   40.963  25.468  1.00 82.84 ? 57  MET A CE  1 
ATOM   425  N  N   . GLY A 1 61  ? 10.829  44.040  23.436  1.00 78.84 ? 58  GLY A N   1 
ATOM   426  C  CA  . GLY A 1 61  ? 11.874  45.038  23.602  1.00 77.61 ? 58  GLY A CA  1 
ATOM   427  C  C   . GLY A 1 61  ? 13.044  44.898  22.655  1.00 76.63 ? 58  GLY A C   1 
ATOM   428  O  O   . GLY A 1 61  ? 12.971  44.165  21.676  1.00 77.02 ? 58  GLY A O   1 
ATOM   429  N  N   . ASN A 1 62  ? 14.114  45.635  22.938  1.00 75.31 ? 59  ASN A N   1 
ATOM   430  C  CA  . ASN A 1 62  ? 15.336  45.618  22.117  1.00 73.60 ? 59  ASN A CA  1 
ATOM   431  C  C   . ASN A 1 62  ? 16.327  44.604  22.712  1.00 71.80 ? 59  ASN A C   1 
ATOM   432  O  O   . ASN A 1 62  ? 16.015  43.409  22.805  1.00 71.82 ? 59  ASN A O   1 
ATOM   433  C  CB  . ASN A 1 62  ? 15.956  47.031  22.112  1.00 74.94 ? 59  ASN A CB  1 
ATOM   434  C  CG  . ASN A 1 62  ? 17.094  47.187  21.144  1.00 75.75 ? 59  ASN A CG  1 
ATOM   435  O  OD1 . ASN A 1 62  ? 17.669  48.275  21.026  1.00 77.09 ? 59  ASN A OD1 1 
ATOM   436  N  ND2 . ASN A 1 62  ? 17.431  46.115  20.440  1.00 75.86 ? 59  ASN A ND2 1 
ATOM   437  N  N   . GLY A 1 63  ? 17.509  45.074  23.117  1.00 69.30 ? 60  GLY A N   1 
ATOM   438  C  CA  . GLY A 1 63  ? 18.478  44.167  23.702  1.00 66.28 ? 60  GLY A CA  1 
ATOM   439  C  C   . GLY A 1 63  ? 17.895  43.418  24.887  1.00 63.98 ? 60  GLY A C   1 
ATOM   440  O  O   . GLY A 1 63  ? 18.351  42.335  25.250  1.00 63.41 ? 60  GLY A O   1 
ATOM   441  N  N   . ILE A 1 64  ? 16.864  44.007  25.481  1.00 62.39 ? 61  ILE A N   1 
ATOM   442  C  CA  . ILE A 1 64  ? 16.180  43.424  26.627  1.00 60.22 ? 61  ILE A CA  1 
ATOM   443  C  C   . ILE A 1 64  ? 15.481  42.129  26.244  1.00 57.81 ? 61  ILE A C   1 
ATOM   444  O  O   . ILE A 1 64  ? 15.490  41.162  27.003  1.00 58.50 ? 61  ILE A O   1 
ATOM   445  C  CB  . ILE A 1 64  ? 15.117  44.376  27.179  1.00 61.50 ? 61  ILE A CB  1 
ATOM   446  C  CG1 . ILE A 1 64  ? 14.181  44.809  26.051  1.00 62.28 ? 61  ILE A CG1 1 
ATOM   447  C  CG2 . ILE A 1 64  ? 15.781  45.594  27.800  1.00 61.69 ? 61  ILE A CG2 1 
ATOM   448  C  CD1 . ILE A 1 64  ? 12.915  45.487  26.539  1.00 62.97 ? 61  ILE A CD1 1 
ATOM   449  N  N   . ALA A 1 65  ? 14.863  42.122  25.068  1.00 53.89 ? 62  ALA A N   1 
ATOM   450  C  CA  . ALA A 1 65  ? 14.159  40.947  24.572  1.00 49.68 ? 62  ALA A CA  1 
ATOM   451  C  C   . ALA A 1 65  ? 15.067  40.240  23.580  1.00 46.63 ? 62  ALA A C   1 
ATOM   452  O  O   . ALA A 1 65  ? 14.612  39.515  22.695  1.00 45.09 ? 62  ALA A O   1 
ATOM   453  C  CB  . ALA A 1 65  ? 12.856  41.363  23.900  1.00 49.94 ? 62  ALA A CB  1 
ATOM   454  N  N   . SER A 1 66  ? 16.365  40.472  23.739  1.00 42.51 ? 63  SER A N   1 
ATOM   455  C  CA  . SER A 1 66  ? 17.369  39.869  22.879  1.00 38.22 ? 63  SER A CA  1 
ATOM   456  C  C   . SER A 1 66  ? 17.332  38.361  23.082  1.00 36.19 ? 63  SER A C   1 
ATOM   457  O  O   . SER A 1 66  ? 17.477  37.593  22.131  1.00 34.78 ? 63  SER A O   1 
ATOM   458  C  CB  . SER A 1 66  ? 18.753  40.412  23.235  1.00 37.39 ? 63  SER A CB  1 
ATOM   459  O  OG  . SER A 1 66  ? 19.720  40.004  22.289  1.00 39.87 ? 63  SER A OG  1 
ATOM   460  N  N   . ASN A 1 67  ? 17.134  37.947  24.331  1.00 33.55 ? 64  ASN A N   1 
ATOM   461  C  CA  . ASN A 1 67  ? 17.063  36.531  24.662  1.00 33.02 ? 64  ASN A CA  1 
ATOM   462  C  C   . ASN A 1 67  ? 15.974  35.887  23.811  1.00 32.14 ? 64  ASN A C   1 
ATOM   463  O  O   . ASN A 1 67  ? 16.058  34.715  23.452  1.00 28.12 ? 64  ASN A O   1 
ATOM   464  C  CB  . ASN A 1 67  ? 16.740  36.346  26.148  1.00 34.41 ? 64  ASN A CB  1 
ATOM   465  C  CG  . ASN A 1 67  ? 15.382  36.909  26.526  1.00 36.60 ? 64  ASN A CG  1 
ATOM   466  O  OD1 . ASN A 1 67  ? 15.124  38.101  26.369  1.00 38.40 ? 64  ASN A OD1 1 
ATOM   467  N  ND2 . ASN A 1 67  ? 14.505  36.047  27.025  1.00 38.23 ? 64  ASN A ND2 1 
ATOM   468  N  N   . ARG A 1 68  ? 14.959  36.679  23.486  1.00 32.52 ? 65  ARG A N   1 
ATOM   469  C  CA  . ARG A 1 68  ? 13.840  36.223  22.672  1.00 34.39 ? 65  ARG A CA  1 
ATOM   470  C  C   . ARG A 1 68  ? 14.256  36.010  21.220  1.00 33.07 ? 65  ARG A C   1 
ATOM   471  O  O   . ARG A 1 68  ? 13.905  34.999  20.610  1.00 31.22 ? 65  ARG A O   1 
ATOM   472  C  CB  . ARG A 1 68  ? 12.711  37.245  22.732  1.00 37.63 ? 65  ARG A CB  1 
ATOM   473  C  CG  . ARG A 1 68  ? 11.402  36.673  23.202  1.00 44.87 ? 65  ARG A CG  1 
ATOM   474  C  CD  . ARG A 1 68  ? 10.412  37.778  23.469  1.00 49.68 ? 65  ARG A CD  1 
ATOM   475  N  NE  . ARG A 1 68  ? 10.878  38.672  24.524  1.00 54.56 ? 65  ARG A NE  1 
ATOM   476  C  CZ  . ARG A 1 68  ? 10.212  39.750  24.918  1.00 56.56 ? 65  ARG A CZ  1 
ATOM   477  N  NH1 . ARG A 1 68  ? 10.689  40.523  25.885  1.00 57.83 ? 65  ARG A NH1 1 
ATOM   478  N  NH2 . ARG A 1 68  ? 9.061   40.049  24.335  1.00 57.76 ? 65  ARG A NH2 1 
ATOM   479  N  N   . TRP A 1 69  ? 14.990  36.972  20.664  1.00 31.96 ? 66  TRP A N   1 
ATOM   480  C  CA  . TRP A 1 69  ? 15.463  36.859  19.288  1.00 31.24 ? 66  TRP A CA  1 
ATOM   481  C  C   . TRP A 1 69  ? 16.304  35.591  19.208  1.00 29.75 ? 66  TRP A C   1 
ATOM   482  O  O   . TRP A 1 69  ? 16.184  34.806  18.265  1.00 29.35 ? 66  TRP A O   1 
ATOM   483  C  CB  . TRP A 1 69  ? 16.336  38.061  18.909  1.00 34.66 ? 66  TRP A CB  1 
ATOM   484  C  CG  . TRP A 1 69  ? 16.821  38.029  17.476  1.00 38.93 ? 66  TRP A CG  1 
ATOM   485  C  CD1 . TRP A 1 69  ? 16.128  38.421  16.366  1.00 41.12 ? 66  TRP A CD1 1 
ATOM   486  C  CD2 . TRP A 1 69  ? 18.091  37.553  17.004  1.00 40.72 ? 66  TRP A CD2 1 
ATOM   487  N  NE1 . TRP A 1 69  ? 16.884  38.222  15.234  1.00 42.26 ? 66  TRP A NE1 1 
ATOM   488  C  CE2 . TRP A 1 69  ? 18.095  37.690  15.596  1.00 42.03 ? 66  TRP A CE2 1 
ATOM   489  C  CE3 . TRP A 1 69  ? 19.227  37.022  17.631  1.00 41.10 ? 66  TRP A CE3 1 
ATOM   490  C  CZ2 . TRP A 1 69  ? 19.189  37.316  14.805  1.00 43.39 ? 66  TRP A CZ2 1 
ATOM   491  C  CZ3 . TRP A 1 69  ? 20.317  36.649  16.842  1.00 42.24 ? 66  TRP A CZ3 1 
ATOM   492  C  CH2 . TRP A 1 69  ? 20.287  36.799  15.443  1.00 42.31 ? 66  TRP A CH2 1 
ATOM   493  N  N   . ILE A 1 70  ? 17.156  35.402  20.214  1.00 27.18 ? 67  ILE A N   1 
ATOM   494  C  CA  . ILE A 1 70  ? 18.035  34.242  20.277  1.00 27.24 ? 67  ILE A CA  1 
ATOM   495  C  C   . ILE A 1 70  ? 17.254  32.934  20.356  1.00 27.51 ? 67  ILE A C   1 
ATOM   496  O  O   . ILE A 1 70  ? 17.525  32.007  19.595  1.00 26.82 ? 67  ILE A O   1 
ATOM   497  C  CB  . ILE A 1 70  ? 18.981  34.320  21.494  1.00 27.53 ? 67  ILE A CB  1 
ATOM   498  C  CG1 . ILE A 1 70  ? 19.841  35.582  21.397  1.00 26.03 ? 67  ILE A CG1 1 
ATOM   499  C  CG2 . ILE A 1 70  ? 19.870  33.081  21.545  1.00 26.80 ? 67  ILE A CG2 1 
ATOM   500  C  CD1 . ILE A 1 70  ? 20.771  35.782  22.576  1.00 26.98 ? 67  ILE A CD1 1 
ATOM   501  N  N   . ASN A 1 71  ? 16.290  32.866  21.276  1.00 27.40 ? 68  ASN A N   1 
ATOM   502  C  CA  . ASN A 1 71  ? 15.471  31.672  21.444  1.00 29.73 ? 68  ASN A CA  1 
ATOM   503  C  C   . ASN A 1 71  ? 14.766  31.369  20.132  1.00 31.06 ? 68  ASN A C   1 
ATOM   504  O  O   . ASN A 1 71  ? 14.672  30.217  19.712  1.00 30.45 ? 68  ASN A O   1 
ATOM   505  C  CB  . ASN A 1 71  ? 14.402  31.877  22.525  1.00 28.20 ? 68  ASN A CB  1 
ATOM   506  C  CG  . ASN A 1 71  ? 14.988  32.196  23.886  1.00 29.65 ? 68  ASN A CG  1 
ATOM   507  O  OD1 . ASN A 1 71  ? 16.093  31.767  24.222  1.00 27.35 ? 68  ASN A OD1 1 
ATOM   508  N  ND2 . ASN A 1 71  ? 14.234  32.943  24.687  1.00 30.44 ? 68  ASN A ND2 1 
ATOM   509  N  N   . TYR A 1 72  ? 14.261  32.421  19.501  1.00 32.01 ? 69  TYR A N   1 
ATOM   510  C  CA  . TYR A 1 72  ? 13.554  32.292  18.238  1.00 33.77 ? 69  TYR A CA  1 
ATOM   511  C  C   . TYR A 1 72  ? 14.406  31.594  17.186  1.00 33.05 ? 69  TYR A C   1 
ATOM   512  O  O   . TYR A 1 72  ? 13.985  30.598  16.596  1.00 32.09 ? 69  TYR A O   1 
ATOM   513  C  CB  . TYR A 1 72  ? 13.140  33.673  17.722  1.00 37.39 ? 69  TYR A CB  1 
ATOM   514  C  CG  . TYR A 1 72  ? 12.435  33.617  16.391  1.00 40.53 ? 69  TYR A CG  1 
ATOM   515  C  CD1 . TYR A 1 72  ? 11.110  33.193  16.301  1.00 43.50 ? 69  TYR A CD1 1 
ATOM   516  C  CD2 . TYR A 1 72  ? 13.109  33.928  15.213  1.00 42.98 ? 69  TYR A CD2 1 
ATOM   517  C  CE1 . TYR A 1 72  ? 10.473  33.073  15.066  1.00 45.46 ? 69  TYR A CE1 1 
ATOM   518  C  CE2 . TYR A 1 72  ? 12.484  33.811  13.972  1.00 45.57 ? 69  TYR A CE2 1 
ATOM   519  C  CZ  . TYR A 1 72  ? 11.165  33.381  13.908  1.00 46.05 ? 69  TYR A CZ  1 
ATOM   520  O  OH  . TYR A 1 72  ? 10.545  33.240  12.687  1.00 49.36 ? 69  TYR A OH  1 
ATOM   521  N  N   . GLN A 1 73  ? 15.605  32.120  16.954  1.00 33.42 ? 70  GLN A N   1 
ATOM   522  C  CA  . GLN A 1 73  ? 16.506  31.552  15.962  1.00 35.03 ? 70  GLN A CA  1 
ATOM   523  C  C   . GLN A 1 73  ? 16.835  30.096  16.225  1.00 35.17 ? 70  GLN A C   1 
ATOM   524  O  O   . GLN A 1 73  ? 16.790  29.270  15.318  1.00 35.12 ? 70  GLN A O   1 
ATOM   525  C  CB  . GLN A 1 73  ? 17.812  32.347  15.893  1.00 38.46 ? 70  GLN A CB  1 
ATOM   526  C  CG  . GLN A 1 73  ? 17.987  33.114  14.600  1.00 42.92 ? 70  GLN A CG  1 
ATOM   527  C  CD  . GLN A 1 73  ? 17.017  34.264  14.492  1.00 45.95 ? 70  GLN A CD  1 
ATOM   528  O  OE1 . GLN A 1 73  ? 16.309  34.411  13.497  1.00 46.97 ? 70  GLN A OE1 1 
ATOM   529  N  NE2 . GLN A 1 73  ? 16.977  35.092  15.525  1.00 48.16 ? 70  GLN A NE2 1 
ATOM   530  N  N   . GLN A 1 74  ? 17.179  29.782  17.467  1.00 34.91 ? 71  GLN A N   1 
ATOM   531  C  CA  . GLN A 1 74  ? 17.521  28.419  17.819  1.00 33.67 ? 71  GLN A CA  1 
ATOM   532  C  C   . GLN A 1 74  ? 16.352  27.465  17.616  1.00 32.28 ? 71  GLN A C   1 
ATOM   533  O  O   . GLN A 1 74  ? 16.514  26.382  17.054  1.00 31.40 ? 71  GLN A O   1 
ATOM   534  C  CB  . GLN A 1 74  ? 18.004  28.350  19.269  1.00 36.23 ? 71  GLN A CB  1 
ATOM   535  C  CG  . GLN A 1 74  ? 17.971  26.955  19.865  1.00 37.20 ? 71  GLN A CG  1 
ATOM   536  C  CD  . GLN A 1 74  ? 18.681  26.874  21.198  1.00 40.14 ? 71  GLN A CD  1 
ATOM   537  O  OE1 . GLN A 1 74  ? 18.870  27.884  21.873  1.00 42.63 ? 71  GLN A OE1 1 
ATOM   538  N  NE2 . GLN A 1 74  ? 19.067  25.665  21.593  1.00 39.75 ? 71  GLN A NE2 1 
ATOM   539  N  N   . PHE A 1 75  ? 15.171  27.864  18.066  1.00 31.36 ? 72  PHE A N   1 
ATOM   540  C  CA  . PHE A 1 75  ? 14.017  26.993  17.923  1.00 31.10 ? 72  PHE A CA  1 
ATOM   541  C  C   . PHE A 1 75  ? 13.601  26.759  16.471  1.00 30.77 ? 72  PHE A C   1 
ATOM   542  O  O   . PHE A 1 75  ? 13.344  25.625  16.060  1.00 30.22 ? 72  PHE A O   1 
ATOM   543  C  CB  . PHE A 1 75  ? 12.824  27.539  18.699  1.00 30.58 ? 72  PHE A CB  1 
ATOM   544  C  CG  . PHE A 1 75  ? 11.619  26.655  18.627  1.00 33.59 ? 72  PHE A CG  1 
ATOM   545  C  CD1 . PHE A 1 75  ? 11.678  25.348  19.099  1.00 33.90 ? 72  PHE A CD1 1 
ATOM   546  C  CD2 . PHE A 1 75  ? 10.442  27.103  18.039  1.00 36.03 ? 72  PHE A CD2 1 
ATOM   547  C  CE1 . PHE A 1 75  ? 10.584  24.500  18.989  1.00 34.59 ? 72  PHE A CE1 1 
ATOM   548  C  CE2 . PHE A 1 75  ? 9.336   26.258  17.923  1.00 36.61 ? 72  PHE A CE2 1 
ATOM   549  C  CZ  . PHE A 1 75  ? 9.410   24.954  18.397  1.00 35.68 ? 72  PHE A CZ  1 
ATOM   550  N  N   . ILE A 1 76  ? 13.528  27.835  15.700  1.00 30.24 ? 73  ILE A N   1 
ATOM   551  C  CA  . ILE A 1 76  ? 13.130  27.735  14.306  1.00 31.27 ? 73  ILE A CA  1 
ATOM   552  C  C   . ILE A 1 76  ? 14.068  26.792  13.545  1.00 30.44 ? 73  ILE A C   1 
ATOM   553  O  O   . ILE A 1 76  ? 13.624  25.980  12.732  1.00 28.31 ? 73  ILE A O   1 
ATOM   554  C  CB  . ILE A 1 76  ? 13.112  29.142  13.653  1.00 32.46 ? 73  ILE A CB  1 
ATOM   555  C  CG1 . ILE A 1 76  ? 11.826  29.314  12.853  1.00 35.97 ? 73  ILE A CG1 1 
ATOM   556  C  CG2 . ILE A 1 76  ? 14.346  29.350  12.781  1.00 36.52 ? 73  ILE A CG2 1 
ATOM   557  C  CD1 . ILE A 1 76  ? 10.568  29.286  13.712  1.00 36.52 ? 73  ILE A CD1 1 
ATOM   558  N  N   . GLN A 1 77  ? 15.364  26.898  13.819  1.00 29.51 ? 74  GLN A N   1 
ATOM   559  C  CA  . GLN A 1 77  ? 16.344  26.034  13.176  1.00 30.52 ? 74  GLN A CA  1 
ATOM   560  C  C   . GLN A 1 77  ? 16.114  24.585  13.595  1.00 28.59 ? 74  GLN A C   1 
ATOM   561  O  O   . GLN A 1 77  ? 16.238  23.668  12.790  1.00 26.70 ? 74  GLN A O   1 
ATOM   562  C  CB  . GLN A 1 77  ? 17.763  26.473  13.560  1.00 35.94 ? 74  GLN A CB  1 
ATOM   563  C  CG  . GLN A 1 77  ? 18.831  25.372  13.505  1.00 44.37 ? 74  GLN A CG  1 
ATOM   564  C  CD  . GLN A 1 77  ? 18.635  24.299  14.570  1.00 49.42 ? 74  GLN A CD  1 
ATOM   565  O  OE1 . GLN A 1 77  ? 18.360  24.605  15.731  1.00 54.10 ? 74  GLN A OE1 1 
ATOM   566  N  NE2 . GLN A 1 77  ? 18.774  23.038  14.177  1.00 51.27 ? 74  GLN A NE2 1 
ATOM   567  N  N   . THR A 1 78  ? 15.786  24.379  14.865  1.00 24.94 ? 75  THR A N   1 
ATOM   568  C  CA  . THR A 1 78  ? 15.561  23.031  15.363  1.00 26.57 ? 75  THR A CA  1 
ATOM   569  C  C   . THR A 1 78  ? 14.298  22.459  14.729  1.00 24.95 ? 75  THR A C   1 
ATOM   570  O  O   . THR A 1 78  ? 14.271  21.304  14.304  1.00 22.83 ? 75  THR A O   1 
ATOM   571  C  CB  . THR A 1 78  ? 15.419  23.019  16.894  1.00 26.47 ? 75  THR A CB  1 
ATOM   572  O  OG1 . THR A 1 78  ? 16.553  23.673  17.477  1.00 29.03 ? 75  THR A OG1 1 
ATOM   573  C  CG2 . THR A 1 78  ? 15.360  21.588  17.410  1.00 28.42 ? 75  THR A CG2 1 
ATOM   574  N  N   . LEU A 1 79  ? 13.259  23.284  14.655  1.00 25.17 ? 76  LEU A N   1 
ATOM   575  C  CA  . LEU A 1 79  ? 12.003  22.858  14.064  1.00 26.16 ? 76  LEU A CA  1 
ATOM   576  C  C   . LEU A 1 79  ? 12.161  22.576  12.564  1.00 28.00 ? 76  LEU A C   1 
ATOM   577  O  O   . LEU A 1 79  ? 11.653  21.573  12.059  1.00 26.28 ? 76  LEU A O   1 
ATOM   578  C  CB  . LEU A 1 79  ? 10.927  23.926  14.287  1.00 26.08 ? 76  LEU A CB  1 
ATOM   579  C  CG  . LEU A 1 79  ? 9.525   23.600  13.762  1.00 28.27 ? 76  LEU A CG  1 
ATOM   580  C  CD1 . LEU A 1 79  ? 9.056   22.256  14.306  1.00 25.83 ? 76  LEU A CD1 1 
ATOM   581  C  CD2 . LEU A 1 79  ? 8.567   24.710  14.169  1.00 28.40 ? 76  LEU A CD2 1 
ATOM   582  N  N   . GLU A 1 80  ? 12.864  23.455  11.852  1.00 27.55 ? 77  GLU A N   1 
ATOM   583  C  CA  . GLU A 1 80  ? 13.060  23.261  10.418  1.00 31.12 ? 77  GLU A CA  1 
ATOM   584  C  C   . GLU A 1 80  ? 13.758  21.936  10.163  1.00 31.60 ? 77  GLU A C   1 
ATOM   585  O  O   . GLU A 1 80  ? 13.473  21.240  9.187   1.00 31.88 ? 77  GLU A O   1 
ATOM   586  C  CB  . GLU A 1 80  ? 13.888  24.397  9.821   1.00 33.74 ? 77  GLU A CB  1 
ATOM   587  C  CG  . GLU A 1 80  ? 14.283  24.146  8.374   1.00 40.92 ? 77  GLU A CG  1 
ATOM   588  C  CD  . GLU A 1 80  ? 13.084  23.830  7.492   1.00 43.99 ? 77  GLU A CD  1 
ATOM   589  O  OE1 . GLU A 1 80  ? 13.154  22.861  6.705   1.00 45.15 ? 77  GLU A OE1 1 
ATOM   590  O  OE2 . GLU A 1 80  ? 12.071  24.554  7.582   1.00 46.01 ? 77  GLU A OE2 1 
ATOM   591  N  N   . LYS A 1 81  ? 14.682  21.600  11.052  1.00 31.36 ? 78  LYS A N   1 
ATOM   592  C  CA  . LYS A 1 81  ? 15.434  20.359  10.962  1.00 31.14 ? 78  LYS A CA  1 
ATOM   593  C  C   . LYS A 1 81  ? 14.483  19.169  11.058  1.00 30.69 ? 78  LYS A C   1 
ATOM   594  O  O   . LYS A 1 81  ? 14.593  18.196  10.305  1.00 29.96 ? 78  LYS A O   1 
ATOM   595  C  CB  . LYS A 1 81  ? 16.441  20.312  12.103  1.00 35.71 ? 78  LYS A CB  1 
ATOM   596  C  CG  . LYS A 1 81  ? 17.872  20.306  11.648  1.00 40.67 ? 78  LYS A CG  1 
ATOM   597  C  CD  . LYS A 1 81  ? 18.341  18.889  11.445  1.00 45.86 ? 78  LYS A CD  1 
ATOM   598  C  CE  . LYS A 1 81  ? 19.508  18.619  12.367  1.00 48.82 ? 78  LYS A CE  1 
ATOM   599  N  NZ  . LYS A 1 81  ? 19.192  19.130  13.732  1.00 51.44 ? 78  LYS A NZ  1 
ATOM   600  N  N   . ALA A 1 82  ? 13.553  19.254  12.002  1.00 27.77 ? 79  ALA A N   1 
ATOM   601  C  CA  . ALA A 1 82  ? 12.576  18.198  12.208  1.00 26.63 ? 79  ALA A CA  1 
ATOM   602  C  C   . ALA A 1 82  ? 11.683  18.088  10.974  1.00 24.88 ? 79  ALA A C   1 
ATOM   603  O  O   . ALA A 1 82  ? 11.400  16.996  10.490  1.00 22.65 ? 79  ALA A O   1 
ATOM   604  C  CB  . ALA A 1 82  ? 11.731  18.507  13.440  1.00 25.16 ? 79  ALA A CB  1 
ATOM   605  N  N   . ILE A 1 83  ? 11.244  19.234  10.469  1.00 24.82 ? 80  ILE A N   1 
ATOM   606  C  CA  . ILE A 1 83  ? 10.385  19.265  9.296   1.00 25.02 ? 80  ILE A CA  1 
ATOM   607  C  C   . ILE A 1 83  ? 11.062  18.620  8.092   1.00 25.44 ? 80  ILE A C   1 
ATOM   608  O  O   . ILE A 1 83  ? 10.435  17.847  7.373   1.00 23.55 ? 80  ILE A O   1 
ATOM   609  C  CB  . ILE A 1 83  ? 9.953   20.712  8.973   1.00 24.45 ? 80  ILE A CB  1 
ATOM   610  C  CG1 . ILE A 1 83  ? 8.899   21.155  9.990   1.00 25.65 ? 80  ILE A CG1 1 
ATOM   611  C  CG2 . ILE A 1 83  ? 9.389   20.805  7.552   1.00 27.01 ? 80  ILE A CG2 1 
ATOM   612  C  CD1 . ILE A 1 83  ? 8.552   22.630  9.925   1.00 25.99 ? 80  ILE A CD1 1 
ATOM   613  N  N   . GLU A 1 84  ? 12.344  18.913  7.886   1.00 25.32 ? 81  GLU A N   1 
ATOM   614  C  CA  . GLU A 1 84  ? 13.073  18.339  6.761   1.00 27.40 ? 81  GLU A CA  1 
ATOM   615  C  C   . GLU A 1 84  ? 13.133  16.817  6.864   1.00 27.16 ? 81  GLU A C   1 
ATOM   616  O  O   . GLU A 1 84  ? 12.926  16.111  5.874   1.00 26.46 ? 81  GLU A O   1 
ATOM   617  C  CB  . GLU A 1 84  ? 14.494  18.909  6.689   1.00 30.37 ? 81  GLU A CB  1 
ATOM   618  C  CG  . GLU A 1 84  ? 14.545  20.415  6.476   1.00 38.91 ? 81  GLU A CG  1 
ATOM   619  C  CD  . GLU A 1 84  ? 15.962  20.974  6.469   1.00 43.07 ? 81  GLU A CD  1 
ATOM   620  O  OE1 . GLU A 1 84  ? 16.119  22.200  6.652   1.00 45.93 ? 81  GLU A OE1 1 
ATOM   621  O  OE2 . GLU A 1 84  ? 16.918  20.193  6.274   1.00 46.19 ? 81  GLU A OE2 1 
ATOM   622  N  N   . GLN A 1 85  ? 13.424  16.307  8.057   1.00 25.23 ? 82  GLN A N   1 
ATOM   623  C  CA  . GLN A 1 85  ? 13.493  14.864  8.244   1.00 26.17 ? 82  GLN A CA  1 
ATOM   624  C  C   . GLN A 1 85  ? 12.139  14.195  8.028   1.00 22.28 ? 82  GLN A C   1 
ATOM   625  O  O   . GLN A 1 85  ? 12.062  13.107  7.460   1.00 21.80 ? 82  GLN A O   1 
ATOM   626  C  CB  . GLN A 1 85  ? 14.017  14.514  9.642   1.00 30.98 ? 82  GLN A CB  1 
ATOM   627  C  CG  . GLN A 1 85  ? 15.530  14.338  9.716   1.00 40.09 ? 82  GLN A CG  1 
ATOM   628  C  CD  . GLN A 1 85  ? 16.045  13.258  8.768   1.00 43.16 ? 82  GLN A CD  1 
ATOM   629  O  OE1 . GLN A 1 85  ? 15.881  13.355  7.553   1.00 46.51 ? 82  GLN A OE1 1 
ATOM   630  N  NE2 . GLN A 1 85  ? 16.670  12.224  9.325   1.00 47.03 ? 82  GLN A NE2 1 
ATOM   631  N  N   . HIS A 1 86  ? 11.072  14.834  8.489   1.00 19.67 ? 83  HIS A N   1 
ATOM   632  C  CA  . HIS A 1 86  ? 9.743   14.264  8.321   1.00 22.47 ? 83  HIS A CA  1 
ATOM   633  C  C   . HIS A 1 86  ? 9.288   14.341  6.869   1.00 24.29 ? 83  HIS A C   1 
ATOM   634  O  O   . HIS A 1 86  ? 8.573   13.459  6.388   1.00 24.76 ? 83  HIS A O   1 
ATOM   635  C  CB  . HIS A 1 86  ? 8.749   14.955  9.254   1.00 21.35 ? 83  HIS A CB  1 
ATOM   636  C  CG  . HIS A 1 86  ? 8.789   14.428  10.657  1.00 25.40 ? 83  HIS A CG  1 
ATOM   637  N  ND1 . HIS A 1 86  ? 8.096   13.305  11.049  1.00 24.15 ? 83  HIS A ND1 1 
ATOM   638  C  CD2 . HIS A 1 86  ? 9.495   14.832  11.741  1.00 24.19 ? 83  HIS A CD2 1 
ATOM   639  C  CE1 . HIS A 1 86  ? 8.372   13.036  12.314  1.00 26.52 ? 83  HIS A CE1 1 
ATOM   640  N  NE2 . HIS A 1 86  ? 9.218   13.948  12.756  1.00 24.96 ? 83  HIS A NE2 1 
ATOM   641  N  N   . ARG A 1 87  ? 9.706   15.389  6.169   1.00 24.65 ? 84  ARG A N   1 
ATOM   642  C  CA  . ARG A 1 87  ? 9.354   15.525  4.761   1.00 26.06 ? 84  ARG A CA  1 
ATOM   643  C  C   . ARG A 1 87  ? 10.030  14.355  4.056   1.00 24.92 ? 84  ARG A C   1 
ATOM   644  O  O   . ARG A 1 87  ? 9.424   13.679  3.235   1.00 24.30 ? 84  ARG A O   1 
ATOM   645  C  CB  . ARG A 1 87  ? 9.877   16.849  4.205   1.00 28.72 ? 84  ARG A CB  1 
ATOM   646  C  CG  . ARG A 1 87  ? 8.802   17.767  3.631   1.00 37.67 ? 84  ARG A CG  1 
ATOM   647  C  CD  . ARG A 1 87  ? 8.633   17.625  2.111   1.00 41.40 ? 84  ARG A CD  1 
ATOM   648  N  NE  . ARG A 1 87  ? 7.547   16.725  1.721   1.00 45.58 ? 84  ARG A NE  1 
ATOM   649  C  CZ  . ARG A 1 87  ? 7.711   15.464  1.329   1.00 45.17 ? 84  ARG A CZ  1 
ATOM   650  N  NH1 . ARG A 1 87  ? 8.924   14.936  1.270   1.00 48.35 ? 84  ARG A NH1 1 
ATOM   651  N  NH2 . ARG A 1 87  ? 6.663   14.730  0.989   1.00 44.96 ? 84  ARG A NH2 1 
ATOM   652  N  N   . LEU A 1 88  ? 11.288  14.108  4.403   1.00 24.33 ? 85  LEU A N   1 
ATOM   653  C  CA  . LEU A 1 88  ? 12.032  13.006  3.811   1.00 23.84 ? 85  LEU A CA  1 
ATOM   654  C  C   . LEU A 1 88  ? 11.347  11.666  4.091   1.00 23.67 ? 85  LEU A C   1 
ATOM   655  O  O   . LEU A 1 88  ? 11.221  10.828  3.194   1.00 22.65 ? 85  LEU A O   1 
ATOM   656  C  CB  . LEU A 1 88  ? 13.464  12.985  4.350   1.00 24.83 ? 85  LEU A CB  1 
ATOM   657  C  CG  . LEU A 1 88  ? 14.321  11.751  4.063   1.00 25.93 ? 85  LEU A CG  1 
ATOM   658  C  CD1 . LEU A 1 88  ? 14.245  11.364  2.599   1.00 30.66 ? 85  LEU A CD1 1 
ATOM   659  C  CD2 . LEU A 1 88  ? 15.756  12.047  4.467   1.00 31.98 ? 85  LEU A CD2 1 
ATOM   660  N  N   . GLN A 1 89  ? 10.909  11.468  5.332   1.00 22.17 ? 86  GLN A N   1 
ATOM   661  C  CA  . GLN A 1 89  ? 10.232  10.228  5.702   1.00 22.10 ? 86  GLN A CA  1 
ATOM   662  C  C   . GLN A 1 89  ? 8.958   10.029  4.878   1.00 20.87 ? 86  GLN A C   1 
ATOM   663  O  O   . GLN A 1 89  ? 8.654   8.917   4.466   1.00 20.12 ? 86  GLN A O   1 
ATOM   664  C  CB  . GLN A 1 89  ? 9.873   10.222  7.194   1.00 23.28 ? 86  GLN A CB  1 
ATOM   665  C  CG  . GLN A 1 89  ? 9.044   8.998   7.597   1.00 23.44 ? 86  GLN A CG  1 
ATOM   666  C  CD  . GLN A 1 89  ? 8.465   9.104   8.991   1.00 27.58 ? 86  GLN A CD  1 
ATOM   667  O  OE1 . GLN A 1 89  ? 7.329   8.675   9.242   1.00 16.87 ? 86  GLN A OE1 1 
ATOM   668  N  NE2 . GLN A 1 89  ? 9.246   9.670   9.915   1.00 27.26 ? 86  GLN A NE2 1 
ATOM   669  N  N   . LEU A 1 90  ? 8.213   11.109  4.654   1.00 22.02 ? 87  LEU A N   1 
ATOM   670  C  CA  . LEU A 1 90  ? 6.979   11.041  3.873   1.00 21.69 ? 87  LEU A CA  1 
ATOM   671  C  C   . LEU A 1 90  ? 7.316   10.620  2.445   1.00 22.29 ? 87  LEU A C   1 
ATOM   672  O  O   . LEU A 1 90  ? 6.602   9.829   1.834   1.00 20.55 ? 87  LEU A O   1 
ATOM   673  C  CB  . LEU A 1 90  ? 6.275   12.401  3.865   1.00 23.14 ? 87  LEU A CB  1 
ATOM   674  C  CG  . LEU A 1 90  ? 5.016   12.552  2.997   1.00 21.88 ? 87  LEU A CG  1 
ATOM   675  C  CD1 . LEU A 1 90  ? 3.932   11.576  3.453   1.00 22.99 ? 87  LEU A CD1 1 
ATOM   676  C  CD2 . LEU A 1 90  ? 4.504   13.985  3.101   1.00 22.31 ? 87  LEU A CD2 1 
ATOM   677  N  N   . THR A 1 91  ? 8.409   11.163  1.920   1.00 21.09 ? 88  THR A N   1 
ATOM   678  C  CA  . THR A 1 91  ? 8.859   10.816  0.581   1.00 22.26 ? 88  THR A CA  1 
ATOM   679  C  C   . THR A 1 91  ? 9.141   9.310   0.520   1.00 21.29 ? 88  THR A C   1 
ATOM   680  O  O   . THR A 1 91  ? 8.815   8.641   -0.460  1.00 18.89 ? 88  THR A O   1 
ATOM   681  C  CB  . THR A 1 91  ? 10.154  11.591  0.214   1.00 23.57 ? 88  THR A CB  1 
ATOM   682  O  OG1 . THR A 1 91  ? 9.828   12.948  -0.118  1.00 23.62 ? 88  THR A OG1 1 
ATOM   683  C  CG2 . THR A 1 91  ? 10.859  10.938  -0.955  1.00 26.74 ? 88  THR A CG2 1 
ATOM   684  N  N   . GLN A 1 92  ? 9.746   8.779   1.577   1.00 19.02 ? 89  GLN A N   1 
ATOM   685  C  CA  . GLN A 1 92  ? 10.070  7.359   1.622   1.00 19.28 ? 89  GLN A CA  1 
ATOM   686  C  C   . GLN A 1 92  ? 8.815   6.486   1.695   1.00 16.42 ? 89  GLN A C   1 
ATOM   687  O  O   . GLN A 1 92  ? 8.730   5.457   1.024   1.00 15.76 ? 89  GLN A O   1 
ATOM   688  C  CB  . GLN A 1 92  ? 11.000  7.072   2.808   1.00 22.12 ? 89  GLN A CB  1 
ATOM   689  C  CG  . GLN A 1 92  ? 12.396  7.681   2.644   1.00 22.97 ? 89  GLN A CG  1 
ATOM   690  C  CD  . GLN A 1 92  ? 13.243  7.547   3.898   1.00 26.21 ? 89  GLN A CD  1 
ATOM   691  O  OE1 . GLN A 1 92  ? 14.288  6.898   3.891   1.00 32.51 ? 89  GLN A OE1 1 
ATOM   692  N  NE2 . GLN A 1 92  ? 12.791  8.160   4.981   1.00 19.60 ? 89  GLN A NE2 1 
ATOM   693  N  N   . TRP A 1 93  ? 7.848   6.885   2.518   1.00 16.02 ? 90  TRP A N   1 
ATOM   694  C  CA  . TRP A 1 93  ? 6.598   6.134   2.626   1.00 17.27 ? 90  TRP A CA  1 
ATOM   695  C  C   . TRP A 1 93  ? 5.850   6.188   1.294   1.00 16.98 ? 90  TRP A C   1 
ATOM   696  O  O   . TRP A 1 93  ? 5.293   5.194   0.838   1.00 16.54 ? 90  TRP A O   1 
ATOM   697  C  CB  . TRP A 1 93  ? 5.694   6.724   3.713   1.00 17.09 ? 90  TRP A CB  1 
ATOM   698  C  CG  . TRP A 1 93  ? 6.045   6.303   5.117   1.00 16.95 ? 90  TRP A CG  1 
ATOM   699  C  CD1 . TRP A 1 93  ? 6.654   7.062   6.078   1.00 15.76 ? 90  TRP A CD1 1 
ATOM   700  C  CD2 . TRP A 1 93  ? 5.781   5.033   5.716   1.00 16.42 ? 90  TRP A CD2 1 
ATOM   701  N  NE1 . TRP A 1 93  ? 6.787   6.343   7.240   1.00 15.73 ? 90  TRP A NE1 1 
ATOM   702  C  CE2 . TRP A 1 93  ? 6.261   5.088   7.047   1.00 17.22 ? 90  TRP A CE2 1 
ATOM   703  C  CE3 . TRP A 1 93  ? 5.192   3.842   5.258   1.00 18.23 ? 90  TRP A CE3 1 
ATOM   704  C  CZ2 . TRP A 1 93  ? 6.164   4.007   7.931   1.00 16.24 ? 90  TRP A CZ2 1 
ATOM   705  C  CZ3 . TRP A 1 93  ? 5.096   2.754   6.140   1.00 19.59 ? 90  TRP A CZ3 1 
ATOM   706  C  CH2 . TRP A 1 93  ? 5.585   2.849   7.459   1.00 20.79 ? 90  TRP A CH2 1 
ATOM   707  N  N   . THR A 1 94  ? 5.832   7.369   0.684   1.00 17.57 ? 91  THR A N   1 
ATOM   708  C  CA  . THR A 1 94  ? 5.144   7.566   -0.588  1.00 18.99 ? 91  THR A CA  1 
ATOM   709  C  C   . THR A 1 94  ? 5.664   6.601   -1.643  1.00 21.38 ? 91  THR A C   1 
ATOM   710  O  O   . THR A 1 94  ? 4.888   5.971   -2.358  1.00 21.11 ? 91  THR A O   1 
ATOM   711  C  CB  . THR A 1 94  ? 5.308   9.012   -1.074  1.00 20.09 ? 91  THR A CB  1 
ATOM   712  O  OG1 . THR A 1 94  ? 4.671   9.891   -0.139  1.00 18.86 ? 91  THR A OG1 1 
ATOM   713  C  CG2 . THR A 1 94  ? 4.674   9.193   -2.459  1.00 22.44 ? 91  THR A CG2 1 
ATOM   714  N  N   . GLN A 1 95  ? 6.982   6.481   -1.735  1.00 21.45 ? 92  GLN A N   1 
ATOM   715  C  CA  . GLN A 1 95  ? 7.588   5.565   -2.686  1.00 23.28 ? 92  GLN A CA  1 
ATOM   716  C  C   . GLN A 1 95  ? 7.212   4.118   -2.351  1.00 21.88 ? 92  GLN A C   1 
ATOM   717  O  O   . GLN A 1 95  ? 6.989   3.301   -3.247  1.00 19.27 ? 92  GLN A O   1 
ATOM   718  C  CB  . GLN A 1 95  ? 9.109   5.719   -2.662  1.00 26.23 ? 92  GLN A CB  1 
ATOM   719  C  CG  . GLN A 1 95  ? 9.850   4.555   -3.289  1.00 34.59 ? 92  GLN A CG  1 
ATOM   720  C  CD  . GLN A 1 95  ? 11.329  4.571   -2.963  1.00 38.86 ? 92  GLN A CD  1 
ATOM   721  O  OE1 . GLN A 1 95  ? 12.020  3.564   -3.110  1.00 43.44 ? 92  GLN A OE1 1 
ATOM   722  N  NE2 . GLN A 1 95  ? 11.825  5.719   -2.521  1.00 42.96 ? 92  GLN A NE2 1 
ATOM   723  N  N   . LYS A 1 96  ? 7.148   3.795   -1.062  1.00 19.51 ? 93  LYS A N   1 
ATOM   724  C  CA  . LYS A 1 96  ? 6.788   2.439   -0.661  1.00 18.77 ? 93  LYS A CA  1 
ATOM   725  C  C   . LYS A 1 96  ? 5.343   2.129   -1.058  1.00 18.00 ? 93  LYS A C   1 
ATOM   726  O  O   . LYS A 1 96  ? 5.038   1.017   -1.494  1.00 18.54 ? 93  LYS A O   1 
ATOM   727  C  CB  . LYS A 1 96  ? 6.960   2.254   0.852   1.00 18.29 ? 93  LYS A CB  1 
ATOM   728  C  CG  . LYS A 1 96  ? 8.420   2.124   1.342   1.00 19.09 ? 93  LYS A CG  1 
ATOM   729  C  CD  . LYS A 1 96  ? 9.065   0.817   0.902   1.00 20.64 ? 93  LYS A CD  1 
ATOM   730  C  CE  . LYS A 1 96  ? 10.454  0.643   1.527   1.00 19.99 ? 93  LYS A CE  1 
ATOM   731  N  NZ  . LYS A 1 96  ? 11.081  -0.641  1.110   1.00 23.24 ? 93  LYS A NZ  1 
ATOM   732  N  N   . VAL A 1 97  ? 4.457   3.108   -0.899  1.00 19.22 ? 94  VAL A N   1 
ATOM   733  C  CA  . VAL A 1 97  ? 3.052   2.927   -1.255  1.00 20.38 ? 94  VAL A CA  1 
ATOM   734  C  C   . VAL A 1 97  ? 2.948   2.673   -2.755  1.00 20.22 ? 94  VAL A C   1 
ATOM   735  O  O   . VAL A 1 97  ? 2.274   1.745   -3.188  1.00 19.56 ? 94  VAL A O   1 
ATOM   736  C  CB  . VAL A 1 97  ? 2.198   4.176   -0.882  1.00 20.90 ? 94  VAL A CB  1 
ATOM   737  C  CG1 . VAL A 1 97  ? 0.816   4.112   -1.566  1.00 18.32 ? 94  VAL A CG1 1 
ATOM   738  C  CG2 . VAL A 1 97  ? 2.021   4.244   0.633   1.00 18.04 ? 94  VAL A CG2 1 
ATOM   739  N  N   . ASP A 1 98  ? 3.634   3.492   -3.543  1.00 21.81 ? 95  ASP A N   1 
ATOM   740  C  CA  . ASP A 1 98  ? 3.615   3.339   -4.993  1.00 22.25 ? 95  ASP A CA  1 
ATOM   741  C  C   . ASP A 1 98  ? 4.031   1.936   -5.407  1.00 21.57 ? 95  ASP A C   1 
ATOM   742  O  O   . ASP A 1 98  ? 3.393   1.328   -6.261  1.00 21.16 ? 95  ASP A O   1 
ATOM   743  C  CB  . ASP A 1 98  ? 4.546   4.354   -5.649  1.00 23.48 ? 95  ASP A CB  1 
ATOM   744  C  CG  . ASP A 1 98  ? 3.994   5.760   -5.612  1.00 27.93 ? 95  ASP A CG  1 
ATOM   745  O  OD1 . ASP A 1 98  ? 4.746   6.696   -5.952  1.00 30.04 ? 95  ASP A OD1 1 
ATOM   746  O  OD2 . ASP A 1 98  ? 2.811   5.931   -5.247  1.00 29.71 ? 95  ASP A OD2 1 
ATOM   747  N  N   . LEU A 1 99  ? 5.100   1.431   -4.798  1.00 19.49 ? 96  LEU A N   1 
ATOM   748  C  CA  . LEU A 1 99  ? 5.609   0.096   -5.111  1.00 18.93 ? 96  LEU A CA  1 
ATOM   749  C  C   . LEU A 1 99  ? 4.676   -1.016  -4.637  1.00 16.42 ? 96  LEU A C   1 
ATOM   750  O  O   . LEU A 1 99  ? 4.464   -1.998  -5.345  1.00 17.68 ? 96  LEU A O   1 
ATOM   751  C  CB  . LEU A 1 99  ? 6.994   -0.099  -4.485  1.00 19.99 ? 96  LEU A CB  1 
ATOM   752  C  CG  . LEU A 1 99  ? 8.068   0.892   -4.942  1.00 23.29 ? 96  LEU A CG  1 
ATOM   753  C  CD1 . LEU A 1 99  ? 9.384   0.595   -4.229  1.00 21.77 ? 96  LEU A CD1 1 
ATOM   754  C  CD2 . LEU A 1 99  ? 8.240   0.789   -6.452  1.00 25.42 ? 96  LEU A CD2 1 
ATOM   755  N  N   . ALA A 1 100 ? 4.137   -0.871  -3.431  1.00 15.04 ? 97  ALA A N   1 
ATOM   756  C  CA  . ALA A 1 100 ? 3.230   -1.876  -2.879  1.00 14.88 ? 97  ALA A CA  1 
ATOM   757  C  C   . ALA A 1 100 ? 1.966   -1.953  -3.743  1.00 16.35 ? 97  ALA A C   1 
ATOM   758  O  O   . ALA A 1 100 ? 1.410   -3.029  -3.964  1.00 14.82 ? 97  ALA A O   1 
ATOM   759  C  CB  . ALA A 1 100 ? 2.860   -1.518  -1.433  1.00 13.42 ? 97  ALA A CB  1 
ATOM   760  N  N   . LEU A 1 101 ? 1.524   -0.797  -4.222  1.00 18.13 ? 98  LEU A N   1 
ATOM   761  C  CA  . LEU A 1 101 ? 0.344   -0.713  -5.074  1.00 19.18 ? 98  LEU A CA  1 
ATOM   762  C  C   . LEU A 1 101 ? 0.611   -1.420  -6.407  1.00 20.63 ? 98  LEU A C   1 
ATOM   763  O  O   . LEU A 1 101 ? -0.206  -2.224  -6.865  1.00 20.84 ? 98  LEU A O   1 
ATOM   764  C  CB  . LEU A 1 101 ? -0.024  0.752   -5.319  1.00 17.38 ? 98  LEU A CB  1 
ATOM   765  C  CG  . LEU A 1 101 ? -1.257  1.037   -6.180  1.00 23.06 ? 98  LEU A CG  1 
ATOM   766  C  CD1 . LEU A 1 101 ? -2.467  0.320   -5.603  1.00 23.44 ? 98  LEU A CD1 1 
ATOM   767  C  CD2 . LEU A 1 101 ? -1.510  2.541   -6.228  1.00 24.23 ? 98  LEU A CD2 1 
ATOM   768  N  N   . LYS A 1 102 ? 1.750   -1.126  -7.032  1.00 20.53 ? 99  LYS A N   1 
ATOM   769  C  CA  . LYS A 1 102 ? 2.087   -1.777  -8.298  1.00 21.87 ? 99  LYS A CA  1 
ATOM   770  C  C   . LYS A 1 102 ? 2.148   -3.290  -8.092  1.00 21.52 ? 99  LYS A C   1 
ATOM   771  O  O   . LYS A 1 102 ? 1.633   -4.060  -8.902  1.00 18.10 ? 99  LYS A O   1 
ATOM   772  C  CB  . LYS A 1 102 ? 3.445   -1.304  -8.838  1.00 24.43 ? 99  LYS A CB  1 
ATOM   773  C  CG  . LYS A 1 102 ? 3.426   0.060   -9.498  1.00 32.48 ? 99  LYS A CG  1 
ATOM   774  C  CD  . LYS A 1 102 ? 4.717   0.347   -10.264 1.00 35.77 ? 99  LYS A CD  1 
ATOM   775  C  CE  . LYS A 1 102 ? 4.618   1.723   -10.872 1.00 38.66 ? 99  LYS A CE  1 
ATOM   776  N  NZ  . LYS A 1 102 ? 4.641   2.679   -9.742  1.00 41.01 ? 99  LYS A NZ  1 
ATOM   777  N  N   . SER A 1 103 ? 2.788   -3.711  -7.006  1.00 18.07 ? 100 SER A N   1 
ATOM   778  C  CA  . SER A 1 103 ? 2.908   -5.134  -6.711  1.00 17.74 ? 100 SER A CA  1 
ATOM   779  C  C   . SER A 1 103 ? 1.534   -5.797  -6.569  1.00 18.90 ? 100 SER A C   1 
ATOM   780  O  O   . SER A 1 103 ? 1.283   -6.858  -7.137  1.00 16.72 ? 100 SER A O   1 
ATOM   781  C  CB  . SER A 1 103 ? 3.712   -5.341  -5.428  1.00 17.33 ? 100 SER A CB  1 
ATOM   782  O  OG  . SER A 1 103 ? 3.855   -6.720  -5.142  1.00 22.57 ? 100 SER A OG  1 
ATOM   783  N  N   . TRP A 1 104 ? 0.645   -5.176  -5.803  1.00 17.18 ? 101 TRP A N   1 
ATOM   784  C  CA  . TRP A 1 104 ? -0.680  -5.743  -5.609  1.00 17.79 ? 101 TRP A CA  1 
ATOM   785  C  C   . TRP A 1 104 ? -1.400  -5.879  -6.960  1.00 18.86 ? 101 TRP A C   1 
ATOM   786  O  O   . TRP A 1 104 ? -1.940  -6.941  -7.283  1.00 17.41 ? 101 TRP A O   1 
ATOM   787  C  CB  . TRP A 1 104 ? -1.500  -4.864  -4.665  1.00 15.53 ? 101 TRP A CB  1 
ATOM   788  C  CG  . TRP A 1 104 ? -2.929  -5.302  -4.565  1.00 17.27 ? 101 TRP A CG  1 
ATOM   789  C  CD1 . TRP A 1 104 ? -3.410  -6.384  -3.882  1.00 16.42 ? 101 TRP A CD1 1 
ATOM   790  C  CD2 . TRP A 1 104 ? -4.057  -4.697  -5.204  1.00 15.66 ? 101 TRP A CD2 1 
ATOM   791  N  NE1 . TRP A 1 104 ? -4.768  -6.491  -4.057  1.00 18.16 ? 101 TRP A NE1 1 
ATOM   792  C  CE2 . TRP A 1 104 ? -5.196  -5.462  -4.864  1.00 18.05 ? 101 TRP A CE2 1 
ATOM   793  C  CE3 . TRP A 1 104 ? -4.221  -3.573  -6.032  1.00 18.96 ? 101 TRP A CE3 1 
ATOM   794  C  CZ2 . TRP A 1 104 ? -6.484  -5.152  -5.321  1.00 18.57 ? 101 TRP A CZ2 1 
ATOM   795  C  CZ3 . TRP A 1 104 ? -5.507  -3.258  -6.492  1.00 20.26 ? 101 TRP A CZ3 1 
ATOM   796  C  CH2 . TRP A 1 104 ? -6.620  -4.046  -6.129  1.00 19.68 ? 101 TRP A CH2 1 
ATOM   797  N  N   . ARG A 1 105 ? -1.387  -4.810  -7.749  1.00 18.53 ? 102 ARG A N   1 
ATOM   798  C  CA  . ARG A 1 105 ? -2.038  -4.834  -9.054  1.00 23.97 ? 102 ARG A CA  1 
ATOM   799  C  C   . ARG A 1 105 ? -1.607  -6.002  -9.934  1.00 23.41 ? 102 ARG A C   1 
ATOM   800  O  O   . ARG A 1 105 ? -2.450  -6.708  -10.487 1.00 22.98 ? 102 ARG A O   1 
ATOM   801  C  CB  . ARG A 1 105 ? -1.792  -3.533  -9.820  1.00 27.15 ? 102 ARG A CB  1 
ATOM   802  C  CG  . ARG A 1 105 ? -2.671  -2.371  -9.395  1.00 34.64 ? 102 ARG A CG  1 
ATOM   803  C  CD  . ARG A 1 105 ? -3.033  -1.511  -10.606 1.00 41.62 ? 102 ARG A CD  1 
ATOM   804  N  NE  . ARG A 1 105 ? -1.856  -1.154  -11.395 1.00 48.77 ? 102 ARG A NE  1 
ATOM   805  C  CZ  . ARG A 1 105 ? -1.898  -0.538  -12.573 1.00 52.15 ? 102 ARG A CZ  1 
ATOM   806  N  NH1 . ARG A 1 105 ? -3.065  -0.204  -13.113 1.00 52.25 ? 102 ARG A NH1 1 
ATOM   807  N  NH2 . ARG A 1 105 ? -0.771  -0.257  -13.216 1.00 53.03 ? 102 ARG A NH2 1 
ATOM   808  N  N   . GLU A 1 106 ? -0.303  -6.216  -10.075 1.00 23.57 ? 103 GLU A N   1 
ATOM   809  C  CA  . GLU A 1 106 ? 0.145   -7.308  -10.926 1.00 25.74 ? 103 GLU A CA  1 
ATOM   810  C  C   . GLU A 1 106 ? -0.173  -8.690  -10.367 1.00 22.86 ? 103 GLU A C   1 
ATOM   811  O  O   . GLU A 1 106 ? -0.508  -9.602  -11.121 1.00 20.69 ? 103 GLU A O   1 
ATOM   812  C  CB  . GLU A 1 106 ? 1.635   -7.174  -11.241 1.00 31.10 ? 103 GLU A CB  1 
ATOM   813  C  CG  . GLU A 1 106 ? 2.541   -6.987  -10.060 1.00 39.44 ? 103 GLU A CG  1 
ATOM   814  C  CD  . GLU A 1 106 ? 3.951   -6.644  -10.496 1.00 43.85 ? 103 GLU A CD  1 
ATOM   815  O  OE1 . GLU A 1 106 ? 4.128   -5.600  -11.167 1.00 44.87 ? 103 GLU A OE1 1 
ATOM   816  O  OE2 . GLU A 1 106 ? 4.879   -7.418  -10.177 1.00 48.21 ? 103 GLU A OE2 1 
ATOM   817  N  N   . LYS A 1 107 ? -0.067  -8.860  -9.054  1.00 19.00 ? 104 LYS A N   1 
ATOM   818  C  CA  . LYS A 1 107 ? -0.405  -10.150 -8.470  1.00 19.94 ? 104 LYS A CA  1 
ATOM   819  C  C   . LYS A 1 107 ? -1.910  -10.379 -8.600  1.00 19.07 ? 104 LYS A C   1 
ATOM   820  O  O   . LYS A 1 107 ? -2.373  -11.519 -8.701  1.00 18.70 ? 104 LYS A O   1 
ATOM   821  C  CB  . LYS A 1 107 ? 0.022   -10.195 -7.010  1.00 19.28 ? 104 LYS A CB  1 
ATOM   822  C  CG  . LYS A 1 107 ? 1.523   -10.331 -6.870  1.00 22.40 ? 104 LYS A CG  1 
ATOM   823  C  CD  . LYS A 1 107 ? 2.002   -9.864  -5.526  1.00 23.99 ? 104 LYS A CD  1 
ATOM   824  C  CE  . LYS A 1 107 ? 3.517   -10.013 -5.418  1.00 25.88 ? 104 LYS A CE  1 
ATOM   825  N  NZ  . LYS A 1 107 ? 3.987   -9.437  -4.130  1.00 28.30 ? 104 LYS A NZ  1 
ATOM   826  N  N   . LYS A 1 108 ? -2.668  -9.287  -8.609  1.00 18.35 ? 105 LYS A N   1 
ATOM   827  C  CA  . LYS A 1 108 ? -4.118  -9.372  -8.748  1.00 22.09 ? 105 LYS A CA  1 
ATOM   828  C  C   . LYS A 1 108 ? -4.396  -9.864  -10.166 1.00 22.41 ? 105 LYS A C   1 
ATOM   829  O  O   . LYS A 1 108 ? -5.293  -10.676 -10.394 1.00 21.96 ? 105 LYS A O   1 
ATOM   830  C  CB  . LYS A 1 108 ? -4.751  -7.992  -8.531  1.00 23.45 ? 105 LYS A CB  1 
ATOM   831  C  CG  . LYS A 1 108 ? -6.266  -7.983  -8.441  1.00 27.72 ? 105 LYS A CG  1 
ATOM   832  C  CD  . LYS A 1 108 ? -6.767  -8.611  -7.152  1.00 29.35 ? 105 LYS A CD  1 
ATOM   833  C  CE  . LYS A 1 108 ? -8.263  -8.383  -6.993  1.00 31.97 ? 105 LYS A CE  1 
ATOM   834  N  NZ  . LYS A 1 108 ? -9.021  -8.884  -8.180  1.00 31.23 ? 105 LYS A NZ  1 
ATOM   835  N  N   . GLN A 1 109 ? -3.607  -9.377  -11.119 1.00 24.54 ? 106 GLN A N   1 
ATOM   836  C  CA  . GLN A 1 109 ? -3.772  -9.784  -12.508 1.00 26.51 ? 106 GLN A CA  1 
ATOM   837  C  C   . GLN A 1 109 ? -3.319  -11.225 -12.719 1.00 25.39 ? 106 GLN A C   1 
ATOM   838  O  O   . GLN A 1 109 ? -3.889  -11.944 -13.540 1.00 25.58 ? 106 GLN A O   1 
ATOM   839  C  CB  . GLN A 1 109 ? -3.021  -8.822  -13.430 1.00 28.79 ? 106 GLN A CB  1 
ATOM   840  C  CG  . GLN A 1 109 ? -3.738  -7.486  -13.566 1.00 36.10 ? 106 GLN A CG  1 
ATOM   841  C  CD  . GLN A 1 109 ? -2.920  -6.425  -14.274 1.00 40.97 ? 106 GLN A CD  1 
ATOM   842  O  OE1 . GLN A 1 109 ? -3.419  -5.337  -14.559 1.00 45.64 ? 106 GLN A OE1 1 
ATOM   843  N  NE2 . GLN A 1 109 ? -1.659  -6.731  -14.553 1.00 42.03 ? 106 GLN A NE2 1 
ATOM   844  N  N   . ARG A 1 110 ? -2.306  -11.660 -11.971 1.00 23.94 ? 107 ARG A N   1 
ATOM   845  C  CA  . ARG A 1 110 ? -1.853  -13.041 -12.093 1.00 22.85 ? 107 ARG A CA  1 
ATOM   846  C  C   . ARG A 1 110 ? -2.965  -13.961 -11.585 1.00 22.98 ? 107 ARG A C   1 
ATOM   847  O  O   . ARG A 1 110 ? -3.247  -15.000 -12.188 1.00 21.32 ? 107 ARG A O   1 
ATOM   848  C  CB  . ARG A 1 110 ? -0.578  -13.291 -11.277 1.00 23.63 ? 107 ARG A CB  1 
ATOM   849  C  CG  . ARG A 1 110 ? 0.673   -12.605 -11.815 1.00 29.64 ? 107 ARG A CG  1 
ATOM   850  C  CD  . ARG A 1 110 ? 1.900   -13.010 -10.997 1.00 30.61 ? 107 ARG A CD  1 
ATOM   851  N  NE  . ARG A 1 110 ? 2.334   -14.368 -11.315 1.00 35.48 ? 107 ARG A NE  1 
ATOM   852  C  CZ  . ARG A 1 110 ? 3.220   -14.666 -12.260 1.00 33.75 ? 107 ARG A CZ  1 
ATOM   853  N  NH1 . ARG A 1 110 ? 3.780   -13.700 -12.976 1.00 32.27 ? 107 ARG A NH1 1 
ATOM   854  N  NH2 . ARG A 1 110 ? 3.532   -15.929 -12.501 1.00 35.40 ? 107 ARG A NH2 1 
ATOM   855  N  N   . LEU A 1 111 ? -3.597  -13.577 -10.475 1.00 20.22 ? 108 LEU A N   1 
ATOM   856  C  CA  . LEU A 1 111 ? -4.677  -14.378 -9.902  1.00 19.74 ? 108 LEU A CA  1 
ATOM   857  C  C   . LEU A 1 111 ? -5.846  -14.529 -10.881 1.00 20.75 ? 108 LEU A C   1 
ATOM   858  O  O   . LEU A 1 111 ? -6.378  -15.624 -11.048 1.00 20.11 ? 108 LEU A O   1 
ATOM   859  C  CB  . LEU A 1 111 ? -5.178  -13.765 -8.585  1.00 17.95 ? 108 LEU A CB  1 
ATOM   860  C  CG  . LEU A 1 111 ? -6.411  -14.421 -7.936  1.00 18.29 ? 108 LEU A CG  1 
ATOM   861  C  CD1 . LEU A 1 111 ? -6.166  -15.908 -7.702  1.00 16.73 ? 108 LEU A CD1 1 
ATOM   862  C  CD2 . LEU A 1 111 ? -6.736  -13.719 -6.622  1.00 20.01 ? 108 LEU A CD2 1 
ATOM   863  N  N   . GLN A 1 112 ? -6.246  -13.437 -11.522 1.00 21.92 ? 109 GLN A N   1 
ATOM   864  C  CA  . GLN A 1 112 ? -7.344  -13.499 -12.479 1.00 24.55 ? 109 GLN A CA  1 
ATOM   865  C  C   . GLN A 1 112 ? -7.013  -14.477 -13.601 1.00 25.77 ? 109 GLN A C   1 
ATOM   866  O  O   . GLN A 1 112 ? -7.886  -15.189 -14.097 1.00 25.87 ? 109 GLN A O   1 
ATOM   867  C  CB  . GLN A 1 112 ? -7.623  -12.118 -13.077 1.00 25.62 ? 109 GLN A CB  1 
ATOM   868  C  CG  . GLN A 1 112 ? -8.352  -11.161 -12.149 1.00 30.31 ? 109 GLN A CG  1 
ATOM   869  C  CD  . GLN A 1 112 ? -8.870  -9.938  -12.883 1.00 34.83 ? 109 GLN A CD  1 
ATOM   870  O  OE1 . GLN A 1 112 ? -8.091  -9.123  -13.385 1.00 36.82 ? 109 GLN A OE1 1 
ATOM   871  N  NE2 . GLN A 1 112 ? -10.191 -9.808  -12.958 1.00 33.01 ? 109 GLN A NE2 1 
ATOM   872  N  N   . ALA A 1 113 ? -5.745  -14.510 -13.997 1.00 25.36 ? 110 ALA A N   1 
ATOM   873  C  CA  . ALA A 1 113 ? -5.298  -15.403 -15.061 1.00 25.26 ? 110 ALA A CA  1 
ATOM   874  C  C   . ALA A 1 113 ? -5.466  -16.867 -14.655 1.00 25.33 ? 110 ALA A C   1 
ATOM   875  O  O   . ALA A 1 113 ? -5.862  -17.698 -15.469 1.00 24.38 ? 110 ALA A O   1 
ATOM   876  C  CB  . ALA A 1 113 ? -3.845  -15.117 -15.412 1.00 26.70 ? 110 ALA A CB  1 
ATOM   877  N  N   . TRP A 1 114 ? -5.162  -17.186 -13.400 1.00 23.31 ? 111 TRP A N   1 
ATOM   878  C  CA  . TRP A 1 114 ? -5.316  -18.555 -12.935 1.00 21.84 ? 111 TRP A CA  1 
ATOM   879  C  C   . TRP A 1 114 ? -6.805  -18.867 -12.823 1.00 21.97 ? 111 TRP A C   1 
ATOM   880  O  O   . TRP A 1 114 ? -7.229  -20.000 -13.048 1.00 19.41 ? 111 TRP A O   1 
ATOM   881  C  CB  . TRP A 1 114 ? -4.636  -18.755 -11.577 1.00 23.40 ? 111 TRP A CB  1 
ATOM   882  C  CG  . TRP A 1 114 ? -3.137  -18.699 -11.650 1.00 25.89 ? 111 TRP A CG  1 
ATOM   883  C  CD1 . TRP A 1 114 ? -2.316  -17.805 -11.022 1.00 25.21 ? 111 TRP A CD1 1 
ATOM   884  C  CD2 . TRP A 1 114 ? -2.285  -19.559 -12.414 1.00 27.16 ? 111 TRP A CD2 1 
ATOM   885  N  NE1 . TRP A 1 114 ? -1.006  -18.056 -11.348 1.00 25.20 ? 111 TRP A NE1 1 
ATOM   886  C  CE2 . TRP A 1 114 ? -0.955  -19.127 -12.199 1.00 28.04 ? 111 TRP A CE2 1 
ATOM   887  C  CE3 . TRP A 1 114 ? -2.512  -20.655 -13.256 1.00 27.86 ? 111 TRP A CE3 1 
ATOM   888  C  CZ2 . TRP A 1 114 ? 0.142   -19.751 -12.804 1.00 28.24 ? 111 TRP A CZ2 1 
ATOM   889  C  CZ3 . TRP A 1 114 ? -1.417  -21.277 -13.859 1.00 29.80 ? 111 TRP A CZ3 1 
ATOM   890  C  CH2 . TRP A 1 114 ? -0.106  -20.821 -13.625 1.00 27.31 ? 111 TRP A CH2 1 
ATOM   891  N  N   . GLN A 1 115 ? -7.590  -17.849 -12.474 1.00 19.66 ? 112 GLN A N   1 
ATOM   892  C  CA  . GLN A 1 115 ? -9.036  -17.998 -12.342 1.00 22.57 ? 112 GLN A CA  1 
ATOM   893  C  C   . GLN A 1 115 ? -9.629  -18.358 -13.700 1.00 22.21 ? 112 GLN A C   1 
ATOM   894  O  O   . GLN A 1 115 ? -10.502 -19.213 -13.802 1.00 21.73 ? 112 GLN A O   1 
ATOM   895  C  CB  . GLN A 1 115 ? -9.660  -16.693 -11.837 1.00 24.61 ? 112 GLN A CB  1 
ATOM   896  C  CG  . GLN A 1 115 ? -11.180 -16.730 -11.766 1.00 30.30 ? 112 GLN A CG  1 
ATOM   897  C  CD  . GLN A 1 115 ? -11.681 -17.827 -10.850 1.00 33.75 ? 112 GLN A CD  1 
ATOM   898  O  OE1 . GLN A 1 115 ? -11.429 -17.803 -9.646  1.00 36.09 ? 112 GLN A OE1 1 
ATOM   899  N  NE2 . GLN A 1 115 ? -12.385 -18.804 -11.417 1.00 32.51 ? 112 GLN A NE2 1 
ATOM   900  N  N   . THR A 1 116 ? -9.145  -17.693 -14.742 1.00 22.73 ? 113 THR A N   1 
ATOM   901  C  CA  . THR A 1 116 ? -9.616  -17.950 -16.095 1.00 26.83 ? 113 THR A CA  1 
ATOM   902  C  C   . THR A 1 116 ? -9.317  -19.394 -16.498 1.00 26.99 ? 113 THR A C   1 
ATOM   903  O  O   . THR A 1 116 ? -10.156 -20.062 -17.097 1.00 25.99 ? 113 THR A O   1 
ATOM   904  C  CB  . THR A 1 116 ? -8.948  -16.995 -17.096 1.00 28.11 ? 113 THR A CB  1 
ATOM   905  O  OG1 . THR A 1 116 ? -9.342  -15.646 -16.802 1.00 28.22 ? 113 THR A OG1 1 
ATOM   906  C  CG2 . THR A 1 116 ? -9.357  -17.345 -18.523 1.00 29.73 ? 113 THR A CG2 1 
ATOM   907  N  N   . LEU A 1 117 ? -8.123  -19.877 -16.167 1.00 27.27 ? 114 LEU A N   1 
ATOM   908  C  CA  . LEU A 1 117 ? -7.757  -21.252 -16.497 1.00 26.88 ? 114 LEU A CA  1 
ATOM   909  C  C   . LEU A 1 117 ? -8.687  -22.236 -15.792 1.00 25.28 ? 114 LEU A C   1 
ATOM   910  O  O   . LEU A 1 117 ? -9.110  -23.231 -16.384 1.00 24.57 ? 114 LEU A O   1 
ATOM   911  C  CB  . LEU A 1 117 ? -6.308  -21.552 -16.096 1.00 28.16 ? 114 LEU A CB  1 
ATOM   912  C  CG  . LEU A 1 117 ? -5.165  -21.022 -16.969 1.00 31.89 ? 114 LEU A CG  1 
ATOM   913  C  CD1 . LEU A 1 117 ? -3.877  -21.732 -16.563 1.00 34.72 ? 114 LEU A CD1 1 
ATOM   914  C  CD2 . LEU A 1 117 ? -5.449  -21.288 -18.444 1.00 34.06 ? 114 LEU A CD2 1 
ATOM   915  N  N   . GLN A 1 118 ? -9.000  -21.963 -14.529 1.00 22.37 ? 115 GLN A N   1 
ATOM   916  C  CA  . GLN A 1 118 ? -9.892  -22.838 -13.773 1.00 26.92 ? 115 GLN A CA  1 
ATOM   917  C  C   . GLN A 1 118 ? -11.275 -22.875 -14.401 1.00 25.77 ? 115 GLN A C   1 
ATOM   918  O  O   . GLN A 1 118 ? -11.911 -23.920 -14.452 1.00 25.82 ? 115 GLN A O   1 
ATOM   919  C  CB  . GLN A 1 118 ? -10.030 -22.377 -12.322 1.00 28.00 ? 115 GLN A CB  1 
ATOM   920  C  CG  . GLN A 1 118 ? -8.829  -22.676 -11.452 1.00 32.34 ? 115 GLN A CG  1 
ATOM   921  C  CD  . GLN A 1 118 ? -9.070  -22.321 -9.999  1.00 34.29 ? 115 GLN A CD  1 
ATOM   922  O  OE1 . GLN A 1 118 ? -9.243  -21.153 -9.654  1.00 34.90 ? 115 GLN A OE1 1 
ATOM   923  N  NE2 . GLN A 1 118 ? -9.086  -23.331 -9.139  1.00 35.64 ? 115 GLN A NE2 1 
ATOM   924  N  N   . ASP A 1 119 ? -11.740 -21.725 -14.871 1.00 25.96 ? 116 ASP A N   1 
ATOM   925  C  CA  . ASP A 1 119 ? -13.053 -21.663 -15.482 1.00 27.08 ? 116 ASP A CA  1 
ATOM   926  C  C   . ASP A 1 119 ? -13.085 -22.566 -16.703 1.00 27.81 ? 116 ASP A C   1 
ATOM   927  O  O   . ASP A 1 119 ? -14.070 -23.249 -16.946 1.00 26.55 ? 116 ASP A O   1 
ATOM   928  C  CB  . ASP A 1 119 ? -13.403 -20.218 -15.844 1.00 24.50 ? 116 ASP A CB  1 
ATOM   929  C  CG  . ASP A 1 119 ? -13.555 -19.342 -14.613 1.00 24.06 ? 116 ASP A CG  1 
ATOM   930  O  OD1 . ASP A 1 119 ? -13.785 -19.888 -13.513 1.00 24.91 ? 116 ASP A OD1 1 
ATOM   931  O  OD2 . ASP A 1 119 ? -13.450 -18.110 -14.741 1.00 28.15 ? 116 ASP A OD2 1 
ATOM   932  N  N   . ARG A 1 120 ? -11.993 -22.580 -17.456 1.00 29.21 ? 117 ARG A N   1 
ATOM   933  C  CA  . ARG A 1 120 ? -11.901 -23.434 -18.630 1.00 30.57 ? 117 ARG A CA  1 
ATOM   934  C  C   . ARG A 1 120 ? -11.857 -24.898 -18.216 1.00 29.25 ? 117 ARG A C   1 
ATOM   935  O  O   . ARG A 1 120 ? -12.347 -25.766 -18.937 1.00 28.00 ? 117 ARG A O   1 
ATOM   936  C  CB  . ARG A 1 120 ? -10.656 -23.093 -19.436 1.00 32.79 ? 117 ARG A CB  1 
ATOM   937  C  CG  . ARG A 1 120 ? -10.752 -21.757 -20.121 1.00 36.94 ? 117 ARG A CG  1 
ATOM   938  C  CD  . ARG A 1 120 ? -9.455  -21.396 -20.794 1.00 41.77 ? 117 ARG A CD  1 
ATOM   939  N  NE  . ARG A 1 120 ? -9.560  -20.087 -21.423 1.00 47.88 ? 117 ARG A NE  1 
ATOM   940  C  CZ  . ARG A 1 120 ? -8.534  -19.266 -21.610 1.00 49.58 ? 117 ARG A CZ  1 
ATOM   941  N  NH1 . ARG A 1 120 ? -7.317  -19.620 -21.214 1.00 51.14 ? 117 ARG A NH1 1 
ATOM   942  N  NH2 . ARG A 1 120 ? -8.729  -18.087 -22.183 1.00 50.55 ? 117 ARG A NH2 1 
ATOM   943  N  N   . GLN A 1 121 ? -11.263 -25.169 -17.058 1.00 27.68 ? 118 GLN A N   1 
ATOM   944  C  CA  . GLN A 1 121 ? -11.175 -26.534 -16.560 1.00 27.64 ? 118 GLN A CA  1 
ATOM   945  C  C   . GLN A 1 121 ? -12.566 -27.004 -16.152 1.00 26.07 ? 118 GLN A C   1 
ATOM   946  O  O   . GLN A 1 121 ? -12.929 -28.162 -16.360 1.00 25.99 ? 118 GLN A O   1 
ATOM   947  C  CB  . GLN A 1 121 ? -10.208 -26.607 -15.371 1.00 28.86 ? 118 GLN A CB  1 
ATOM   948  C  CG  . GLN A 1 121 ? -10.311 -27.887 -14.547 1.00 33.87 ? 118 GLN A CG  1 
ATOM   949  C  CD  . GLN A 1 121 ? -9.207  -27.997 -13.502 1.00 37.52 ? 118 GLN A CD  1 
ATOM   950  O  OE1 . GLN A 1 121 ? -9.352  -28.688 -12.491 1.00 36.40 ? 118 GLN A OE1 1 
ATOM   951  N  NE2 . GLN A 1 121 ? -8.090  -27.325 -13.755 1.00 39.17 ? 118 GLN A NE2 1 
ATOM   952  N  N   . THR A 1 122 ? -13.345 -26.101 -15.566 1.00 24.28 ? 119 THR A N   1 
ATOM   953  C  CA  . THR A 1 122 ? -14.700 -26.446 -15.166 1.00 23.33 ? 119 THR A CA  1 
ATOM   954  C  C   . THR A 1 122 ? -15.458 -26.797 -16.442 1.00 25.23 ? 119 THR A C   1 
ATOM   955  O  O   . THR A 1 122 ? -16.235 -27.752 -16.475 1.00 23.02 ? 119 THR A O   1 
ATOM   956  C  CB  . THR A 1 122 ? -15.396 -25.263 -14.467 1.00 24.85 ? 119 THR A CB  1 
ATOM   957  O  OG1 . THR A 1 122 ? -14.787 -25.042 -13.191 1.00 21.97 ? 119 THR A OG1 1 
ATOM   958  C  CG2 . THR A 1 122 ? -16.889 -25.548 -14.279 1.00 22.11 ? 119 THR A CG2 1 
ATOM   959  N  N   . ALA A 1 123 ? -15.201 -26.024 -17.497 1.00 23.87 ? 120 ALA A N   1 
ATOM   960  C  CA  . ALA A 1 123 ? -15.842 -26.248 -18.785 1.00 25.36 ? 120 ALA A CA  1 
ATOM   961  C  C   . ALA A 1 123 ? -15.436 -27.599 -19.365 1.00 25.78 ? 120 ALA A C   1 
ATOM   962  O  O   . ALA A 1 123 ? -16.292 -28.409 -19.730 1.00 27.92 ? 120 ALA A O   1 
ATOM   963  C  CB  . ALA A 1 123 ? -15.477 -25.124 -19.757 1.00 23.72 ? 120 ALA A CB  1 
ATOM   964  N  N   . ALA A 1 124 ? -14.130 -27.838 -19.445 1.00 25.56 ? 121 ALA A N   1 
ATOM   965  C  CA  . ALA A 1 124 ? -13.609 -29.089 -19.983 1.00 26.22 ? 121 ALA A CA  1 
ATOM   966  C  C   . ALA A 1 124 ? -14.152 -30.300 -19.232 1.00 26.05 ? 121 ALA A C   1 
ATOM   967  O  O   . ALA A 1 124 ? -14.561 -31.286 -19.849 1.00 26.83 ? 121 ALA A O   1 
ATOM   968  C  CB  . ALA A 1 124 ? -12.081 -29.093 -19.925 1.00 28.07 ? 121 ALA A CB  1 
ATOM   969  N  N   . ALA A 1 125 ? -14.156 -30.218 -17.903 1.00 25.11 ? 122 ALA A N   1 
ATOM   970  C  CA  . ALA A 1 125 ? -14.635 -31.315 -17.064 1.00 26.03 ? 122 ALA A CA  1 
ATOM   971  C  C   . ALA A 1 125 ? -16.111 -31.619 -17.289 1.00 25.71 ? 122 ALA A C   1 
ATOM   972  O  O   . ALA A 1 125 ? -16.502 -32.780 -17.419 1.00 25.60 ? 122 ALA A O   1 
ATOM   973  C  CB  . ALA A 1 125 ? -14.394 -30.995 -15.595 1.00 25.95 ? 122 ALA A CB  1 
ATOM   974  N  N   . LEU A 1 126 ? -16.930 -30.572 -17.320 1.00 24.73 ? 123 LEU A N   1 
ATOM   975  C  CA  . LEU A 1 126 ? -18.364 -30.740 -17.529 1.00 25.53 ? 123 LEU A CA  1 
ATOM   976  C  C   . LEU A 1 126 ? -18.591 -31.375 -18.896 1.00 23.83 ? 123 LEU A C   1 
ATOM   977  O  O   . LEU A 1 126 ? -19.389 -32.299 -19.048 1.00 23.82 ? 123 LEU A O   1 
ATOM   978  C  CB  . LEU A 1 126 ? -19.072 -29.381 -17.436 1.00 27.28 ? 123 LEU A CB  1 
ATOM   979  C  CG  . LEU A 1 126 ? -20.604 -29.406 -17.419 1.00 30.27 ? 123 LEU A CG  1 
ATOM   980  C  CD1 . LEU A 1 126 ? -21.127 -28.233 -16.602 1.00 31.48 ? 123 LEU A CD1 1 
ATOM   981  C  CD2 . LEU A 1 126 ? -21.141 -29.372 -18.846 1.00 30.25 ? 123 LEU A CD2 1 
ATOM   982  N  N   . LEU A 1 127 ? -17.855 -30.891 -19.887 1.00 24.23 ? 124 LEU A N   1 
ATOM   983  C  CA  . LEU A 1 127 ? -17.970 -31.407 -21.243 1.00 25.50 ? 124 LEU A CA  1 
ATOM   984  C  C   . LEU A 1 127 ? -17.510 -32.867 -21.345 1.00 26.54 ? 124 LEU A C   1 
ATOM   985  O  O   . LEU A 1 127 ? -18.119 -33.666 -22.058 1.00 26.21 ? 124 LEU A O   1 
ATOM   986  C  CB  . LEU A 1 127 ? -17.162 -30.516 -22.189 1.00 29.58 ? 124 LEU A CB  1 
ATOM   987  C  CG  . LEU A 1 127 ? -17.832 -30.043 -23.483 1.00 32.72 ? 124 LEU A CG  1 
ATOM   988  C  CD1 . LEU A 1 127 ? -19.286 -29.652 -23.223 1.00 30.30 ? 124 LEU A CD1 1 
ATOM   989  C  CD2 . LEU A 1 127 ? -17.041 -28.859 -24.044 1.00 31.83 ? 124 LEU A CD2 1 
ATOM   990  N  N   . ALA A 1 128 ? -16.447 -33.219 -20.625 1.00 26.22 ? 125 ALA A N   1 
ATOM   991  C  CA  . ALA A 1 128 ? -15.923 -34.585 -20.646 1.00 26.53 ? 125 ALA A CA  1 
ATOM   992  C  C   . ALA A 1 128 ? -16.925 -35.550 -20.025 1.00 26.47 ? 125 ALA A C   1 
ATOM   993  O  O   . ALA A 1 128 ? -17.168 -36.636 -20.549 1.00 25.73 ? 125 ALA A O   1 
ATOM   994  C  CB  . ALA A 1 128 ? -14.601 -34.656 -19.890 1.00 25.35 ? 125 ALA A CB  1 
ATOM   995  N  N   . GLU A 1 129 ? -17.486 -35.137 -18.896 1.00 27.83 ? 126 GLU A N   1 
ATOM   996  C  CA  . GLU A 1 129 ? -18.481 -35.911 -18.166 1.00 30.92 ? 126 GLU A CA  1 
ATOM   997  C  C   . GLU A 1 129 ? -19.690 -36.161 -19.069 1.00 32.36 ? 126 GLU A C   1 
ATOM   998  O  O   . GLU A 1 129 ? -20.214 -37.277 -19.144 1.00 34.13 ? 126 GLU A O   1 
ATOM   999  C  CB  . GLU A 1 129 ? -18.917 -35.117 -16.932 1.00 33.29 ? 126 GLU A CB  1 
ATOM   1000 C  CG  . GLU A 1 129 ? -19.873 -35.823 -15.989 1.00 38.20 ? 126 GLU A CG  1 
ATOM   1001 C  CD  . GLU A 1 129 ? -19.166 -36.764 -15.040 1.00 41.55 ? 126 GLU A CD  1 
ATOM   1002 O  OE1 . GLU A 1 129 ? -18.964 -37.940 -15.407 1.00 45.22 ? 126 GLU A OE1 1 
ATOM   1003 O  OE2 . GLU A 1 129 ? -18.803 -36.322 -13.928 1.00 43.46 ? 126 GLU A OE2 1 
ATOM   1004 N  N   . ASN A 1 130 ? -20.126 -35.106 -19.747 1.00 31.83 ? 127 ASN A N   1 
ATOM   1005 C  CA  . ASN A 1 130 ? -21.268 -35.170 -20.649 1.00 32.77 ? 127 ASN A CA  1 
ATOM   1006 C  C   . ASN A 1 130 ? -21.051 -36.198 -21.755 1.00 35.00 ? 127 ASN A C   1 
ATOM   1007 O  O   . ASN A 1 130 ? -21.929 -37.014 -22.046 1.00 35.41 ? 127 ASN A O   1 
ATOM   1008 C  CB  . ASN A 1 130 ? -21.513 -33.797 -21.280 1.00 32.21 ? 127 ASN A CB  1 
ATOM   1009 C  CG  . ASN A 1 130 ? -22.719 -33.785 -22.202 1.00 35.90 ? 127 ASN A CG  1 
ATOM   1010 O  OD1 . ASN A 1 130 ? -23.867 -33.719 -21.748 1.00 34.15 ? 127 ASN A OD1 1 
ATOM   1011 N  ND2 . ASN A 1 130 ? -22.467 -33.860 -23.506 1.00 32.56 ? 127 ASN A ND2 1 
ATOM   1012 N  N   . ARG A 1 131 ? -19.874 -36.162 -22.369 1.00 35.50 ? 128 ARG A N   1 
ATOM   1013 C  CA  . ARG A 1 131 ? -19.567 -37.082 -23.452 1.00 37.36 ? 128 ARG A CA  1 
ATOM   1014 C  C   . ARG A 1 131 ? -19.363 -38.531 -23.014 1.00 37.15 ? 128 ARG A C   1 
ATOM   1015 O  O   . ARG A 1 131 ? -19.908 -39.449 -23.629 1.00 37.26 ? 128 ARG A O   1 
ATOM   1016 C  CB  . ARG A 1 131 ? -18.341 -36.581 -24.220 1.00 39.34 ? 128 ARG A CB  1 
ATOM   1017 C  CG  . ARG A 1 131 ? -18.633 -35.403 -25.146 1.00 42.55 ? 128 ARG A CG  1 
ATOM   1018 C  CD  . ARG A 1 131 ? -17.621 -34.281 -24.964 1.00 47.30 ? 128 ARG A CD  1 
ATOM   1019 N  NE  . ARG A 1 131 ? -16.324 -34.792 -24.528 1.00 49.99 ? 128 ARG A NE  1 
ATOM   1020 C  CZ  . ARG A 1 131 ? -15.228 -34.051 -24.396 1.00 51.27 ? 128 ARG A CZ  1 
ATOM   1021 N  NH1 . ARG A 1 131 ? -14.097 -34.610 -23.986 1.00 50.78 ? 128 ARG A NH1 1 
ATOM   1022 N  NH2 . ARG A 1 131 ? -15.260 -32.756 -24.684 1.00 51.50 ? 128 ARG A NH2 1 
ATOM   1023 N  N   . MET A 1 132 ? -18.592 -38.748 -21.953 1.00 37.51 ? 129 MET A N   1 
ATOM   1024 C  CA  . MET A 1 132 ? -18.346 -40.110 -21.498 1.00 40.01 ? 129 MET A CA  1 
ATOM   1025 C  C   . MET A 1 132 ? -19.581 -40.782 -20.900 1.00 39.61 ? 129 MET A C   1 
ATOM   1026 O  O   . MET A 1 132 ? -19.725 -41.998 -20.990 1.00 38.78 ? 129 MET A O   1 
ATOM   1027 C  CB  . MET A 1 132 ? -17.189 -40.146 -20.490 1.00 41.46 ? 129 MET A CB  1 
ATOM   1028 C  CG  . MET A 1 132 ? -17.428 -39.402 -19.191 1.00 44.76 ? 129 MET A CG  1 
ATOM   1029 S  SD  . MET A 1 132 ? -16.006 -39.542 -18.063 1.00 51.00 ? 129 MET A SD  1 
ATOM   1030 C  CE  . MET A 1 132 ? -15.071 -38.067 -18.495 1.00 46.76 ? 129 MET A CE  1 
ATOM   1031 N  N   . ASP A 1 133 ? -20.472 -39.996 -20.301 1.00 39.17 ? 130 ASP A N   1 
ATOM   1032 C  CA  . ASP A 1 133 ? -21.682 -40.556 -19.704 1.00 40.16 ? 130 ASP A CA  1 
ATOM   1033 C  C   . ASP A 1 133 ? -22.724 -40.995 -20.733 1.00 41.55 ? 130 ASP A C   1 
ATOM   1034 O  O   . ASP A 1 133 ? -23.660 -41.713 -20.395 1.00 42.68 ? 130 ASP A O   1 
ATOM   1035 C  CB  . ASP A 1 133 ? -22.327 -39.559 -18.733 1.00 39.60 ? 130 ASP A CB  1 
ATOM   1036 C  CG  . ASP A 1 133 ? -21.616 -39.498 -17.389 1.00 40.47 ? 130 ASP A CG  1 
ATOM   1037 O  OD1 . ASP A 1 133 ? -20.756 -40.365 -17.123 1.00 39.92 ? 130 ASP A OD1 1 
ATOM   1038 O  OD2 . ASP A 1 133 ? -21.927 -38.588 -16.593 1.00 38.87 ? 130 ASP A OD2 1 
ATOM   1039 N  N   . GLN A 1 134 ? -22.584 -40.569 -21.981 1.00 42.17 ? 131 GLN A N   1 
ATOM   1040 C  CA  . GLN A 1 134 ? -23.564 -40.975 -22.979 1.00 45.27 ? 131 GLN A CA  1 
ATOM   1041 C  C   . GLN A 1 134 ? -22.939 -41.765 -24.117 1.00 48.79 ? 131 GLN A C   1 
ATOM   1042 O  O   . GLN A 1 134 ? -23.635 -42.420 -24.888 1.00 48.01 ? 131 GLN A O   1 
ATOM   1043 C  CB  . GLN A 1 134 ? -24.324 -39.762 -23.519 1.00 42.68 ? 131 GLN A CB  1 
ATOM   1044 C  CG  . GLN A 1 134 ? -23.502 -38.766 -24.297 1.00 40.27 ? 131 GLN A CG  1 
ATOM   1045 C  CD  . GLN A 1 134 ? -24.351 -37.612 -24.791 1.00 38.15 ? 131 GLN A CD  1 
ATOM   1046 O  OE1 . GLN A 1 134 ? -24.325 -36.519 -24.230 1.00 37.23 ? 131 GLN A OE1 1 
ATOM   1047 N  NE2 . GLN A 1 134 ? -25.128 -37.861 -25.838 1.00 37.61 ? 131 GLN A NE2 1 
ATOM   1048 N  N   . LYS A 1 135 ? -21.618 -41.693 -24.217 1.00 53.15 ? 132 LYS A N   1 
ATOM   1049 C  CA  . LYS A 1 135 ? -20.883 -42.430 -25.233 1.00 57.63 ? 132 LYS A CA  1 
ATOM   1050 C  C   . LYS A 1 135 ? -21.258 -43.884 -25.008 1.00 60.24 ? 132 LYS A C   1 
ATOM   1051 O  O   . LYS A 1 135 ? -21.626 -44.622 -25.924 1.00 59.77 ? 132 LYS A O   1 
ATOM   1052 C  CB  . LYS A 1 135 ? -19.382 -42.256 -24.997 1.00 59.03 ? 132 LYS A CB  1 
ATOM   1053 C  CG  . LYS A 1 135 ? -18.567 -43.493 -25.315 1.00 60.78 ? 132 LYS A CG  1 
ATOM   1054 C  CD  . LYS A 1 135 ? -17.836 -43.336 -26.623 1.00 62.82 ? 132 LYS A CD  1 
ATOM   1055 C  CE  . LYS A 1 135 ? -16.439 -42.811 -26.387 1.00 63.90 ? 132 LYS A CE  1 
ATOM   1056 N  NZ  . LYS A 1 135 ? -16.461 -41.628 -25.484 1.00 64.67 ? 132 LYS A NZ  1 
ATOM   1057 N  N   . LYS A 1 136 ? -21.152 -44.258 -23.740 1.00 63.90 ? 133 LYS A N   1 
ATOM   1058 C  CA  . LYS A 1 136 ? -21.437 -45.590 -23.244 1.00 66.91 ? 133 LYS A CA  1 
ATOM   1059 C  C   . LYS A 1 136 ? -22.807 -46.129 -23.668 1.00 69.09 ? 133 LYS A C   1 
ATOM   1060 O  O   . LYS A 1 136 ? -22.980 -47.341 -23.792 1.00 69.79 ? 133 LYS A O   1 
ATOM   1061 C  CB  . LYS A 1 136 ? -21.340 -45.568 -21.718 1.00 67.78 ? 133 LYS A CB  1 
ATOM   1062 C  CG  . LYS A 1 136 ? -22.461 -44.779 -21.059 1.00 68.14 ? 133 LYS A CG  1 
ATOM   1063 C  CD  . LYS A 1 136 ? -22.174 -44.452 -19.605 1.00 68.44 ? 133 LYS A CD  1 
ATOM   1064 C  CE  . LYS A 1 136 ? -23.449 -43.998 -18.907 1.00 68.38 ? 133 LYS A CE  1 
ATOM   1065 N  NZ  . LYS A 1 136 ? -23.182 -43.127 -17.730 1.00 68.06 ? 133 LYS A NZ  1 
ATOM   1066 N  N   . MET A 1 137 ? -23.770 -45.235 -23.887 1.00 70.86 ? 134 MET A N   1 
ATOM   1067 C  CA  . MET A 1 137 ? -25.129 -45.633 -24.274 1.00 72.48 ? 134 MET A CA  1 
ATOM   1068 C  C   . MET A 1 137 ? -25.615 -45.065 -25.609 1.00 73.54 ? 134 MET A C   1 
ATOM   1069 O  O   . MET A 1 137 ? -26.752 -45.311 -26.012 1.00 73.55 ? 134 MET A O   1 
ATOM   1070 C  CB  . MET A 1 137 ? -26.126 -45.229 -23.181 1.00 72.68 ? 134 MET A CB  1 
ATOM   1071 C  CG  . MET A 1 137 ? -26.209 -46.180 -21.994 1.00 73.26 ? 134 MET A CG  1 
ATOM   1072 S  SD  . MET A 1 137 ? -27.075 -47.724 -22.374 1.00 73.04 ? 134 MET A SD  1 
ATOM   1073 C  CE  . MET A 1 137 ? -25.697 -48.830 -22.665 1.00 73.15 ? 134 MET A CE  1 
ATOM   1074 N  N   . ASP A 1 138 ? -24.763 -44.304 -26.286 1.00 74.81 ? 135 ASP A N   1 
ATOM   1075 C  CA  . ASP A 1 138 ? -25.119 -43.708 -27.570 1.00 75.79 ? 135 ASP A CA  1 
ATOM   1076 C  C   . ASP A 1 138 ? -24.938 -44.711 -28.697 1.00 76.70 ? 135 ASP A C   1 
ATOM   1077 O  O   . ASP A 1 138 ? -25.849 -44.941 -29.493 1.00 76.99 ? 135 ASP A O   1 
ATOM   1078 C  CB  . ASP A 1 138 ? -24.264 -42.446 -27.797 1.00 75.98 ? 135 ASP A CB  1 
ATOM   1079 C  CG  . ASP A 1 138 ? -23.854 -42.234 -29.259 1.00 76.67 ? 135 ASP A CG  1 
ATOM   1080 O  OD1 . ASP A 1 138 ? -23.484 -41.090 -29.593 1.00 77.45 ? 135 ASP A OD1 1 
ATOM   1081 O  OD2 . ASP A 1 138 ? -23.867 -43.180 -30.073 1.00 76.76 ? 135 ASP A OD2 1 
ATOM   1082 N  N   . GLU A 1 139 ? -23.751 -45.303 -28.760 1.00 77.65 ? 136 GLU A N   1 
ATOM   1083 C  CA  . GLU A 1 139 ? -23.421 -46.276 -29.792 1.00 78.26 ? 136 GLU A CA  1 
ATOM   1084 C  C   . GLU A 1 139 ? -24.171 -47.580 -29.594 1.00 78.72 ? 136 GLU A C   1 
ATOM   1085 O  O   . GLU A 1 139 ? -24.745 -48.126 -30.538 1.00 78.59 ? 136 GLU A O   1 
ATOM   1086 C  CB  . GLU A 1 139 ? -21.925 -46.564 -29.774 1.00 78.50 ? 136 GLU A CB  1 
ATOM   1087 C  CG  . GLU A 1 139 ? -21.061 -45.346 -29.976 1.00 78.87 ? 136 GLU A CG  1 
ATOM   1088 C  CD  . GLU A 1 139 ? -19.730 -45.482 -29.282 1.00 79.10 ? 136 GLU A CD  1 
ATOM   1089 O  OE1 . GLU A 1 139 ? -18.995 -46.447 -29.576 1.00 78.98 ? 136 GLU A OE1 1 
ATOM   1090 O  OE2 . GLU A 1 139 ? -19.424 -44.621 -28.433 1.00 79.12 ? 136 GLU A OE2 1 
ATOM   1091 N  N   . PHE A 1 140 ? -24.156 -48.082 -28.363 1.00 78.92 ? 137 PHE A N   1 
ATOM   1092 C  CA  . PHE A 1 140 ? -24.829 -49.333 -28.053 1.00 79.36 ? 137 PHE A CA  1 
ATOM   1093 C  C   . PHE A 1 140 ? -26.278 -49.283 -28.508 1.00 79.93 ? 137 PHE A C   1 
ATOM   1094 O  O   . PHE A 1 140 ? -26.971 -50.300 -28.517 1.00 80.05 ? 137 PHE A O   1 
ATOM   1095 C  CB  . PHE A 1 140 ? -24.775 -49.628 -26.553 1.00 78.80 ? 137 PHE A CB  1 
ATOM   1096 C  CG  . PHE A 1 140 ? -24.354 -51.034 -26.232 1.00 78.51 ? 137 PHE A CG  1 
ATOM   1097 C  CD1 . PHE A 1 140 ? -24.647 -52.078 -27.106 1.00 78.12 ? 137 PHE A CD1 1 
ATOM   1098 C  CD2 . PHE A 1 140 ? -23.669 -51.319 -25.057 1.00 78.35 ? 137 PHE A CD2 1 
ATOM   1099 C  CE1 . PHE A 1 140 ? -24.261 -53.383 -26.816 1.00 78.08 ? 137 PHE A CE1 1 
ATOM   1100 C  CE2 . PHE A 1 140 ? -23.278 -52.623 -24.757 1.00 78.30 ? 137 PHE A CE2 1 
ATOM   1101 C  CZ  . PHE A 1 140 ? -23.576 -53.657 -25.639 1.00 78.05 ? 137 PHE A CZ  1 
ATOM   1102 N  N   . ALA A 1 141 ? -26.735 -48.090 -28.876 1.00 80.54 ? 138 ALA A N   1 
ATOM   1103 C  CA  . ALA A 1 141 ? -28.096 -47.917 -29.354 1.00 81.02 ? 138 ALA A CA  1 
ATOM   1104 C  C   . ALA A 1 141 ? -28.214 -48.632 -30.695 1.00 81.53 ? 138 ALA A C   1 
ATOM   1105 O  O   . ALA A 1 141 ? -29.027 -49.575 -30.787 1.00 82.54 ? 138 ALA A O   1 
ATOM   1106 C  CB  . ALA A 1 141 ? -28.413 -46.435 -29.513 1.00 81.03 ? 138 ALA A CB  1 
HETATM 1107 HG HG  . HG  B 2 .   ? 0.830   9.824   2.472   1.00 32.17 ? 201 HG  A HG  1 
HETATM 1108 O  O   . HOH C 3 .   ? -24.411 -34.005 -19.002 1.00 19.05 ? 301 HOH A O   1 
HETATM 1109 O  O   . HOH C 3 .   ? 9.720   -2.798  2.673   1.00 19.71 ? 302 HOH A O   1 
HETATM 1110 O  O   . HOH C 3 .   ? 1.417   -14.605 -7.811  1.00 29.46 ? 303 HOH A O   1 
HETATM 1111 O  O   . HOH C 3 .   ? 1.898   -4.754  -1.924  1.00 18.31 ? 304 HOH A O   1 
HETATM 1112 O  O   . HOH C 3 .   ? 10.225  -1.694  4.650   1.00 36.94 ? 305 HOH A O   1 
HETATM 1113 O  O   . HOH C 3 .   ? 13.621  -0.687  2.139   1.00 24.88 ? 306 HOH A O   1 
HETATM 1114 O  O   . HOH C 3 .   ? -2.305  -4.280  6.688   1.00 31.32 ? 307 HOH A O   1 
HETATM 1115 O  O   . HOH C 3 .   ? 4.423   -6.759  6.308   1.00 19.18 ? 308 HOH A O   1 
HETATM 1116 O  O   . HOH C 3 .   ? 2.744   -10.804 -1.852  1.00 20.98 ? 309 HOH A O   1 
HETATM 1117 O  O   . HOH C 3 .   ? 4.721   15.762  14.680  1.00 24.86 ? 310 HOH A O   1 
HETATM 1118 O  O   . HOH C 3 .   ? 11.045  4.323   0.345   1.00 28.46 ? 311 HOH A O   1 
HETATM 1119 O  O   . HOH C 3 .   ? 6.726   12.309  8.987   1.00 20.85 ? 312 HOH A O   1 
HETATM 1120 O  O   . HOH C 3 .   ? -6.458  -27.918 -10.209 1.00 38.43 ? 313 HOH A O   1 
HETATM 1121 O  O   . HOH C 3 .   ? -11.770 -20.284 -8.880  1.00 63.40 ? 314 HOH A O   1 
HETATM 1122 O  O   . HOH C 3 .   ? 2.163   0.989   9.126   1.00 21.91 ? 315 HOH A O   1 
HETATM 1123 O  O   . HOH C 3 .   ? 6.273   -3.031  -7.062  1.00 24.63 ? 316 HOH A O   1 
HETATM 1124 O  O   . HOH C 3 .   ? -21.650 -32.958 -17.282 1.00 35.30 ? 317 HOH A O   1 
HETATM 1125 O  O   . HOH C 3 .   ? -2.428  8.432   10.864  1.00 30.84 ? 318 HOH A O   1 
HETATM 1126 O  O   . HOH C 3 .   ? -23.282 -46.870 -26.316 1.00 57.20 ? 319 HOH A O   1 
HETATM 1127 O  O   . HOH C 3 .   ? 6.443   -1.375  -1.157  1.00 38.69 ? 320 HOH A O   1 
HETATM 1128 O  O   . HOH C 3 .   ? -8.898  -20.111 0.093   1.00 76.78 ? 321 HOH A O   1 
HETATM 1129 O  O   . HOH C 3 .   ? -4.823  -5.380  -11.252 1.00 27.05 ? 322 HOH A O   1 
HETATM 1130 O  O   . HOH C 3 .   ? -5.524  -17.217 -18.168 1.00 38.49 ? 323 HOH A O   1 
HETATM 1131 O  O   . HOH C 3 .   ? 0.447   -5.159  10.374  1.00 29.21 ? 324 HOH A O   1 
HETATM 1132 O  O   . HOH C 3 .   ? 1.124   -19.119 -8.420  1.00 34.14 ? 325 HOH A O   1 
HETATM 1133 O  O   . HOH C 3 .   ? 3.283   29.931  5.033   1.00 51.78 ? 326 HOH A O   1 
HETATM 1134 O  O   . HOH C 3 .   ? -0.196  -15.050 6.063   1.00 52.34 ? 327 HOH A O   1 
HETATM 1135 O  O   . HOH C 3 .   ? -7.372  -24.380 -18.065 1.00 31.91 ? 328 HOH A O   1 
HETATM 1136 O  O   . HOH C 3 .   ? 11.139  11.835  11.103  1.00 34.31 ? 329 HOH A O   1 
HETATM 1137 O  O   . HOH C 3 .   ? 12.146  9.856   9.772   1.00 37.02 ? 330 HOH A O   1 
HETATM 1138 O  O   . HOH C 3 .   ? 20.271  20.877  15.386  1.00 58.98 ? 331 HOH A O   1 
HETATM 1139 O  O   . HOH C 3 .   ? 12.732  3.289   -5.356  1.00 59.25 ? 332 HOH A O   1 
HETATM 1140 O  O   . HOH C 3 .   ? 11.557  26.058  9.613   1.00 79.77 ? 333 HOH A O   1 
HETATM 1141 O  O   . HOH C 3 .   ? -21.700 -49.570 -27.913 1.00 81.72 ? 334 HOH A O   1 
HETATM 1142 O  O   . HOH C 3 .   ? 16.856  15.560  6.966   1.00 53.55 ? 335 HOH A O   1 
HETATM 1143 O  O   . HOH C 3 .   ? -3.223  -13.374 8.798   1.00 58.96 ? 336 HOH A O   1 
HETATM 1144 O  O   . HOH C 3 .   ? 14.330  8.791   7.009   1.00 37.30 ? 337 HOH A O   1 
HETATM 1145 O  O   . HOH C 3 .   ? 17.630  29.672  23.706  1.00 51.86 ? 338 HOH A O   1 
HETATM 1146 O  O   . HOH C 3 .   ? -5.043  -1.794  5.539   1.00 80.35 ? 339 HOH A O   1 
HETATM 1147 O  O   . HOH C 3 .   ? -13.456 -31.800 -22.277 1.00 34.84 ? 340 HOH A O   1 
HETATM 1148 O  O   . HOH C 3 .   ? 6.332   -12.509 -3.212  1.00 36.97 ? 341 HOH A O   1 
HETATM 1149 O  O   . HOH C 3 .   ? 11.497  33.430  24.120  1.00 43.81 ? 342 HOH A O   1 
HETATM 1150 O  O   . HOH C 3 .   ? -2.244  6.037   9.646   1.00 28.16 ? 343 HOH A O   1 
HETATM 1151 O  O   . HOH C 3 .   ? 2.166   -16.866 -7.182  1.00 36.01 ? 344 HOH A O   1 
HETATM 1152 O  O   . HOH C 3 .   ? -12.543 -25.049 -11.584 1.00 43.46 ? 345 HOH A O   1 
HETATM 1153 O  O   . HOH C 3 .   ? -1.133  -31.017 -8.101  1.00 75.61 ? 346 HOH A O   1 
HETATM 1154 O  O   . HOH C 3 .   ? -6.400  -8.854  -15.502 1.00 54.84 ? 347 HOH A O   1 
HETATM 1155 O  O   . HOH C 3 .   ? -20.954 -32.360 -25.614 1.00 47.59 ? 348 HOH A O   1 
HETATM 1156 O  O   . HOH C 3 .   ? -6.265  1.984   4.069   1.00 82.79 ? 349 HOH A O   1 
HETATM 1157 O  O   . HOH C 3 .   ? -4.855  0.731   -11.578 1.00 61.12 ? 350 HOH A O   1 
HETATM 1158 O  O   . HOH C 3 .   ? 8.039   9.557   12.350  1.00 33.16 ? 351 HOH A O   1 
HETATM 1159 O  O   . HOH C 3 .   ? -5.273  -18.777 1.048   1.00 47.42 ? 352 HOH A O   1 
HETATM 1160 O  O   . HOH C 3 .   ? -12.188 -25.791 -22.014 1.00 50.31 ? 353 HOH A O   1 
HETATM 1161 O  O   . HOH C 3 .   ? 11.580  25.891  4.588   1.00 69.19 ? 354 HOH A O   1 
HETATM 1162 O  O   . HOH C 3 .   ? 15.669  5.747   -1.773  1.00 53.74 ? 355 HOH A O   1 
HETATM 1163 O  O   . HOH C 3 .   ? -13.758 -36.973 -22.265 1.00 60.40 ? 356 HOH A O   1 
HETATM 1164 O  O   . HOH C 3 .   ? 5.062   -8.121  -7.780  1.00 63.64 ? 357 HOH A O   1 
HETATM 1165 O  O   . HOH C 3 .   ? -4.914  13.951  16.327  1.00 68.44 ? 358 HOH A O   1 
HETATM 1166 O  O   . HOH C 3 .   ? 13.073  40.078  19.597  1.00 59.53 ? 359 HOH A O   1 
HETATM 1167 O  O   . HOH C 3 .   ? -5.251  0.696   6.076   1.00 69.36 ? 360 HOH A O   1 
HETATM 1168 O  O   . HOH C 3 .   ? 13.267  17.066  3.483   1.00 42.12 ? 361 HOH A O   1 
HETATM 1169 O  O   . HOH C 3 .   ? 11.050  35.702  26.429  1.00 75.70 ? 362 HOH A O   1 
HETATM 1170 O  O   . HOH C 3 .   ? 18.878  24.902  18.197  1.00 80.75 ? 363 HOH A O   1 
HETATM 1171 O  O   . HOH C 3 .   ? 18.035  30.394  12.769  1.00 56.83 ? 364 HOH A O   1 
HETATM 1172 O  O   . HOH C 3 .   ? -0.340  27.940  12.987  1.00 80.26 ? 365 HOH A O   1 
HETATM 1173 O  O   . HOH C 3 .   ? 19.383  22.554  17.037  1.00 74.01 ? 366 HOH A O   1 
HETATM 1174 O  O   . HOH C 3 .   ? -13.852 -30.634 -26.486 1.00 54.98 ? 367 HOH A O   1 
HETATM 1175 O  O   . HOH C 3 .   ? -16.763 -44.723 -29.207 1.00 64.90 ? 368 HOH A O   1 
HETATM 1176 O  O   . HOH C 3 .   ? -4.770  -3.423  0.917   1.00 81.54 ? 369 HOH A O   1 
HETATM 1177 O  O   . HOH C 3 .   ? -3.515  21.064  10.076  1.00 52.34 ? 370 HOH A O   1 
HETATM 1178 O  O   . HOH C 3 .   ? -1.781  1.778   -14.731 1.00 74.21 ? 371 HOH A O   1 
HETATM 1179 O  O   . HOH C 3 .   ? -13.150 -16.967 -16.968 1.00 34.77 ? 372 HOH A O   1 
HETATM 1180 O  O   . HOH C 3 .   ? -22.805 -49.986 -30.418 1.00 78.28 ? 373 HOH A O   1 
HETATM 1181 O  O   . HOH C 3 .   ? 2.296   -17.836 -10.821 1.00 43.27 ? 374 HOH A O   1 
HETATM 1182 O  O   . HOH C 3 .   ? -28.273 -52.155 -30.511 1.00 74.40 ? 375 HOH A O   1 
HETATM 1183 O  O   . HOH C 3 .   ? 0.208   -9.255  -13.812 1.00 52.47 ? 376 HOH A O   1 
HETATM 1184 O  O   . HOH C 3 .   ? 0.198   32.822  16.736  1.00 77.21 ? 377 HOH A O   1 
HETATM 1185 O  O   . HOH C 3 .   ? 8.192   4.794   -5.940  1.00 67.43 ? 378 HOH A O   1 
HETATM 1186 O  O   . HOH C 3 .   ? 4.548   34.568  11.023  1.00 62.98 ? 379 HOH A O   1 
HETATM 1187 O  O   . HOH C 3 .   ? 0.064   0.612   -10.493 1.00 72.88 ? 380 HOH A O   1 
HETATM 1188 O  O   . HOH C 3 .   ? -2.200  -37.316 -6.051  1.00 65.18 ? 381 HOH A O   1 
HETATM 1189 O  O   . HOH C 3 .   ? -1.523  24.658  8.311   1.00 74.51 ? 382 HOH A O   1 
HETATM 1190 O  O   . HOH C 3 .   ? 8.930   29.473  5.195   1.00 71.37 ? 383 HOH A O   1 
HETATM 1191 O  O   . HOH C 3 .   ? 2.931   29.652  18.956  1.00 62.13 ? 384 HOH A O   1 
HETATM 1192 O  O   . HOH C 3 .   ? 9.850   16.596  -0.527  1.00 63.49 ? 385 HOH A O   1 
HETATM 1193 O  O   . HOH C 3 .   ? 10.605  31.557  6.127   1.00 59.33 ? 386 HOH A O   1 
HETATM 1194 O  O   . HOH C 3 .   ? 1.784   27.253  20.291  1.00 74.63 ? 387 HOH A O   1 
HETATM 1195 O  O   . HOH C 3 .   ? -5.825  -8.043  7.889   1.00 79.68 ? 388 HOH A O   1 
HETATM 1196 O  O   . HOH C 3 .   ? -5.524  -35.996 -0.607  1.00 57.44 ? 389 HOH A O   1 
HETATM 1197 O  O   . HOH C 3 .   ? 8.281   9.600   -2.950  1.00 36.24 ? 390 HOH A O   1 
HETATM 1198 O  O   . HOH C 3 .   ? -0.913  -35.456 -4.729  1.00 69.27 ? 391 HOH A O   1 
HETATM 1199 O  O   . HOH C 3 .   ? -16.479 -31.821 -26.836 1.00 69.35 ? 392 HOH A O   1 
HETATM 1200 O  O   . HOH C 3 .   ? -1.536  -23.621 3.501   1.00 64.33 ? 393 HOH A O   1 
HETATM 1201 O  O   . HOH C 3 .   ? -25.228 -41.303 -31.542 1.00 67.53 ? 394 HOH A O   1 
HETATM 1202 O  O   . HOH C 3 .   ? 12.324  21.536  4.562   1.00 77.10 ? 395 HOH A O   1 
HETATM 1203 O  O   . HOH C 3 .   ? -26.166 -50.803 -31.936 1.00 66.16 ? 396 HOH A O   1 
HETATM 1204 O  O   . HOH C 3 .   ? 15.100  18.820  15.541  1.00 41.94 ? 397 HOH A O   1 
HETATM 1205 O  O   . HOH C 3 .   ? -4.240  23.389  13.202  1.00 67.40 ? 398 HOH A O   1 
HETATM 1206 O  O   . HOH C 3 .   ? 17.589  40.976  14.773  1.00 82.17 ? 399 HOH A O   1 
HETATM 1207 O  O   . HOH C 3 .   ? -6.010  -19.871 -1.207  1.00 80.98 ? 400 HOH A O   1 
HETATM 1208 O  O   . HOH C 3 .   ? -6.968  -16.759 -23.416 1.00 77.57 ? 401 HOH A O   1 
HETATM 1209 O  O   . HOH C 3 .   ? -10.027 -16.052 -5.006  1.00 60.25 ? 402 HOH A O   1 
HETATM 1210 O  O   . HOH C 3 .   ? 12.385  15.039  1.274   1.00 55.40 ? 403 HOH A O   1 
HETATM 1211 O  O   . HOH C 3 .   ? -2.730  -32.540 -9.903  1.00 68.65 ? 404 HOH A O   1 
HETATM 1212 O  O   . HOH C 3 .   ? -0.704  -8.318  -16.433 1.00 56.06 ? 405 HOH A O   1 
HETATM 1213 O  O   . HOH C 3 .   ? 10.369  26.261  11.984  1.00 77.52 ? 406 HOH A O   1 
HETATM 1214 O  O   . HOH C 3 .   ? 14.189  11.298  8.030   1.00 43.24 ? 407 HOH A O   1 
HETATM 1215 O  O   . HOH C 3 .   ? 14.636  28.045  21.559  1.00 43.26 ? 408 HOH A O   1 
HETATM 1216 O  O   . HOH C 3 .   ? -2.638  17.467  7.325   1.00 65.26 ? 409 HOH A O   1 
HETATM 1217 O  O   . HOH C 3 .   ? -9.901  -15.379 -8.962  1.00 44.47 ? 410 HOH A O   1 
HETATM 1218 O  O   . HOH C 3 .   ? -4.688  -23.206 0.361   1.00 58.58 ? 411 HOH A O   1 
HETATM 1219 O  O   . HOH C 3 .   ? 11.694  29.826  21.987  1.00 40.38 ? 412 HOH A O   1 
HETATM 1220 O  O   . HOH C 3 .   ? -24.498 -38.150 -20.473 1.00 47.17 ? 413 HOH A O   1 
HETATM 1221 O  O   . HOH C 3 .   ? 0.625   -2.473  10.946  1.00 33.36 ? 414 HOH A O   1 
HETATM 1222 O  O   . HOH C 3 .   ? 7.224   -12.658 -5.415  1.00 42.81 ? 415 HOH A O   1 
HETATM 1223 O  O   . HOH C 3 .   ? 6.587   3.638   -8.226  1.00 49.16 ? 416 HOH A O   1 
HETATM 1224 O  O   . HOH C 3 .   ? 6.379   -14.235 -7.457  1.00 43.22 ? 417 HOH A O   1 
HETATM 1225 O  O   . HOH C 3 .   ? -7.665  -27.707 -17.065 0.50 63.07 ? 418 HOH A O   1 
HETATM 1226 O  O   . HOH C 3 .   ? 20.635  32.082  18.076  1.00 40.32 ? 419 HOH A O   1 
HETATM 1227 O  O   . HOH C 3 .   ? 17.315  17.544  8.591   1.00 51.56 ? 420 HOH A O   1 
HETATM 1228 O  O   . HOH C 3 .   ? -2.536  -33.448 -0.495  1.00 53.84 ? 421 HOH A O   1 
HETATM 1229 O  O   . HOH C 3 .   ? 5.054   -16.178 -9.747  1.00 51.58 ? 422 HOH A O   1 
HETATM 1230 O  O   . HOH C 3 .   ? 10.632  -1.991  -1.847  1.00 67.61 ? 423 HOH A O   1 
HETATM 1231 O  O   . HOH C 3 .   ? 3.612   -6.887  -2.439  1.00 20.11 ? 424 HOH A O   1 
HETATM 1232 O  O   . HOH C 3 .   ? 6.361   -3.454  -2.723  1.00 32.65 ? 425 HOH A O   1 
HETATM 1233 O  O   . HOH C 3 .   ? 6.254   -5.962  -2.750  1.00 31.02 ? 426 HOH A O   1 
HETATM 1234 O  O   . HOH C 3 .   ? 8.141   -3.500  -5.031  1.00 48.40 ? 427 HOH A O   1 
HETATM 1235 O  O   . HOH C 3 .   ? 7.871   -6.135  -5.269  1.00 41.17 ? 428 HOH A O   1 
HETATM 1236 O  O   . HOH C 3 .   ? 3.957   -8.887  -0.625  1.00 24.61 ? 429 HOH A O   1 
HETATM 1237 O  O   . HOH C 3 .   ? 12.695  -0.410  -2.038  1.00 53.56 ? 430 HOH A O   1 
HETATM 1238 O  O   . HOH C 3 .   ? 13.330  1.543   -0.777  1.00 56.15 ? 431 HOH A O   1 
HETATM 1239 O  O   . HOH C 3 .   ? 8.878   -3.538  0.624   1.00 30.18 ? 432 HOH A O   1 
HETATM 1240 O  O   . HOH C 3 .   ? 4.185   -12.920 -8.349  1.00 60.57 ? 433 HOH A O   1 
HETATM 1241 O  O   . HOH C 3 .   ? -6.307  -9.193  2.703   1.00 50.65 ? 434 HOH A O   1 
HETATM 1242 O  O   . HOH C 3 .   ? -8.546  -10.248 2.404   1.00 65.91 ? 435 HOH A O   1 
HETATM 1243 O  O   . HOH C 3 .   ? -8.594  -12.363 3.946   1.00 65.94 ? 436 HOH A O   1 
HETATM 1244 O  O   . HOH C 3 .   ? -6.164  -12.280 4.907   1.00 54.21 ? 437 HOH A O   1 
HETATM 1245 O  O   . HOH C 3 .   ? -2.294  -15.083 2.760   1.00 46.87 ? 438 HOH A O   1 
HETATM 1246 O  O   . HOH C 3 .   ? -5.096  -14.501 4.152   1.00 63.25 ? 439 HOH A O   1 
HETATM 1247 O  O   . HOH C 3 .   ? -7.319  -15.630 6.104   1.00 69.65 ? 440 HOH A O   1 
HETATM 1248 O  O   . HOH C 3 .   ? -10.631 -11.704 1.946   1.00 49.81 ? 441 HOH A O   1 
HETATM 1249 O  O   . HOH C 3 .   ? -2.109  -6.887  8.715   1.00 52.81 ? 442 HOH A O   1 
HETATM 1250 O  O   . HOH C 3 .   ? -2.947  -10.654 9.124   1.00 75.47 ? 443 HOH A O   1 
HETATM 1251 O  O   . HOH C 3 .   ? -1.957  -12.469 4.189   1.00 39.81 ? 444 HOH A O   1 
HETATM 1252 O  O   . HOH C 3 .   ? 14.395  3.707   -2.063  1.00 66.85 ? 445 HOH A O   1 
HETATM 1253 O  O   . HOH C 3 .   ? 12.574  7.325   -0.783  1.00 51.81 ? 446 HOH A O   1 
HETATM 1254 O  O   . HOH C 3 .   ? 7.389   -12.822 -9.351  1.00 70.40 ? 447 HOH A O   1 
HETATM 1255 O  O   . HOH C 3 .   ? 4.306   -10.395 -9.072  1.00 51.64 ? 448 HOH A O   1 
HETATM 1256 O  O   . HOH C 3 .   ? -0.973  -13.416 -7.425  1.00 19.08 ? 449 HOH A O   1 
HETATM 1257 O  O   . HOH C 3 .   ? -9.232  -17.932 -25.434 1.00 50.69 ? 450 HOH A O   1 
HETATM 1258 O  O   . HOH C 3 .   ? -9.652  -26.059 -11.433 1.00 45.32 ? 451 HOH A O   1 
HETATM 1259 O  O   . HOH C 3 .   ? -14.608 -42.103 -22.936 1.00 57.59 ? 452 HOH A O   1 
HETATM 1260 O  O   . HOH C 3 .   ? 14.055  42.055  21.394  1.00 50.90 ? 453 HOH A O   1 
HETATM 1261 O  O   . HOH C 3 .   ? 1.972   2.833   -8.254  1.00 46.53 ? 454 HOH A O   1 
HETATM 1262 O  O   . HOH C 3 .   ? 16.415  50.031  18.479  1.00 55.17 ? 455 HOH A O   1 
HETATM 1263 O  O   . HOH C 3 .   ? -3.476  9.798   14.672  1.00 62.03 ? 456 HOH A O   1 
HETATM 1264 O  O   . HOH C 3 .   ? 2.594   5.575   -9.236  1.00 46.01 ? 457 HOH A O   1 
HETATM 1265 O  O   . HOH C 3 .   ? 1.175   5.329   -11.804 1.00 56.86 ? 458 HOH A O   1 
# 
